data_2NNN
#
_entry.id   2NNN
#
_cell.length_a   89.373
_cell.length_b   89.373
_cell.length_c   217.238
_cell.angle_alpha   90.00
_cell.angle_beta   90.00
_cell.angle_gamma   120.00
#
_symmetry.space_group_name_H-M   'P 31'
#
loop_
_entity.id
_entity.type
_entity.pdbx_description
1 polymer 'Probable transcriptional regulator'
2 water water
#
_entity_poly.entity_id   1
_entity_poly.type   'polypeptide(L)'
_entity_poly.pdbx_seq_one_letter_code
;(MSE)SRTTPYRLDDQIGFILRQANQRYAALFANGIGNGLTPTQWAALVRLGETGPCPQNQLGRLTA(MSE)DAATIKGV
VERLDKRGLIQRSADPDDGRRLLVSLSPAGRAELEAGLAAAREINRQALAPLSLQEQETLRGLLARLI
;
_entity_poly.pdbx_strand_id   A,B,C,D,E,F,G,H,I,J
#
# COMPACT_ATOMS: atom_id res chain seq x y z
N TYR A 7 -33.83 -0.30 -8.75
CA TYR A 7 -32.77 -1.02 -9.54
C TYR A 7 -31.35 -0.55 -9.15
N ARG A 8 -30.78 -1.26 -8.17
CA ARG A 8 -29.40 -1.05 -7.75
C ARG A 8 -28.57 -2.24 -8.25
N LEU A 9 -27.35 -1.95 -8.68
CA LEU A 9 -26.49 -2.97 -9.28
C LEU A 9 -26.14 -4.12 -8.34
N ASP A 10 -25.89 -3.79 -7.07
CA ASP A 10 -25.39 -4.75 -6.06
C ASP A 10 -26.42 -5.78 -5.59
N ASP A 11 -27.67 -5.59 -5.99
CA ASP A 11 -28.74 -6.58 -5.79
C ASP A 11 -28.87 -7.52 -6.98
N GLN A 12 -28.30 -7.15 -8.11
CA GLN A 12 -28.43 -7.96 -9.31
C GLN A 12 -27.61 -9.21 -9.14
N ILE A 13 -28.26 -10.36 -9.28
CA ILE A 13 -27.61 -11.65 -9.08
C ILE A 13 -26.49 -11.93 -10.08
N GLY A 14 -26.55 -11.33 -11.26
CA GLY A 14 -25.45 -11.45 -12.22
C GLY A 14 -24.14 -10.83 -11.76
N PHE A 15 -24.22 -9.62 -11.23
CA PHE A 15 -23.07 -8.90 -10.65
C PHE A 15 -22.47 -9.71 -9.50
N ILE A 16 -23.35 -10.21 -8.62
CA ILE A 16 -22.96 -11.03 -7.47
C ILE A 16 -22.27 -12.32 -7.93
N LEU A 17 -22.87 -13.03 -8.89
CA LEU A 17 -22.26 -14.24 -9.45
C LEU A 17 -20.88 -13.99 -10.04
N ARG A 18 -20.72 -12.89 -10.75
CA ARG A 18 -19.43 -12.53 -11.34
C ARG A 18 -18.37 -12.30 -10.27
N GLN A 19 -18.73 -11.57 -9.22
CA GLN A 19 -17.80 -11.28 -8.12
C GLN A 19 -17.35 -12.51 -7.36
N ALA A 20 -18.30 -13.40 -7.02
CA ALA A 20 -18.02 -14.70 -6.43
C ALA A 20 -17.08 -15.52 -7.33
N ASN A 21 -17.36 -15.47 -8.63
CA ASN A 21 -16.52 -16.10 -9.63
C ASN A 21 -15.10 -15.52 -9.64
N GLN A 22 -14.99 -14.19 -9.66
CA GLN A 22 -13.68 -13.49 -9.57
C GLN A 22 -12.88 -13.81 -8.31
N ARG A 23 -13.56 -13.88 -7.16
CA ARG A 23 -12.89 -14.25 -5.89
C ARG A 23 -12.37 -15.68 -5.98
N TYR A 24 -13.20 -16.58 -6.51
CA TYR A 24 -12.79 -17.98 -6.65
C TYR A 24 -11.56 -18.06 -7.52
N ALA A 25 -11.59 -17.37 -8.66
CA ALA A 25 -10.44 -17.33 -9.59
C ALA A 25 -9.13 -16.87 -8.92
N ALA A 26 -9.24 -15.91 -8.00
CA ALA A 26 -8.11 -15.39 -7.23
C ALA A 26 -7.55 -16.42 -6.22
N LEU A 27 -8.43 -17.11 -5.50
CA LEU A 27 -8.05 -18.17 -4.55
C LEU A 27 -7.42 -19.36 -5.27
N PHE A 28 -8.00 -19.71 -6.42
CA PHE A 28 -7.51 -20.81 -7.20
C PHE A 28 -6.09 -20.56 -7.74
N ALA A 29 -5.90 -19.40 -8.37
CA ALA A 29 -4.58 -19.01 -8.87
C ALA A 29 -3.53 -18.93 -7.75
N ASN A 30 -3.93 -18.48 -6.55
CA ASN A 30 -3.04 -18.42 -5.40
C ASN A 30 -2.75 -19.78 -4.82
N GLY A 31 -3.72 -20.68 -4.93
CA GLY A 31 -3.69 -21.89 -4.11
C GLY A 31 -3.35 -23.21 -4.78
N ILE A 32 -3.51 -23.28 -6.11
CA ILE A 32 -3.43 -24.60 -6.78
C ILE A 32 -2.04 -25.20 -6.91
N GLY A 33 -1.04 -24.35 -7.16
CA GLY A 33 0.32 -24.79 -7.02
C GLY A 33 0.92 -25.39 -8.27
N ASN A 34 0.09 -25.68 -9.27
CA ASN A 34 0.58 -26.35 -10.49
C ASN A 34 0.48 -25.47 -11.73
N GLY A 35 0.12 -24.21 -11.54
CA GLY A 35 -0.01 -23.29 -12.66
C GLY A 35 -1.16 -23.52 -13.63
N LEU A 36 -2.10 -24.41 -13.30
CA LEU A 36 -3.29 -24.64 -14.14
C LEU A 36 -4.45 -23.68 -13.82
N THR A 37 -5.24 -23.35 -14.84
CA THR A 37 -6.49 -22.59 -14.65
C THR A 37 -7.61 -23.47 -14.07
N PRO A 38 -8.66 -22.85 -13.47
CA PRO A 38 -9.82 -23.65 -13.02
C PRO A 38 -10.34 -24.66 -14.04
N THR A 39 -10.49 -24.25 -15.30
CA THR A 39 -11.11 -25.10 -16.33
C THR A 39 -10.14 -26.17 -16.79
N GLN A 40 -8.86 -25.80 -16.91
CA GLN A 40 -7.81 -26.78 -17.14
C GLN A 40 -7.83 -27.91 -16.12
N TRP A 41 -8.09 -27.56 -14.86
CA TRP A 41 -8.14 -28.50 -13.74
C TRP A 41 -9.40 -29.36 -13.82
N ALA A 42 -10.53 -28.71 -14.12
CA ALA A 42 -11.84 -29.38 -14.28
C ALA A 42 -11.78 -30.48 -15.33
N ALA A 43 -11.23 -30.16 -16.50
CA ALA A 43 -11.03 -31.14 -17.57
C ALA A 43 -10.10 -32.25 -17.14
N LEU A 44 -9.04 -31.92 -16.40
CA LEU A 44 -8.10 -32.94 -15.89
C LEU A 44 -8.83 -33.88 -14.92
N VAL A 45 -9.51 -33.30 -13.93
CA VAL A 45 -10.31 -34.05 -12.99
C VAL A 45 -11.31 -34.95 -13.72
N ARG A 46 -12.08 -34.39 -14.65
CA ARG A 46 -13.09 -35.16 -15.36
C ARG A 46 -12.53 -36.33 -16.18
N LEU A 47 -11.44 -36.11 -16.92
CA LEU A 47 -10.73 -37.20 -17.61
C LEU A 47 -10.23 -38.30 -16.66
N GLY A 48 -10.02 -37.97 -15.39
CA GLY A 48 -9.67 -38.95 -14.38
C GLY A 48 -10.85 -39.80 -13.98
N GLU A 49 -12.04 -39.19 -13.92
CA GLU A 49 -13.28 -39.91 -13.65
C GLU A 49 -13.66 -40.86 -14.79
N THR A 50 -13.57 -40.37 -16.01
CA THR A 50 -14.17 -41.00 -17.18
C THR A 50 -13.30 -42.06 -17.83
N GLY A 51 -12.00 -41.83 -17.84
CA GLY A 51 -11.10 -42.59 -18.70
C GLY A 51 -11.26 -42.00 -20.08
N PRO A 52 -10.81 -42.73 -21.12
CA PRO A 52 -10.90 -42.25 -22.50
C PRO A 52 -12.33 -41.82 -22.92
N CYS A 53 -12.40 -40.64 -23.54
CA CYS A 53 -13.64 -39.89 -23.71
C CYS A 53 -13.44 -39.02 -24.93
N PRO A 54 -14.48 -38.87 -25.77
CA PRO A 54 -14.39 -37.91 -26.88
C PRO A 54 -14.22 -36.47 -26.36
N GLN A 55 -13.45 -35.64 -27.07
CA GLN A 55 -13.14 -34.27 -26.63
C GLN A 55 -14.39 -33.40 -26.40
N ASN A 56 -15.34 -33.49 -27.33
CA ASN A 56 -16.58 -32.70 -27.26
C ASN A 56 -17.51 -33.19 -26.15
N GLN A 57 -17.47 -34.50 -25.90
CA GLN A 57 -18.18 -35.08 -24.77
C GLN A 57 -17.54 -34.64 -23.45
N LEU A 58 -16.22 -34.60 -23.42
CA LEU A 58 -15.50 -34.09 -22.26
C LEU A 58 -15.98 -32.64 -22.00
N GLY A 59 -16.18 -31.91 -23.10
CA GLY A 59 -16.66 -30.55 -23.05
C GLY A 59 -18.03 -30.48 -22.42
N ARG A 60 -18.92 -31.36 -22.86
CA ARG A 60 -20.31 -31.38 -22.39
C ARG A 60 -20.49 -31.88 -20.95
N LEU A 61 -19.42 -32.40 -20.33
CA LEU A 61 -19.47 -32.85 -18.95
C LEU A 61 -18.80 -31.85 -18.03
N THR A 62 -18.17 -30.83 -18.62
CA THR A 62 -17.50 -29.77 -17.85
C THR A 62 -17.98 -28.36 -18.23
N ALA A 63 -19.19 -28.28 -18.78
CA ALA A 63 -19.83 -27.06 -19.28
C ALA A 63 -18.94 -26.25 -20.22
N ASP A 65 -17.65 -25.46 -24.30
CA ASP A 65 -17.73 -25.41 -25.75
C ASP A 65 -16.72 -26.31 -26.42
N ALA A 66 -17.04 -26.73 -27.65
CA ALA A 66 -16.10 -27.43 -28.52
C ALA A 66 -14.81 -26.64 -28.70
N ALA A 67 -14.96 -25.36 -29.03
CA ALA A 67 -13.82 -24.43 -29.13
C ALA A 67 -13.08 -24.23 -27.78
N THR A 68 -13.84 -24.12 -26.70
CA THR A 68 -13.26 -23.96 -25.36
C THR A 68 -12.53 -25.23 -24.90
N ILE A 69 -13.18 -26.38 -24.99
CA ILE A 69 -12.53 -27.63 -24.58
C ILE A 69 -11.37 -27.97 -25.50
N LYS A 70 -11.49 -27.63 -26.78
CA LYS A 70 -10.42 -27.83 -27.74
C LYS A 70 -9.11 -27.26 -27.22
N GLY A 71 -9.15 -26.03 -26.72
CA GLY A 71 -7.96 -25.30 -26.35
C GLY A 71 -7.47 -25.62 -24.94
N VAL A 72 -8.39 -25.98 -24.05
CA VAL A 72 -8.01 -26.48 -22.74
C VAL A 72 -7.23 -27.79 -22.94
N VAL A 73 -7.75 -28.71 -23.75
CA VAL A 73 -7.09 -29.99 -23.99
C VAL A 73 -5.73 -29.80 -24.68
N GLU A 74 -5.65 -28.85 -25.59
CA GLU A 74 -4.38 -28.54 -26.26
C GLU A 74 -3.33 -27.96 -25.30
N ARG A 75 -3.74 -27.06 -24.42
CA ARG A 75 -2.85 -26.53 -23.38
C ARG A 75 -2.46 -27.58 -22.35
N LEU A 76 -3.38 -28.49 -22.04
CA LEU A 76 -3.09 -29.66 -21.21
C LEU A 76 -2.12 -30.61 -21.94
N ASP A 77 -2.15 -30.58 -23.27
CA ASP A 77 -1.27 -31.43 -24.10
C ASP A 77 0.16 -30.91 -24.11
N LYS A 78 0.30 -29.63 -24.43
CA LYS A 78 1.57 -28.90 -24.36
C LYS A 78 2.35 -29.22 -23.07
N ARG A 79 1.62 -29.46 -21.98
CA ARG A 79 2.25 -29.80 -20.69
C ARG A 79 2.52 -31.30 -20.51
N GLY A 80 2.11 -32.10 -21.49
CA GLY A 80 2.30 -33.56 -21.42
C GLY A 80 1.28 -34.29 -20.56
N LEU A 81 0.13 -33.68 -20.33
CA LEU A 81 -0.81 -34.21 -19.34
C LEU A 81 -1.93 -35.08 -19.92
N ILE A 82 -2.04 -35.10 -21.25
CA ILE A 82 -3.06 -35.94 -21.91
C ILE A 82 -2.46 -36.84 -22.97
N GLN A 83 -3.19 -37.92 -23.27
CA GLN A 83 -2.90 -38.77 -24.42
C GLN A 83 -4.16 -38.95 -25.28
N ARG A 84 -3.94 -38.96 -26.60
CA ARG A 84 -5.01 -39.20 -27.55
C ARG A 84 -4.84 -40.58 -28.17
N SER A 85 -5.97 -41.16 -28.58
CA SER A 85 -5.98 -42.49 -29.17
C SER A 85 -7.32 -42.71 -29.86
N ALA A 86 -7.29 -43.45 -30.96
CA ALA A 86 -8.46 -43.76 -31.80
C ALA A 86 -9.63 -44.34 -31.02
N ASP A 87 -10.83 -43.83 -31.32
CA ASP A 87 -12.05 -44.43 -30.80
C ASP A 87 -12.17 -45.81 -31.45
N PRO A 88 -12.23 -46.88 -30.62
CA PRO A 88 -12.36 -48.26 -31.11
C PRO A 88 -13.67 -48.59 -31.83
N ASP A 89 -14.68 -47.73 -31.68
CA ASP A 89 -15.98 -47.97 -32.30
C ASP A 89 -16.20 -47.01 -33.45
N ASP A 90 -15.22 -46.15 -33.69
CA ASP A 90 -15.36 -45.17 -34.75
C ASP A 90 -14.00 -44.57 -35.09
N GLY A 91 -13.31 -45.21 -36.04
CA GLY A 91 -11.96 -44.85 -36.42
C GLY A 91 -11.74 -43.46 -36.94
N ARG A 92 -12.81 -42.75 -37.30
CA ARG A 92 -12.70 -41.33 -37.62
C ARG A 92 -12.53 -40.52 -36.33
N ARG A 93 -12.75 -41.17 -35.19
CA ARG A 93 -12.83 -40.46 -33.92
C ARG A 93 -11.63 -40.66 -32.99
N LEU A 94 -11.33 -39.62 -32.23
CA LEU A 94 -10.29 -39.63 -31.19
C LEU A 94 -10.89 -39.68 -29.80
N LEU A 95 -10.15 -40.31 -28.90
CA LEU A 95 -10.46 -40.36 -27.49
C LEU A 95 -9.35 -39.65 -26.75
N VAL A 96 -9.72 -38.84 -25.77
CA VAL A 96 -8.74 -38.15 -24.93
C VAL A 96 -8.66 -38.86 -23.57
N SER A 97 -7.46 -38.94 -23.03
CA SER A 97 -7.20 -39.69 -21.81
C SER A 97 -6.13 -38.99 -21.01
N LEU A 98 -6.09 -39.28 -19.72
CA LEU A 98 -4.98 -38.80 -18.89
C LEU A 98 -3.69 -39.56 -19.19
N SER A 99 -2.62 -38.81 -19.42
CA SER A 99 -1.25 -39.33 -19.34
C SER A 99 -0.93 -39.87 -17.95
N PRO A 100 0.15 -40.68 -17.84
CA PRO A 100 0.76 -40.96 -16.54
C PRO A 100 1.15 -39.69 -15.77
N ALA A 101 1.76 -38.72 -16.45
CA ALA A 101 2.12 -37.44 -15.85
C ALA A 101 0.88 -36.59 -15.50
N GLY A 102 -0.13 -36.65 -16.36
CA GLY A 102 -1.42 -36.05 -16.10
C GLY A 102 -2.18 -36.69 -14.95
N ARG A 103 -1.99 -37.99 -14.76
CA ARG A 103 -2.54 -38.67 -13.58
C ARG A 103 -1.79 -38.27 -12.28
N ALA A 104 -0.47 -38.14 -12.39
CA ALA A 104 0.35 -37.76 -11.24
C ALA A 104 0.06 -36.31 -10.83
N GLU A 105 -0.20 -35.46 -11.84
CA GLU A 105 -0.58 -34.05 -11.67
C GLU A 105 -1.88 -33.91 -10.89
N LEU A 106 -2.86 -34.71 -11.28
CA LEU A 106 -4.15 -34.79 -10.59
C LEU A 106 -3.97 -35.11 -9.12
N GLU A 107 -3.29 -36.21 -8.81
CA GLU A 107 -3.02 -36.63 -7.42
C GLU A 107 -2.23 -35.58 -6.62
N ALA A 108 -1.27 -34.94 -7.27
CA ALA A 108 -0.41 -33.92 -6.64
C ALA A 108 -1.19 -32.64 -6.39
N GLY A 109 -2.30 -32.46 -7.13
CA GLY A 109 -3.14 -31.28 -7.03
C GLY A 109 -4.33 -31.39 -6.10
N LEU A 110 -4.68 -32.60 -5.67
CA LEU A 110 -5.90 -32.80 -4.86
C LEU A 110 -5.95 -31.97 -3.58
N ALA A 111 -4.91 -32.05 -2.75
CA ALA A 111 -4.87 -31.30 -1.48
C ALA A 111 -5.16 -29.80 -1.66
N ALA A 112 -4.45 -29.18 -2.58
CA ALA A 112 -4.63 -27.77 -2.92
C ALA A 112 -6.05 -27.46 -3.46
N ALA A 113 -6.56 -28.25 -4.39
CA ALA A 113 -7.92 -28.06 -4.90
C ALA A 113 -8.96 -28.17 -3.78
N ARG A 114 -8.75 -29.09 -2.85
CA ARG A 114 -9.60 -29.20 -1.67
C ARG A 114 -9.51 -27.95 -0.81
N GLU A 115 -8.30 -27.42 -0.67
CA GLU A 115 -8.05 -26.23 0.14
C GLU A 115 -8.63 -24.97 -0.49
N ILE A 116 -8.43 -24.80 -1.80
CA ILE A 116 -9.07 -23.69 -2.53
C ILE A 116 -10.58 -23.69 -2.30
N ASN A 117 -11.20 -24.86 -2.42
CA ASN A 117 -12.64 -25.05 -2.22
C ASN A 117 -13.09 -24.74 -0.80
N ARG A 118 -12.28 -25.16 0.19
CA ARG A 118 -12.62 -24.85 1.59
C ARG A 118 -12.53 -23.34 1.92
N GLN A 119 -11.54 -22.66 1.35
CA GLN A 119 -11.36 -21.21 1.50
C GLN A 119 -12.48 -20.42 0.83
N ALA A 120 -12.86 -20.84 -0.38
CA ALA A 120 -14.00 -20.25 -1.09
C ALA A 120 -15.24 -20.21 -0.19
N LEU A 121 -15.47 -21.29 0.54
CA LEU A 121 -16.67 -21.43 1.35
C LEU A 121 -16.47 -20.98 2.79
N ALA A 122 -15.24 -20.66 3.17
CA ALA A 122 -14.90 -20.35 4.57
C ALA A 122 -15.80 -19.33 5.29
N PRO A 123 -16.26 -18.24 4.62
CA PRO A 123 -17.18 -17.24 5.21
C PRO A 123 -18.52 -17.79 5.73
N LEU A 124 -18.72 -19.09 5.60
CA LEU A 124 -20.01 -19.75 5.83
C LEU A 124 -19.83 -20.96 6.73
N SER A 125 -20.80 -21.22 7.59
CA SER A 125 -20.76 -22.39 8.45
C SER A 125 -21.05 -23.64 7.61
N LEU A 126 -20.60 -24.80 8.08
CA LEU A 126 -20.80 -26.06 7.34
C LEU A 126 -22.26 -26.30 6.97
N GLN A 127 -23.17 -25.86 7.83
CA GLN A 127 -24.61 -25.90 7.57
C GLN A 127 -24.96 -24.99 6.40
N GLU A 128 -24.50 -23.73 6.46
CA GLU A 128 -24.76 -22.73 5.44
C GLU A 128 -24.19 -23.11 4.07
N GLN A 129 -23.02 -23.75 4.09
CA GLN A 129 -22.36 -24.26 2.89
C GLN A 129 -23.26 -25.24 2.14
N GLU A 130 -23.88 -26.14 2.90
CA GLU A 130 -24.83 -27.14 2.38
C GLU A 130 -26.09 -26.48 1.77
N THR A 131 -26.65 -25.51 2.46
CA THR A 131 -27.78 -24.74 1.96
C THR A 131 -27.40 -24.03 0.66
N LEU A 132 -26.25 -23.37 0.66
CA LEU A 132 -25.80 -22.62 -0.51
C LEU A 132 -25.56 -23.54 -1.71
N ARG A 133 -24.84 -24.63 -1.51
CA ARG A 133 -24.56 -25.59 -2.58
C ARG A 133 -25.87 -26.11 -3.21
N GLY A 134 -26.87 -26.39 -2.37
CA GLY A 134 -28.19 -26.86 -2.82
C GLY A 134 -28.97 -25.82 -3.61
N LEU A 135 -29.07 -24.61 -3.07
CA LEU A 135 -29.69 -23.47 -3.74
C LEU A 135 -28.97 -23.12 -5.06
N LEU A 136 -27.65 -23.08 -5.03
CA LEU A 136 -26.84 -22.75 -6.21
C LEU A 136 -26.84 -23.86 -7.28
N ALA A 137 -26.99 -25.12 -6.85
CA ALA A 137 -27.09 -26.24 -7.79
C ALA A 137 -28.30 -26.11 -8.70
N ARG A 138 -29.36 -25.50 -8.16
CA ARG A 138 -30.60 -25.27 -8.86
C ARG A 138 -30.52 -24.08 -9.83
N LEU A 139 -29.38 -23.36 -9.81
CA LEU A 139 -29.17 -22.21 -10.69
C LEU A 139 -28.12 -22.47 -11.77
N ILE A 140 -27.64 -23.71 -11.81
CA ILE A 140 -26.64 -24.17 -12.76
C ILE A 140 -27.21 -24.21 -14.18
N TYR B 7 -13.44 -36.51 -3.87
CA TYR B 7 -13.19 -35.42 -4.87
C TYR B 7 -13.95 -35.64 -6.18
N ARG B 8 -15.22 -35.25 -6.17
CA ARG B 8 -16.05 -35.20 -7.38
C ARG B 8 -16.18 -33.75 -7.82
N LEU B 9 -16.04 -33.51 -9.13
CA LEU B 9 -15.99 -32.17 -9.70
C LEU B 9 -17.27 -31.37 -9.46
N ASP B 10 -18.42 -32.04 -9.61
CA ASP B 10 -19.75 -31.43 -9.50
C ASP B 10 -20.10 -30.89 -8.12
N ASP B 11 -19.27 -31.25 -7.13
CA ASP B 11 -19.37 -30.78 -5.76
C ASP B 11 -18.55 -29.51 -5.52
N GLN B 12 -17.64 -29.22 -6.43
CA GLN B 12 -16.72 -28.10 -6.24
C GLN B 12 -17.44 -26.80 -6.52
N ILE B 13 -17.38 -25.90 -5.55
CA ILE B 13 -18.09 -24.63 -5.66
C ILE B 13 -17.59 -23.81 -6.85
N GLY B 14 -16.34 -23.99 -7.23
CA GLY B 14 -15.79 -23.32 -8.42
C GLY B 14 -16.49 -23.70 -9.71
N PHE B 15 -16.72 -24.99 -9.91
CA PHE B 15 -17.46 -25.51 -11.08
C PHE B 15 -18.89 -24.97 -11.07
N ILE B 16 -19.55 -25.10 -9.93
CA ILE B 16 -20.90 -24.58 -9.70
C ILE B 16 -21.00 -23.09 -10.01
N LEU B 17 -20.07 -22.30 -9.49
CA LEU B 17 -20.06 -20.85 -9.78
C LEU B 17 -19.94 -20.52 -11.25
N ARG B 18 -19.05 -21.24 -11.95
CA ARG B 18 -18.86 -21.01 -13.39
C ARG B 18 -20.10 -21.31 -14.20
N GLN B 19 -20.81 -22.39 -13.84
CA GLN B 19 -22.03 -22.81 -14.57
C GLN B 19 -23.20 -21.86 -14.35
N ALA B 20 -23.39 -21.42 -13.11
CA ALA B 20 -24.40 -20.42 -12.75
C ALA B 20 -24.12 -19.14 -13.52
N ASN B 21 -22.86 -18.76 -13.57
CA ASN B 21 -22.38 -17.63 -14.36
C ASN B 21 -22.62 -17.76 -15.87
N GLN B 22 -22.37 -18.92 -16.44
CA GLN B 22 -22.61 -19.17 -17.88
C GLN B 22 -24.09 -19.12 -18.21
N ARG B 23 -24.92 -19.68 -17.33
CA ARG B 23 -26.38 -19.60 -17.47
C ARG B 23 -26.83 -18.13 -17.43
N TYR B 24 -26.35 -17.39 -16.43
CA TYR B 24 -26.71 -15.98 -16.38
C TYR B 24 -26.34 -15.26 -17.69
N ALA B 25 -25.11 -15.50 -18.18
CA ALA B 25 -24.64 -14.90 -19.44
C ALA B 25 -25.60 -15.20 -20.60
N ALA B 26 -26.12 -16.43 -20.62
CA ALA B 26 -27.06 -16.88 -21.67
C ALA B 26 -28.42 -16.19 -21.57
N LEU B 27 -28.98 -16.13 -20.37
CA LEU B 27 -30.22 -15.37 -20.11
C LEU B 27 -30.08 -13.88 -20.48
N PHE B 28 -28.93 -13.31 -20.13
CA PHE B 28 -28.67 -11.91 -20.38
C PHE B 28 -28.55 -11.61 -21.89
N ALA B 29 -27.73 -12.36 -22.60
CA ALA B 29 -27.62 -12.19 -24.06
C ALA B 29 -28.99 -12.34 -24.76
N ASN B 30 -29.78 -13.33 -24.30
CA ASN B 30 -31.13 -13.56 -24.81
C ASN B 30 -32.08 -12.41 -24.48
N GLY B 31 -31.90 -11.80 -23.31
CA GLY B 31 -32.94 -10.96 -22.70
C GLY B 31 -32.79 -9.46 -22.74
N ILE B 32 -31.56 -8.98 -22.84
CA ILE B 32 -31.27 -7.53 -22.70
C ILE B 32 -31.83 -6.64 -23.81
N GLY B 33 -31.72 -7.07 -25.06
CA GLY B 33 -32.43 -6.39 -26.13
C GLY B 33 -31.68 -5.23 -26.76
N ASN B 34 -30.57 -4.82 -26.15
CA ASN B 34 -29.81 -3.65 -26.61
C ASN B 34 -28.39 -4.01 -27.05
N GLY B 35 -28.12 -5.31 -27.12
CA GLY B 35 -26.81 -5.82 -27.53
C GLY B 35 -25.62 -5.45 -26.65
N LEU B 36 -25.85 -5.19 -25.36
CA LEU B 36 -24.75 -4.96 -24.40
C LEU B 36 -24.42 -6.23 -23.60
N THR B 37 -23.13 -6.40 -23.29
CA THR B 37 -22.69 -7.46 -22.35
C THR B 37 -23.08 -7.14 -20.89
N PRO B 38 -23.11 -8.15 -20.00
CA PRO B 38 -23.36 -7.91 -18.58
C PRO B 38 -22.53 -6.78 -17.99
N THR B 39 -21.23 -6.75 -18.28
CA THR B 39 -20.30 -5.77 -17.68
C THR B 39 -20.45 -4.39 -18.30
N GLN B 40 -20.63 -4.32 -19.61
CA GLN B 40 -21.04 -3.09 -20.28
C GLN B 40 -22.25 -2.46 -19.59
N TRP B 41 -23.24 -3.29 -19.25
CA TRP B 41 -24.48 -2.86 -18.60
C TRP B 41 -24.22 -2.37 -17.18
N ALA B 42 -23.39 -3.12 -16.46
CA ALA B 42 -22.98 -2.81 -15.09
C ALA B 42 -22.32 -1.45 -15.02
N ALA B 43 -21.32 -1.22 -15.87
CA ALA B 43 -20.69 0.09 -15.96
C ALA B 43 -21.72 1.18 -16.25
N LEU B 44 -22.63 0.91 -17.19
CA LEU B 44 -23.66 1.88 -17.56
C LEU B 44 -24.56 2.22 -16.38
N VAL B 45 -25.07 1.19 -15.71
CA VAL B 45 -25.91 1.35 -14.53
C VAL B 45 -25.18 2.14 -13.45
N ARG B 46 -23.92 1.79 -13.20
CA ARG B 46 -23.15 2.45 -12.15
C ARG B 46 -22.94 3.95 -12.40
N LEU B 47 -22.60 4.33 -13.64
CA LEU B 47 -22.49 5.74 -14.03
C LEU B 47 -23.81 6.52 -13.90
N GLY B 48 -24.93 5.81 -13.98
CA GLY B 48 -26.23 6.37 -13.67
C GLY B 48 -26.36 6.73 -12.19
N GLU B 49 -25.81 5.88 -11.33
CA GLU B 49 -25.81 6.11 -9.89
C GLU B 49 -24.84 7.21 -9.43
N THR B 50 -23.64 7.22 -10.01
CA THR B 50 -22.54 8.05 -9.52
C THR B 50 -22.45 9.42 -10.17
N GLY B 51 -22.92 9.53 -11.39
CA GLY B 51 -22.66 10.71 -12.19
C GLY B 51 -21.19 10.68 -12.57
N PRO B 52 -20.61 11.85 -12.90
CA PRO B 52 -19.20 11.96 -13.25
C PRO B 52 -18.27 11.33 -12.18
N CYS B 53 -17.34 10.51 -12.66
CA CYS B 53 -16.61 9.55 -11.84
C CYS B 53 -15.34 9.19 -12.62
N PRO B 54 -14.20 9.04 -11.93
CA PRO B 54 -13.01 8.62 -12.65
C PRO B 54 -13.14 7.17 -13.15
N GLN B 55 -12.59 6.89 -14.34
CA GLN B 55 -12.66 5.57 -14.97
C GLN B 55 -12.21 4.42 -14.07
N ASN B 56 -11.13 4.63 -13.31
CA ASN B 56 -10.58 3.59 -12.42
C ASN B 56 -11.42 3.37 -11.16
N GLN B 57 -12.03 4.45 -10.68
CA GLN B 57 -13.00 4.37 -9.60
C GLN B 57 -14.25 3.65 -10.08
N LEU B 58 -14.69 3.94 -11.30
CA LEU B 58 -15.82 3.21 -11.90
C LEU B 58 -15.53 1.70 -11.88
N GLY B 59 -14.31 1.32 -12.24
CA GLY B 59 -13.87 -0.06 -12.22
C GLY B 59 -13.93 -0.67 -10.85
N ARG B 60 -13.43 0.06 -9.85
CA ARG B 60 -13.43 -0.39 -8.46
C ARG B 60 -14.83 -0.44 -7.83
N LEU B 61 -15.82 0.16 -8.49
CA LEU B 61 -17.22 0.07 -8.03
C LEU B 61 -18.00 -1.04 -8.72
N THR B 62 -17.40 -1.63 -9.76
CA THR B 62 -18.06 -2.68 -10.56
C THR B 62 -17.17 -3.92 -10.70
N ALA B 63 -16.22 -4.09 -9.77
CA ALA B 63 -15.26 -5.19 -9.75
C ALA B 63 -14.51 -5.41 -11.07
N ASP B 65 -10.86 -4.26 -13.13
CA ASP B 65 -9.56 -3.61 -13.03
C ASP B 65 -9.41 -2.57 -14.15
N ALA B 66 -8.31 -1.84 -14.12
CA ALA B 66 -8.07 -0.71 -15.02
C ALA B 66 -8.25 -1.02 -16.50
N ALA B 67 -7.61 -2.09 -16.95
CA ALA B 67 -7.66 -2.54 -18.34
C ALA B 67 -9.06 -3.02 -18.74
N THR B 68 -9.72 -3.76 -17.85
CA THR B 68 -11.09 -4.19 -18.08
C THR B 68 -12.05 -2.99 -18.15
N ILE B 69 -12.05 -2.12 -17.15
CA ILE B 69 -12.93 -0.95 -17.17
C ILE B 69 -12.62 -0.07 -18.38
N LYS B 70 -11.35 0.06 -18.73
CA LYS B 70 -10.93 0.83 -19.91
C LYS B 70 -11.64 0.29 -21.14
N GLY B 71 -11.58 -1.03 -21.29
CA GLY B 71 -12.19 -1.76 -22.38
C GLY B 71 -13.68 -1.52 -22.57
N VAL B 72 -14.47 -1.57 -21.49
CA VAL B 72 -15.92 -1.43 -21.68
C VAL B 72 -16.33 0.02 -21.89
N VAL B 73 -15.59 0.95 -21.28
CA VAL B 73 -15.88 2.37 -21.44
C VAL B 73 -15.67 2.77 -22.91
N GLU B 74 -14.59 2.29 -23.51
CA GLU B 74 -14.32 2.56 -24.93
C GLU B 74 -15.42 2.02 -25.86
N ARG B 75 -15.90 0.81 -25.58
CA ARG B 75 -17.00 0.21 -26.33
C ARG B 75 -18.31 0.96 -26.08
N LEU B 76 -18.52 1.38 -24.84
CA LEU B 76 -19.66 2.23 -24.47
C LEU B 76 -19.59 3.59 -25.19
N ASP B 77 -18.38 4.04 -25.51
CA ASP B 77 -18.15 5.31 -26.17
C ASP B 77 -18.42 5.21 -27.66
N LYS B 78 -17.89 4.15 -28.28
CA LYS B 78 -18.21 3.75 -29.65
C LYS B 78 -19.73 3.76 -29.96
N ARG B 79 -20.55 3.43 -28.97
CA ARG B 79 -22.01 3.46 -29.13
C ARG B 79 -22.63 4.81 -28.77
N GLY B 80 -21.81 5.76 -28.34
CA GLY B 80 -22.28 7.10 -27.97
C GLY B 80 -22.94 7.20 -26.61
N LEU B 81 -22.60 6.28 -25.70
CA LEU B 81 -23.34 6.18 -24.43
C LEU B 81 -22.65 6.87 -23.27
N ILE B 82 -21.41 7.32 -23.48
CA ILE B 82 -20.69 8.05 -22.44
C ILE B 82 -20.14 9.40 -22.92
N GLN B 83 -19.81 10.24 -21.95
CA GLN B 83 -19.14 11.52 -22.16
C GLN B 83 -17.98 11.67 -21.18
N ARG B 84 -16.88 12.18 -21.70
CA ARG B 84 -15.70 12.46 -20.90
C ARG B 84 -15.52 13.97 -20.71
N SER B 85 -15.02 14.34 -19.55
CA SER B 85 -14.81 15.73 -19.19
C SER B 85 -13.78 15.79 -18.07
N ALA B 86 -13.01 16.88 -18.04
CA ALA B 86 -11.94 17.10 -17.07
C ALA B 86 -12.39 17.08 -15.61
N ASP B 87 -11.60 16.43 -14.76
CA ASP B 87 -11.81 16.48 -13.32
C ASP B 87 -11.54 17.92 -12.87
N PRO B 88 -12.55 18.58 -12.26
CA PRO B 88 -12.39 19.97 -11.79
C PRO B 88 -11.45 20.16 -10.60
N ASP B 89 -11.10 19.08 -9.91
CA ASP B 89 -10.17 19.13 -8.78
C ASP B 89 -8.79 18.62 -9.20
N ASP B 90 -8.66 18.20 -10.45
CA ASP B 90 -7.38 17.70 -10.94
C ASP B 90 -7.39 17.61 -12.46
N GLY B 91 -6.91 18.68 -13.10
CA GLY B 91 -6.89 18.80 -14.55
C GLY B 91 -6.07 17.78 -15.32
N ARG B 92 -5.24 17.02 -14.62
CA ARG B 92 -4.59 15.84 -15.21
C ARG B 92 -5.64 14.75 -15.48
N ARG B 93 -6.79 14.88 -14.84
CA ARG B 93 -7.72 13.77 -14.73
C ARG B 93 -9.00 13.94 -15.53
N LEU B 94 -9.54 12.81 -15.96
CA LEU B 94 -10.81 12.73 -16.68
C LEU B 94 -11.90 12.14 -15.81
N LEU B 95 -13.13 12.59 -16.06
CA LEU B 95 -14.32 12.02 -15.48
C LEU B 95 -15.13 11.40 -16.60
N VAL B 96 -15.79 10.28 -16.32
CA VAL B 96 -16.68 9.63 -17.27
C VAL B 96 -18.11 9.79 -16.75
N SER B 97 -19.04 9.99 -17.65
CA SER B 97 -20.43 10.26 -17.31
C SER B 97 -21.30 9.66 -18.39
N LEU B 98 -22.59 9.49 -18.10
CA LEU B 98 -23.54 9.07 -19.13
C LEU B 98 -23.86 10.19 -20.12
N SER B 99 -23.88 9.86 -21.41
CA SER B 99 -24.56 10.65 -22.43
C SER B 99 -26.05 10.78 -22.17
N PRO B 100 -26.70 11.77 -22.81
CA PRO B 100 -28.16 11.66 -23.02
C PRO B 100 -28.59 10.32 -23.66
N ALA B 101 -27.87 9.88 -24.69
CA ALA B 101 -28.17 8.62 -25.36
C ALA B 101 -27.94 7.42 -24.43
N GLY B 102 -26.87 7.47 -23.65
CA GLY B 102 -26.58 6.49 -22.61
C GLY B 102 -27.55 6.49 -21.45
N ARG B 103 -28.05 7.66 -21.06
CA ARG B 103 -29.13 7.74 -20.07
C ARG B 103 -30.43 7.13 -20.61
N ALA B 104 -30.71 7.37 -21.90
CA ALA B 104 -31.89 6.80 -22.56
C ALA B 104 -31.78 5.27 -22.68
N GLU B 105 -30.59 4.79 -23.02
CA GLU B 105 -30.25 3.35 -23.10
C GLU B 105 -30.52 2.64 -21.76
N LEU B 106 -30.08 3.29 -20.68
CA LEU B 106 -30.29 2.78 -19.33
C LEU B 106 -31.78 2.61 -19.05
N GLU B 107 -32.56 3.69 -19.26
CA GLU B 107 -34.03 3.64 -19.11
C GLU B 107 -34.69 2.60 -20.00
N ALA B 108 -34.30 2.56 -21.28
CA ALA B 108 -34.88 1.63 -22.24
C ALA B 108 -34.56 0.17 -21.85
N GLY B 109 -33.43 -0.03 -21.13
CA GLY B 109 -32.98 -1.34 -20.71
C GLY B 109 -33.45 -1.85 -19.35
N LEU B 110 -34.04 -1.00 -18.53
CA LEU B 110 -34.40 -1.38 -17.14
C LEU B 110 -35.34 -2.61 -17.08
N ALA B 111 -36.43 -2.56 -17.81
CA ALA B 111 -37.41 -3.68 -17.83
C ALA B 111 -36.77 -5.05 -18.10
N ALA B 112 -36.00 -5.14 -19.17
CA ALA B 112 -35.33 -6.37 -19.56
C ALA B 112 -34.25 -6.85 -18.57
N ALA B 113 -33.45 -5.95 -18.02
CA ALA B 113 -32.49 -6.31 -16.95
C ALA B 113 -33.19 -6.87 -15.70
N ARG B 114 -34.35 -6.31 -15.37
CA ARG B 114 -35.20 -6.83 -14.29
C ARG B 114 -35.69 -8.22 -14.62
N GLU B 115 -36.10 -8.42 -15.87
CA GLU B 115 -36.60 -9.71 -16.33
C GLU B 115 -35.50 -10.78 -16.41
N ILE B 116 -34.34 -10.43 -16.95
CA ILE B 116 -33.18 -11.32 -16.88
C ILE B 116 -32.91 -11.74 -15.43
N ASN B 117 -32.90 -10.79 -14.52
CA ASN B 117 -32.65 -11.07 -13.10
C ASN B 117 -33.69 -11.97 -12.48
N ARG B 118 -34.97 -11.78 -12.82
CA ARG B 118 -36.00 -12.67 -12.28
C ARG B 118 -35.95 -14.10 -12.82
N GLN B 119 -35.57 -14.25 -14.08
CA GLN B 119 -35.40 -15.56 -14.73
C GLN B 119 -34.22 -16.33 -14.14
N ALA B 120 -33.10 -15.63 -13.96
CA ALA B 120 -31.92 -16.18 -13.27
C ALA B 120 -32.31 -16.87 -11.97
N LEU B 121 -33.17 -16.20 -11.20
CA LEU B 121 -33.56 -16.70 -9.90
C LEU B 121 -34.83 -17.55 -9.91
N ALA B 122 -35.52 -17.62 -11.05
CA ALA B 122 -36.82 -18.32 -11.15
C ALA B 122 -36.93 -19.71 -10.50
N PRO B 123 -35.91 -20.59 -10.62
CA PRO B 123 -35.94 -21.93 -9.97
C PRO B 123 -36.11 -21.93 -8.44
N LEU B 124 -36.12 -20.74 -7.85
CA LEU B 124 -36.10 -20.58 -6.39
C LEU B 124 -37.32 -19.80 -5.96
N SER B 125 -37.85 -20.14 -4.78
CA SER B 125 -38.97 -19.39 -4.22
C SER B 125 -38.47 -18.03 -3.73
N LEU B 126 -39.37 -17.07 -3.57
CA LEU B 126 -38.98 -15.71 -3.17
C LEU B 126 -38.19 -15.67 -1.84
N GLN B 127 -38.46 -16.60 -0.93
CA GLN B 127 -37.70 -16.69 0.32
C GLN B 127 -36.33 -17.32 0.10
N GLU B 128 -36.27 -18.33 -0.77
CA GLU B 128 -35.02 -18.99 -1.10
C GLU B 128 -34.05 -18.06 -1.81
N GLN B 129 -34.59 -17.17 -2.65
CA GLN B 129 -33.81 -16.10 -3.29
C GLN B 129 -33.13 -15.21 -2.27
N GLU B 130 -33.89 -14.73 -1.28
CA GLU B 130 -33.35 -13.93 -0.17
C GLU B 130 -32.22 -14.64 0.60
N THR B 131 -32.44 -15.92 0.95
CA THR B 131 -31.43 -16.74 1.58
C THR B 131 -30.19 -16.84 0.68
N LEU B 132 -30.39 -17.15 -0.59
CA LEU B 132 -29.28 -17.29 -1.54
C LEU B 132 -28.55 -15.96 -1.75
N ARG B 133 -29.28 -14.87 -1.93
CA ARG B 133 -28.67 -13.57 -2.09
C ARG B 133 -27.77 -13.21 -0.90
N GLY B 134 -28.23 -13.56 0.31
CA GLY B 134 -27.48 -13.33 1.56
C GLY B 134 -26.24 -14.19 1.69
N LEU B 135 -26.41 -15.50 1.56
CA LEU B 135 -25.31 -16.45 1.46
C LEU B 135 -24.25 -16.09 0.41
N LEU B 136 -24.68 -15.75 -0.79
CA LEU B 136 -23.77 -15.40 -1.89
C LEU B 136 -23.04 -14.08 -1.65
N ALA B 137 -23.74 -13.08 -1.10
CA ALA B 137 -23.15 -11.77 -0.78
C ALA B 137 -21.86 -11.90 -0.01
N ARG B 138 -21.77 -12.96 0.80
CA ARG B 138 -20.68 -13.19 1.71
C ARG B 138 -19.53 -13.95 1.03
N LEU B 139 -19.75 -14.37 -0.21
CA LEU B 139 -18.76 -15.06 -1.02
C LEU B 139 -18.21 -14.15 -2.11
N ILE B 140 -18.68 -12.90 -2.12
CA ILE B 140 -18.24 -11.87 -3.03
C ILE B 140 -16.78 -11.49 -2.77
N ARG C 8 1.42 -16.32 17.07
CA ARG C 8 2.70 -15.99 16.39
C ARG C 8 3.35 -17.25 15.79
N LEU C 9 4.36 -17.07 14.94
CA LEU C 9 5.12 -18.17 14.36
C LEU C 9 5.65 -19.13 15.42
N ASP C 10 6.05 -18.57 16.56
CA ASP C 10 6.64 -19.37 17.65
C ASP C 10 5.68 -20.45 18.16
N ASP C 11 4.39 -20.27 17.88
CA ASP C 11 3.33 -21.18 18.36
C ASP C 11 2.89 -22.19 17.32
N GLN C 12 3.33 -22.02 16.07
CA GLN C 12 2.99 -22.92 14.95
C GLN C 12 3.76 -24.25 15.01
N ILE C 13 3.04 -25.36 14.82
CA ILE C 13 3.57 -26.72 15.00
C ILE C 13 4.75 -27.09 14.10
N GLY C 14 4.72 -26.68 12.85
CA GLY C 14 5.82 -26.95 11.93
C GLY C 14 7.14 -26.36 12.37
N PHE C 15 7.06 -25.15 12.92
CA PHE C 15 8.22 -24.41 13.43
C PHE C 15 8.76 -25.06 14.68
N ILE C 16 7.86 -25.37 15.61
CA ILE C 16 8.21 -26.04 16.85
C ILE C 16 8.79 -27.41 16.56
N LEU C 17 8.22 -28.14 15.59
CA LEU C 17 8.77 -29.45 15.20
C LEU C 17 10.18 -29.35 14.64
N ARG C 18 10.46 -28.34 13.83
CA ARG C 18 11.79 -28.19 13.28
C ARG C 18 12.80 -27.85 14.38
N GLN C 19 12.42 -26.95 15.29
CA GLN C 19 13.26 -26.56 16.43
C GLN C 19 13.58 -27.76 17.30
N ALA C 20 12.56 -28.59 17.57
CA ALA C 20 12.76 -29.79 18.37
C ALA C 20 13.75 -30.72 17.67
N ASN C 21 13.59 -30.86 16.35
CA ASN C 21 14.51 -31.63 15.53
C ASN C 21 15.94 -31.06 15.57
N GLN C 22 16.07 -29.75 15.37
CA GLN C 22 17.38 -29.11 15.40
C GLN C 22 18.07 -29.28 16.75
N ARG C 23 17.32 -29.04 17.83
CA ARG C 23 17.82 -29.31 19.17
C ARG C 23 18.34 -30.76 19.33
N TYR C 24 17.56 -31.73 18.87
CA TYR C 24 17.98 -33.14 18.96
C TYR C 24 19.25 -33.43 18.13
N ALA C 25 19.32 -32.86 16.92
CA ALA C 25 20.50 -32.99 16.07
C ALA C 25 21.76 -32.42 16.71
N ALA C 26 21.62 -31.35 17.50
CA ALA C 26 22.75 -30.72 18.18
C ALA C 26 23.28 -31.61 19.32
N LEU C 27 22.36 -32.26 20.03
CA LEU C 27 22.71 -33.16 21.10
C LEU C 27 23.32 -34.44 20.55
N PHE C 28 22.79 -34.91 19.42
CA PHE C 28 23.25 -36.15 18.83
C PHE C 28 24.70 -36.02 18.39
N ALA C 29 25.01 -34.99 17.61
CA ALA C 29 26.36 -34.77 17.10
C ALA C 29 27.37 -34.55 18.23
N ASN C 30 26.86 -34.14 19.38
CA ASN C 30 27.67 -33.84 20.55
C ASN C 30 27.94 -35.09 21.39
N GLY C 31 27.03 -36.06 21.31
CA GLY C 31 27.09 -37.23 22.19
C GLY C 31 27.26 -38.61 21.55
N ILE C 32 27.15 -38.71 20.23
CA ILE C 32 27.26 -40.03 19.60
C ILE C 32 28.72 -40.53 19.51
N GLY C 33 29.66 -39.59 19.35
CA GLY C 33 31.09 -39.88 19.38
C GLY C 33 31.64 -40.91 18.41
N ASN C 34 30.77 -41.43 17.55
CA ASN C 34 31.21 -42.36 16.49
C ASN C 34 31.18 -41.73 15.10
N GLY C 35 31.00 -40.37 15.09
CA GLY C 35 30.99 -39.63 13.82
C GLY C 35 29.76 -39.80 12.95
N LEU C 36 28.80 -40.63 13.38
CA LEU C 36 27.59 -40.92 12.57
C LEU C 36 26.46 -39.90 12.74
N THR C 37 25.78 -39.60 11.65
CA THR C 37 24.57 -38.76 11.69
C THR C 37 23.39 -39.58 12.26
N PRO C 38 22.32 -38.91 12.73
CA PRO C 38 21.15 -39.61 13.28
C PRO C 38 20.56 -40.68 12.35
N THR C 39 20.68 -40.48 11.04
CA THR C 39 20.12 -41.44 10.07
C THR C 39 21.10 -42.56 9.74
N GLN C 40 22.39 -42.27 9.77
CA GLN C 40 23.40 -43.30 9.63
C GLN C 40 23.28 -44.28 10.79
N TRP C 41 23.14 -43.74 12.00
CA TRP C 41 22.85 -44.52 13.21
C TRP C 41 21.54 -45.33 13.12
N ALA C 42 20.49 -44.70 12.57
CA ALA C 42 19.17 -45.32 12.40
C ALA C 42 19.21 -46.57 11.52
N ALA C 43 19.91 -46.46 10.39
CA ALA C 43 20.15 -47.59 9.51
C ALA C 43 20.88 -48.75 10.24
N LEU C 44 21.93 -48.42 10.98
CA LEU C 44 22.67 -49.40 11.77
C LEU C 44 21.76 -50.09 12.81
N VAL C 45 20.99 -49.29 13.56
CA VAL C 45 20.05 -49.82 14.53
C VAL C 45 19.00 -50.78 13.90
N ARG C 46 18.40 -50.38 12.78
CA ARG C 46 17.43 -51.23 12.07
C ARG C 46 18.03 -52.57 11.59
N LEU C 47 19.26 -52.55 11.08
CA LEU C 47 19.98 -53.79 10.72
C LEU C 47 20.20 -54.78 11.86
N GLY C 48 20.50 -54.28 13.05
CA GLY C 48 20.51 -55.12 14.24
C GLY C 48 19.16 -55.78 14.49
N GLU C 49 18.09 -55.09 14.08
CA GLU C 49 16.72 -55.61 14.27
C GLU C 49 16.30 -56.62 13.20
N THR C 50 16.68 -56.33 11.96
CA THR C 50 16.22 -57.11 10.80
C THR C 50 17.13 -58.26 10.37
N GLY C 51 18.42 -58.12 10.61
CA GLY C 51 19.41 -58.99 9.96
C GLY C 51 19.61 -58.50 8.53
N PRO C 52 20.29 -59.29 7.67
CA PRO C 52 20.54 -58.91 6.27
C PRO C 52 19.27 -58.49 5.52
N CYS C 53 19.34 -57.34 4.86
CA CYS C 53 18.15 -56.67 4.32
C CYS C 53 18.46 -56.03 2.98
N PRO C 54 17.53 -56.12 2.01
CA PRO C 54 17.69 -55.34 0.78
C PRO C 54 17.75 -53.83 1.07
N GLN C 55 18.54 -53.13 0.27
CA GLN C 55 18.88 -51.72 0.50
C GLN C 55 17.69 -50.76 0.59
N ASN C 56 16.82 -50.81 -0.42
CA ASN C 56 15.64 -49.93 -0.52
C ASN C 56 14.56 -50.27 0.49
N GLN C 57 14.45 -51.56 0.80
CA GLN C 57 13.63 -51.99 1.93
C GLN C 57 14.14 -51.39 3.25
N LEU C 58 15.46 -51.37 3.46
CA LEU C 58 16.02 -50.77 4.68
C LEU C 58 15.68 -49.28 4.80
N GLY C 59 15.65 -48.56 3.68
CA GLY C 59 15.23 -47.18 3.68
C GLY C 59 13.73 -47.07 3.94
N ARG C 60 12.95 -47.99 3.38
CA ARG C 60 11.51 -48.02 3.60
C ARG C 60 11.17 -48.38 5.05
N LEU C 61 12.13 -48.96 5.78
CA LEU C 61 11.95 -49.32 7.18
C LEU C 61 12.42 -48.20 8.12
N THR C 62 13.18 -47.24 7.58
CA THR C 62 13.78 -46.15 8.33
C THR C 62 13.44 -44.77 7.74
N ALA C 63 12.30 -44.70 7.05
CA ALA C 63 11.78 -43.50 6.40
C ALA C 63 12.76 -42.74 5.48
N ASP C 65 14.34 -42.40 1.32
CA ASP C 65 14.31 -42.61 -0.13
C ASP C 65 15.37 -43.58 -0.63
N ALA C 66 15.22 -44.02 -1.88
CA ALA C 66 16.25 -44.80 -2.54
C ALA C 66 17.61 -44.09 -2.52
N ALA C 67 17.59 -42.81 -2.90
CA ALA C 67 18.79 -41.97 -2.98
C ALA C 67 19.37 -41.71 -1.59
N THR C 68 18.49 -41.43 -0.63
CA THR C 68 18.90 -41.11 0.74
C THR C 68 19.52 -42.32 1.42
N ILE C 69 18.90 -43.49 1.29
CA ILE C 69 19.44 -44.71 1.91
C ILE C 69 20.74 -45.17 1.25
N LYS C 70 20.85 -44.93 -0.06
CA LYS C 70 22.04 -45.24 -0.85
C LYS C 70 23.25 -44.56 -0.25
N GLY C 71 23.12 -43.25 -0.05
CA GLY C 71 24.15 -42.41 0.56
C GLY C 71 24.54 -42.85 1.98
N VAL C 72 23.58 -43.26 2.81
CA VAL C 72 23.93 -43.61 4.20
C VAL C 72 24.54 -45.00 4.32
N VAL C 73 24.15 -45.87 3.40
CA VAL C 73 24.75 -47.22 3.30
C VAL C 73 26.17 -47.12 2.71
N GLU C 74 26.34 -46.25 1.72
CA GLU C 74 27.66 -45.97 1.15
C GLU C 74 28.68 -45.47 2.18
N ARG C 75 28.26 -44.49 2.98
CA ARG C 75 29.11 -43.92 4.02
C ARG C 75 29.35 -44.94 5.12
N LEU C 76 28.33 -45.74 5.42
CA LEU C 76 28.41 -46.78 6.43
C LEU C 76 29.33 -47.94 6.00
N ASP C 77 29.29 -48.27 4.71
CA ASP C 77 30.15 -49.29 4.10
C ASP C 77 31.58 -48.78 3.94
N LYS C 78 31.72 -47.47 3.70
CA LYS C 78 33.02 -46.83 3.56
C LYS C 78 33.81 -46.85 4.88
N ARG C 79 33.17 -47.37 5.93
CA ARG C 79 33.76 -47.47 7.27
C ARG C 79 33.80 -48.91 7.80
N GLY C 80 33.33 -49.86 6.99
CA GLY C 80 33.34 -51.26 7.38
C GLY C 80 32.32 -51.65 8.45
N LEU C 81 31.33 -50.81 8.69
CA LEU C 81 30.27 -51.12 9.65
C LEU C 81 29.18 -52.01 9.04
N ILE C 82 29.07 -51.99 7.71
CA ILE C 82 28.13 -52.87 7.02
C ILE C 82 28.82 -53.61 5.89
N GLN C 83 28.21 -54.71 5.46
CA GLN C 83 28.66 -55.41 4.26
C GLN C 83 27.51 -55.56 3.27
N ARG C 84 27.85 -55.52 1.99
CA ARG C 84 26.89 -55.71 0.92
C ARG C 84 27.18 -57.03 0.21
N SER C 85 26.13 -57.83 0.00
CA SER C 85 26.26 -59.09 -0.69
C SER C 85 25.02 -59.41 -1.53
N ALA C 86 25.23 -60.11 -2.64
CA ALA C 86 24.15 -60.47 -3.55
C ALA C 86 23.09 -61.28 -2.83
N ASP C 87 21.84 -60.89 -3.03
CA ASP C 87 20.71 -61.60 -2.49
C ASP C 87 20.64 -62.97 -3.17
N PRO C 88 20.73 -64.06 -2.38
CA PRO C 88 20.71 -65.43 -2.91
C PRO C 88 19.37 -65.89 -3.51
N ASP C 89 18.31 -65.13 -3.26
CA ASP C 89 16.98 -65.46 -3.78
C ASP C 89 16.61 -64.64 -5.02
N ASP C 90 17.45 -63.66 -5.34
CA ASP C 90 17.23 -62.74 -6.44
C ASP C 90 18.50 -61.93 -6.62
N GLY C 91 19.33 -62.37 -7.57
CA GLY C 91 20.66 -61.81 -7.80
C GLY C 91 20.69 -60.35 -8.21
N ARG C 92 19.55 -59.80 -8.58
CA ARG C 92 19.49 -58.39 -8.95
C ARG C 92 19.47 -57.50 -7.72
N ARG C 93 19.14 -58.09 -6.57
CA ARG C 93 19.09 -57.34 -5.31
C ARG C 93 20.39 -57.41 -4.51
N LEU C 94 20.60 -56.38 -3.69
CA LEU C 94 21.77 -56.25 -2.84
C LEU C 94 21.33 -56.25 -1.38
N LEU C 95 21.80 -57.24 -0.63
CA LEU C 95 21.54 -57.32 0.80
C LEU C 95 22.57 -56.47 1.57
N VAL C 96 22.07 -55.66 2.50
CA VAL C 96 22.90 -54.90 3.44
C VAL C 96 22.85 -55.61 4.79
N SER C 97 24.01 -55.68 5.45
CA SER C 97 24.13 -56.44 6.67
C SER C 97 25.22 -55.85 7.56
N LEU C 98 25.03 -55.99 8.87
CA LEU C 98 26.02 -55.56 9.86
C LEU C 98 27.31 -56.40 9.86
N SER C 99 28.44 -55.73 9.93
CA SER C 99 29.72 -56.35 10.22
C SER C 99 29.75 -56.80 11.68
N PRO C 100 30.68 -57.71 12.05
CA PRO C 100 31.07 -57.84 13.46
C PRO C 100 31.52 -56.47 14.04
N ALA C 101 32.25 -55.69 13.24
CA ALA C 101 32.53 -54.29 13.56
C ALA C 101 31.24 -53.52 13.84
N GLY C 102 30.34 -53.48 12.85
CA GLY C 102 29.06 -52.79 12.95
C GLY C 102 28.17 -53.31 14.06
N ARG C 103 28.21 -54.63 14.30
CA ARG C 103 27.46 -55.26 15.39
C ARG C 103 27.97 -54.76 16.74
N ALA C 104 29.29 -54.53 16.81
CA ALA C 104 29.93 -54.03 18.03
C ALA C 104 29.86 -52.51 18.18
N GLU C 105 30.03 -51.78 17.07
CA GLU C 105 29.89 -50.32 17.08
C GLU C 105 28.45 -49.92 17.42
N LEU C 106 27.49 -50.74 17.02
CA LEU C 106 26.12 -50.62 17.50
C LEU C 106 26.12 -50.70 19.03
N GLU C 107 26.65 -51.81 19.56
CA GLU C 107 26.83 -52.01 20.99
C GLU C 107 27.97 -51.15 21.52
N GLY C 109 28.21 -47.96 22.57
CA GLY C 109 27.53 -47.60 21.31
C GLY C 109 26.08 -47.18 21.48
N LEU C 110 25.25 -48.10 21.96
CA LEU C 110 23.84 -47.83 22.25
C LEU C 110 23.70 -46.97 23.50
N ALA C 111 24.69 -47.03 24.40
CA ALA C 111 24.70 -46.24 25.63
C ALA C 111 24.75 -44.73 25.39
N ALA C 112 25.62 -44.30 24.47
CA ALA C 112 25.72 -42.89 24.07
C ALA C 112 24.39 -42.38 23.51
N ALA C 113 23.77 -43.22 22.68
CA ALA C 113 22.46 -42.93 22.08
C ALA C 113 21.36 -42.75 23.11
N ARG C 114 21.36 -43.58 24.15
CA ARG C 114 20.39 -43.44 25.23
C ARG C 114 20.65 -42.25 26.15
N GLU C 115 21.92 -41.87 26.25
CA GLU C 115 22.31 -40.65 26.95
C GLU C 115 21.88 -39.41 26.15
N ILE C 116 22.11 -39.42 24.84
CA ILE C 116 21.64 -38.34 23.96
C ILE C 116 20.14 -38.12 24.16
N ASN C 117 19.39 -39.22 24.10
CA ASN C 117 17.93 -39.21 24.22
C ASN C 117 17.43 -38.72 25.56
N ARG C 118 18.04 -39.18 26.66
CA ARG C 118 17.61 -38.71 27.99
C ARG C 118 17.94 -37.22 28.21
N GLN C 119 19.04 -36.76 27.61
CA GLN C 119 19.39 -35.34 27.60
C GLN C 119 18.35 -34.49 26.87
N ALA C 120 17.92 -34.96 25.70
CA ALA C 120 16.91 -34.29 24.89
C ALA C 120 15.58 -34.16 25.62
N LEU C 121 15.28 -35.16 26.45
CA LEU C 121 14.02 -35.23 27.18
C LEU C 121 14.10 -34.73 28.63
N ALA C 122 15.31 -34.38 29.07
CA ALA C 122 15.56 -33.90 30.45
C ALA C 122 14.71 -32.72 30.96
N PRO C 123 14.31 -31.78 30.07
CA PRO C 123 13.39 -30.71 30.53
C PRO C 123 12.04 -31.21 31.07
N LEU C 124 11.69 -32.46 30.75
CA LEU C 124 10.42 -33.06 31.14
C LEU C 124 10.64 -34.13 32.21
N SER C 125 9.58 -34.44 32.96
CA SER C 125 9.61 -35.57 33.90
C SER C 125 9.29 -36.87 33.16
N LEU C 126 9.42 -38.00 33.86
CA LEU C 126 9.17 -39.33 33.26
C LEU C 126 7.71 -39.54 32.84
N GLN C 127 6.78 -38.97 33.61
CA GLN C 127 5.36 -39.01 33.29
C GLN C 127 5.04 -38.12 32.09
N GLU C 128 5.84 -37.06 31.92
CA GLU C 128 5.72 -36.15 30.79
C GLU C 128 6.43 -36.71 29.55
N GLN C 129 7.55 -37.39 29.75
CA GLN C 129 8.26 -38.07 28.66
C GLN C 129 7.45 -39.24 28.13
N GLU C 130 6.71 -39.92 29.00
CA GLU C 130 5.75 -40.95 28.60
C GLU C 130 4.71 -40.36 27.64
N THR C 131 4.05 -39.30 28.10
CA THR C 131 2.96 -38.64 27.40
C THR C 131 3.37 -38.13 26.02
N LEU C 132 4.47 -37.37 25.99
CA LEU C 132 4.98 -36.75 24.78
C LEU C 132 5.29 -37.80 23.71
N ARG C 133 6.01 -38.84 24.11
CA ARG C 133 6.35 -39.96 23.22
C ARG C 133 5.11 -40.56 22.56
N GLY C 134 4.02 -40.70 23.32
CA GLY C 134 2.77 -41.24 22.80
C GLY C 134 2.06 -40.30 21.83
N LEU C 135 2.02 -39.02 22.18
CA LEU C 135 1.41 -37.99 21.35
C LEU C 135 2.14 -37.79 20.01
N LEU C 136 3.48 -37.67 20.09
CA LEU C 136 4.36 -37.55 18.92
C LEU C 136 4.31 -38.74 17.98
N ALA C 137 4.22 -39.94 18.55
CA ALA C 137 4.13 -41.15 17.75
C ALA C 137 2.95 -41.13 16.81
N ARG C 138 1.85 -40.52 17.26
CA ARG C 138 0.64 -40.36 16.44
C ARG C 138 0.87 -39.38 15.29
N LEU C 139 1.95 -38.59 15.36
CA LEU C 139 2.22 -37.55 14.34
C LEU C 139 3.28 -37.95 13.32
N ILE C 140 3.60 -39.23 13.32
CA ILE C 140 4.61 -39.82 12.45
C ILE C 140 4.07 -39.93 11.01
N ARG D 8 13.17 -50.93 20.35
CA ARG D 8 13.13 -50.71 18.87
C ARG D 8 13.43 -49.27 18.48
N LEU D 9 13.91 -49.09 17.25
CA LEU D 9 14.19 -47.78 16.68
C LEU D 9 12.94 -46.91 16.65
N ASP D 10 11.80 -47.56 16.48
CA ASP D 10 10.49 -46.89 16.33
C ASP D 10 10.03 -46.21 17.61
N ASP D 11 10.70 -46.50 18.71
CA ASP D 11 10.42 -45.83 19.98
C ASP D 11 11.44 -44.73 20.33
N GLN D 12 12.47 -44.57 19.50
CA GLN D 12 13.50 -43.55 19.72
C GLN D 12 12.94 -42.19 19.31
N ILE D 13 13.10 -41.20 20.20
CA ILE D 13 12.61 -39.84 19.95
C ILE D 13 13.15 -39.16 18.68
N GLY D 14 14.44 -39.33 18.40
CA GLY D 14 15.04 -38.82 17.18
C GLY D 14 14.36 -39.31 15.90
N PHE D 15 14.20 -40.62 15.79
CA PHE D 15 13.50 -41.25 14.67
C PHE D 15 12.05 -40.75 14.57
N ILE D 16 11.38 -40.64 15.72
CA ILE D 16 10.01 -40.15 15.79
C ILE D 16 9.91 -38.68 15.33
N LEU D 17 10.87 -37.86 15.76
CA LEU D 17 10.91 -36.46 15.38
C LEU D 17 11.14 -36.29 13.89
N ARG D 18 12.10 -37.01 13.35
CA ARG D 18 12.42 -36.87 11.93
C ARG D 18 11.20 -37.19 11.06
N GLN D 19 10.51 -38.26 11.41
CA GLN D 19 9.30 -38.69 10.74
C GLN D 19 8.16 -37.68 10.85
N ALA D 20 7.92 -37.15 12.06
CA ALA D 20 6.91 -36.11 12.25
C ALA D 20 7.23 -34.87 11.39
N ASN D 21 8.52 -34.51 11.36
CA ASN D 21 8.99 -33.46 10.47
C ASN D 21 8.81 -33.77 8.98
N GLN D 22 9.16 -34.98 8.55
CA GLN D 22 8.96 -35.40 7.16
C GLN D 22 7.47 -35.33 6.76
N ARG D 23 6.58 -35.73 7.67
CA ARG D 23 5.12 -35.65 7.45
C ARG D 23 4.68 -34.18 7.34
N TYR D 24 5.25 -33.31 8.18
CA TYR D 24 4.96 -31.89 8.07
C TYR D 24 5.42 -31.26 6.73
N ALA D 25 6.68 -31.48 6.35
CA ALA D 25 7.20 -31.11 5.02
C ALA D 25 6.24 -31.50 3.87
N ALA D 26 5.75 -32.74 3.89
CA ALA D 26 4.90 -33.26 2.83
C ALA D 26 3.49 -32.67 2.84
N LEU D 27 2.90 -32.48 4.02
CA LEU D 27 1.60 -31.78 4.11
C LEU D 27 1.77 -30.31 3.65
N PHE D 28 2.89 -29.69 4.03
CA PHE D 28 3.15 -28.29 3.64
C PHE D 28 3.26 -28.15 2.11
N ALA D 29 4.07 -29.01 1.49
CA ALA D 29 4.32 -28.96 0.05
C ALA D 29 3.04 -29.21 -0.77
N ASN D 30 2.18 -30.11 -0.29
CA ASN D 30 0.88 -30.40 -0.91
C ASN D 30 -0.18 -29.31 -0.71
N GLY D 31 -0.17 -28.61 0.41
CA GLY D 31 -1.23 -27.65 0.71
C GLY D 31 -0.93 -26.16 0.55
N ILE D 32 0.36 -25.79 0.44
CA ILE D 32 0.75 -24.36 0.49
C ILE D 32 0.36 -23.54 -0.76
N GLY D 33 0.57 -24.08 -1.96
CA GLY D 33 0.10 -23.42 -3.17
C GLY D 33 1.01 -22.38 -3.78
N ASN D 34 2.08 -22.03 -3.07
CA ASN D 34 2.94 -20.93 -3.50
C ASN D 34 4.40 -21.31 -3.78
N GLY D 35 4.73 -22.60 -3.69
CA GLY D 35 6.06 -23.12 -4.05
C GLY D 35 7.13 -22.95 -2.99
N LEU D 36 6.81 -22.27 -1.90
CA LEU D 36 7.76 -22.01 -0.81
C LEU D 36 7.95 -23.25 0.10
N THR D 37 9.18 -23.46 0.54
CA THR D 37 9.51 -24.48 1.53
C THR D 37 9.06 -23.95 2.89
N PRO D 38 8.85 -24.83 3.89
CA PRO D 38 8.53 -24.32 5.27
C PRO D 38 9.47 -23.23 5.83
N THR D 39 10.78 -23.34 5.58
CA THR D 39 11.72 -22.36 6.13
C THR D 39 11.65 -21.05 5.37
N GLN D 40 11.45 -21.12 4.05
CA GLN D 40 11.18 -19.94 3.25
C GLN D 40 9.93 -19.21 3.77
N TRP D 41 8.88 -19.97 4.06
CA TRP D 41 7.64 -19.45 4.62
C TRP D 41 7.84 -18.84 6.01
N ALA D 42 8.61 -19.54 6.86
CA ALA D 42 8.91 -19.09 8.22
C ALA D 42 9.57 -17.69 8.20
N ALA D 43 10.56 -17.52 7.34
CA ALA D 43 11.24 -16.25 7.17
C ALA D 43 10.25 -15.15 6.76
N LEU D 44 9.36 -15.47 5.82
CA LEU D 44 8.36 -14.52 5.31
C LEU D 44 7.36 -14.13 6.39
N VAL D 45 6.86 -15.12 7.12
CA VAL D 45 5.98 -14.90 8.27
C VAL D 45 6.65 -13.98 9.30
N ARG D 46 7.92 -14.26 9.63
CA ARG D 46 8.64 -13.52 10.64
C ARG D 46 8.87 -12.05 10.25
N LEU D 47 9.26 -11.81 9.00
CA LEU D 47 9.39 -10.44 8.50
C LEU D 47 8.08 -9.70 8.58
N GLY D 48 6.97 -10.40 8.30
CA GLY D 48 5.64 -9.81 8.45
C GLY D 48 5.34 -9.37 9.87
N GLU D 49 5.91 -10.10 10.85
CA GLU D 49 5.72 -9.80 12.27
C GLU D 49 6.68 -8.72 12.80
N THR D 50 7.92 -8.72 12.32
CA THR D 50 8.95 -7.84 12.89
C THR D 50 9.23 -6.57 12.09
N GLY D 51 8.71 -6.49 10.87
CA GLY D 51 9.08 -5.41 9.94
C GLY D 51 10.53 -5.57 9.54
N PRO D 52 11.15 -4.52 8.97
CA PRO D 52 12.56 -4.58 8.58
C PRO D 52 13.48 -5.10 9.70
N CYS D 53 14.38 -6.03 9.37
CA CYS D 53 15.14 -6.77 10.38
C CYS D 53 16.48 -7.21 9.79
N PRO D 54 17.58 -7.11 10.57
CA PRO D 54 18.92 -7.59 10.16
C PRO D 54 18.86 -9.09 9.85
N GLN D 55 19.49 -9.51 8.76
CA GLN D 55 19.37 -10.89 8.27
C GLN D 55 19.68 -11.97 9.32
N ASN D 56 20.75 -11.77 10.09
CA ASN D 56 21.18 -12.71 11.11
C ASN D 56 20.23 -12.79 12.28
N GLN D 57 19.71 -11.62 12.65
CA GLN D 57 18.62 -11.50 13.62
C GLN D 57 17.39 -12.28 13.16
N LEU D 58 17.04 -12.12 11.89
CA LEU D 58 15.91 -12.83 11.31
C LEU D 58 16.15 -14.35 11.39
N GLY D 59 17.40 -14.76 11.14
CA GLY D 59 17.83 -16.15 11.33
C GLY D 59 17.66 -16.65 12.74
N ARG D 60 18.12 -15.88 13.72
CA ARG D 60 17.96 -16.24 15.14
C ARG D 60 16.49 -16.37 15.53
N LEU D 61 15.66 -15.46 15.01
CA LEU D 61 14.22 -15.49 15.29
C LEU D 61 13.47 -16.63 14.58
N THR D 62 14.15 -17.27 13.62
CA THR D 62 13.57 -18.37 12.88
C THR D 62 14.42 -19.63 12.99
N ALA D 63 15.27 -19.69 14.02
CA ALA D 63 16.16 -20.84 14.28
C ALA D 63 16.96 -21.28 13.06
N ASP D 65 20.88 -20.56 11.22
CA ASP D 65 22.19 -19.95 11.41
C ASP D 65 22.48 -18.99 10.24
N ALA D 66 23.57 -18.25 10.35
CA ALA D 66 23.99 -17.27 9.37
C ALA D 66 23.92 -17.79 7.94
N ALA D 67 24.53 -18.94 7.69
CA ALA D 67 24.58 -19.52 6.35
C ALA D 67 23.19 -19.89 5.84
N THR D 68 22.39 -20.55 6.69
CA THR D 68 21.07 -21.03 6.30
C THR D 68 20.09 -19.89 5.98
N ILE D 69 20.09 -18.85 6.80
CA ILE D 69 19.15 -17.74 6.58
C ILE D 69 19.49 -16.96 5.32
N LYS D 70 20.80 -16.81 5.05
CA LYS D 70 21.32 -16.20 3.82
C LYS D 70 20.74 -16.92 2.58
N GLY D 71 20.79 -18.25 2.63
CA GLY D 71 20.28 -19.09 1.57
C GLY D 71 18.80 -18.83 1.29
N VAL D 72 17.96 -18.87 2.33
CA VAL D 72 16.52 -18.66 2.13
C VAL D 72 16.13 -17.23 1.77
N VAL D 73 16.84 -16.26 2.34
CA VAL D 73 16.61 -14.85 1.99
C VAL D 73 16.93 -14.66 0.51
N GLU D 74 18.03 -15.27 0.05
CA GLU D 74 18.39 -15.24 -1.37
C GLU D 74 17.39 -15.94 -2.28
N ARG D 75 16.80 -17.04 -1.82
CA ARG D 75 15.71 -17.67 -2.58
C ARG D 75 14.49 -16.75 -2.63
N LEU D 76 14.17 -16.14 -1.50
CA LEU D 76 13.04 -15.22 -1.38
C LEU D 76 13.22 -14.00 -2.26
N ASP D 77 14.45 -13.49 -2.30
CA ASP D 77 14.85 -12.37 -3.17
C ASP D 77 14.68 -12.75 -4.64
N LYS D 78 15.23 -13.91 -5.01
CA LYS D 78 15.12 -14.50 -6.34
C LYS D 78 13.66 -14.54 -6.82
N ARG D 79 12.74 -14.69 -5.87
CA ARG D 79 11.31 -14.77 -6.13
C ARG D 79 10.58 -13.43 -6.11
N GLY D 80 11.32 -12.35 -5.79
CA GLY D 80 10.77 -11.00 -5.70
C GLY D 80 10.06 -10.63 -4.40
N LEU D 81 10.30 -11.42 -3.35
CA LEU D 81 9.47 -11.35 -2.13
C LEU D 81 10.05 -10.54 -0.97
N ILE D 82 11.33 -10.21 -1.06
CA ILE D 82 12.01 -9.43 -0.03
C ILE D 82 12.77 -8.25 -0.64
N GLN D 83 12.96 -7.21 0.16
CA GLN D 83 13.81 -6.08 -0.22
C GLN D 83 14.85 -5.79 0.89
N ARG D 84 16.04 -5.37 0.48
CA ARG D 84 17.07 -4.93 1.44
C ARG D 84 17.22 -3.42 1.34
N SER D 85 17.47 -2.79 2.49
CA SER D 85 17.68 -1.36 2.59
C SER D 85 18.59 -1.06 3.79
N ALA D 86 19.36 0.03 3.70
CA ALA D 86 20.38 0.36 4.70
C ALA D 86 19.80 0.56 6.10
N ASP D 87 20.45 -0.06 7.07
CA ASP D 87 20.06 0.07 8.47
C ASP D 87 20.30 1.53 8.91
N PRO D 88 19.21 2.23 9.36
CA PRO D 88 19.38 3.63 9.81
C PRO D 88 20.26 3.82 11.04
N ASP D 89 20.46 2.77 11.84
CA ASP D 89 21.28 2.88 13.06
C ASP D 89 22.73 2.42 12.90
N ASP D 90 22.98 1.59 11.89
CA ASP D 90 24.33 1.20 11.51
C ASP D 90 24.40 1.07 10.00
N GLY D 91 24.89 2.12 9.36
CA GLY D 91 24.93 2.21 7.91
C GLY D 91 25.64 1.09 7.19
N ARG D 92 26.53 0.35 7.86
CA ARG D 92 27.27 -0.72 7.19
C ARG D 92 26.42 -1.98 6.95
N ARG D 93 25.29 -2.08 7.64
CA ARG D 93 24.50 -3.29 7.56
C ARG D 93 23.16 -3.09 6.87
N LEU D 94 22.56 -4.19 6.43
CA LEU D 94 21.28 -4.15 5.75
C LEU D 94 20.14 -4.62 6.63
N LEU D 95 18.97 -4.03 6.40
CA LEU D 95 17.71 -4.53 6.93
C LEU D 95 17.02 -5.29 5.82
N VAL D 96 16.54 -6.49 6.15
CA VAL D 96 15.69 -7.28 5.27
C VAL D 96 14.22 -7.03 5.59
N SER D 97 13.45 -6.84 4.52
CA SER D 97 12.06 -6.41 4.55
C SER D 97 11.27 -7.19 3.52
N LEU D 98 9.97 -7.34 3.75
CA LEU D 98 9.04 -7.83 2.73
C LEU D 98 8.84 -6.82 1.58
N SER D 99 8.82 -7.35 0.35
CA SER D 99 8.34 -6.65 -0.84
C SER D 99 6.83 -6.52 -0.78
N PRO D 100 6.26 -5.57 -1.55
CA PRO D 100 4.80 -5.62 -1.73
C PRO D 100 4.34 -7.01 -2.14
N ALA D 101 5.11 -7.65 -3.02
CA ALA D 101 4.82 -8.99 -3.54
C ALA D 101 4.93 -10.06 -2.45
N GLY D 102 5.85 -9.86 -1.52
CA GLY D 102 6.08 -10.76 -0.40
C GLY D 102 4.97 -10.63 0.60
N ARG D 103 4.55 -9.39 0.86
CA ARG D 103 3.42 -9.11 1.74
C ARG D 103 2.13 -9.72 1.18
N ALA D 104 1.99 -9.67 -0.14
CA ALA D 104 0.86 -10.26 -0.86
C ALA D 104 0.86 -11.79 -0.79
N GLU D 105 2.02 -12.42 -1.00
CA GLU D 105 2.11 -13.89 -0.86
C GLU D 105 1.84 -14.35 0.55
N LEU D 106 2.32 -13.59 1.52
CA LEU D 106 2.10 -13.88 2.92
C LEU D 106 0.61 -13.86 3.19
N GLU D 107 -0.06 -12.78 2.81
CA GLU D 107 -1.49 -12.65 3.03
C GLU D 107 -2.26 -13.74 2.29
N ALA D 108 -1.89 -13.98 1.02
CA ALA D 108 -2.54 -14.98 0.19
C ALA D 108 -2.34 -16.44 0.65
N GLY D 109 -1.31 -16.70 1.45
CA GLY D 109 -0.97 -18.03 1.91
C GLY D 109 -1.34 -18.37 3.34
N LEU D 110 -1.80 -17.39 4.12
CA LEU D 110 -2.02 -17.61 5.56
C LEU D 110 -3.05 -18.70 5.85
N ALA D 111 -4.17 -18.68 5.13
CA ALA D 111 -5.25 -19.65 5.32
C ALA D 111 -4.78 -21.07 5.02
N ALA D 112 -4.06 -21.27 3.92
CA ALA D 112 -3.50 -22.56 3.57
C ALA D 112 -2.55 -23.09 4.66
N ALA D 113 -1.67 -22.20 5.17
CA ALA D 113 -0.73 -22.53 6.27
C ALA D 113 -1.42 -22.94 7.58
N ARG D 114 -2.44 -22.18 7.99
CA ARG D 114 -3.27 -22.58 9.12
C ARG D 114 -3.83 -23.99 8.92
N GLU D 115 -4.34 -24.26 7.72
CA GLU D 115 -4.92 -25.56 7.39
C GLU D 115 -3.89 -26.68 7.46
N ILE D 116 -2.68 -26.40 6.98
CA ILE D 116 -1.58 -27.37 7.04
C ILE D 116 -1.29 -27.73 8.49
N ASN D 117 -1.24 -26.72 9.36
CA ASN D 117 -1.00 -26.91 10.80
C ASN D 117 -2.12 -27.68 11.51
N ARG D 118 -3.35 -27.50 11.03
CA ARG D 118 -4.50 -28.24 11.56
C ARG D 118 -4.45 -29.70 11.13
N GLN D 119 -4.08 -29.92 9.87
CA GLN D 119 -3.86 -31.27 9.36
C GLN D 119 -2.76 -31.99 10.10
N ALA D 120 -1.65 -31.29 10.35
CA ALA D 120 -0.53 -31.86 11.10
C ALA D 120 -0.97 -32.41 12.45
N LEU D 121 -1.79 -31.62 13.14
CA LEU D 121 -2.23 -31.95 14.49
C LEU D 121 -3.53 -32.77 14.54
N ALA D 122 -4.09 -33.08 13.36
CA ALA D 122 -5.41 -33.73 13.25
C ALA D 122 -5.54 -35.11 13.91
N PRO D 123 -4.45 -35.91 13.97
CA PRO D 123 -4.52 -37.17 14.76
C PRO D 123 -4.69 -36.94 16.27
N LEU D 124 -4.53 -35.69 16.71
CA LEU D 124 -4.67 -35.33 18.11
C LEU D 124 -5.93 -34.51 18.35
N SER D 125 -6.56 -34.75 19.49
CA SER D 125 -7.72 -33.98 19.92
C SER D 125 -7.26 -32.59 20.35
N LEU D 126 -8.19 -31.65 20.38
CA LEU D 126 -7.92 -30.25 20.71
C LEU D 126 -7.05 -30.09 21.97
N GLN D 127 -7.31 -30.92 22.98
CA GLN D 127 -6.61 -30.84 24.27
C GLN D 127 -5.26 -31.55 24.23
N GLU D 128 -5.20 -32.69 23.52
CA GLU D 128 -3.93 -33.38 23.26
C GLU D 128 -2.95 -32.47 22.50
N GLN D 129 -3.48 -31.65 21.60
CA GLN D 129 -2.69 -30.64 20.89
C GLN D 129 -2.13 -29.60 21.84
N GLU D 130 -2.93 -29.23 22.85
CA GLU D 130 -2.52 -28.30 23.89
C GLU D 130 -1.44 -28.92 24.78
N THR D 131 -1.61 -30.18 25.15
CA THR D 131 -0.59 -30.91 25.91
C THR D 131 0.73 -30.97 25.13
N LEU D 132 0.66 -31.43 23.89
CA LEU D 132 1.85 -31.62 23.04
C LEU D 132 2.59 -30.31 22.78
N ARG D 133 1.84 -29.30 22.35
CA ARG D 133 2.39 -27.98 22.03
C ARG D 133 3.21 -27.44 23.21
N GLY D 134 2.61 -27.46 24.40
CA GLY D 134 3.26 -27.01 25.62
C GLY D 134 4.49 -27.82 25.99
N LEU D 135 4.40 -29.14 25.83
CA LEU D 135 5.50 -30.05 26.14
C LEU D 135 6.69 -29.89 25.18
N LEU D 136 6.42 -29.78 23.89
CA LEU D 136 7.46 -29.54 22.88
C LEU D 136 8.18 -28.19 23.03
N ALA D 137 7.45 -27.17 23.51
CA ALA D 137 8.04 -25.83 23.72
C ALA D 137 9.14 -25.84 24.77
N ARG D 138 9.14 -26.87 25.60
CA ARG D 138 10.18 -27.03 26.62
C ARG D 138 11.37 -27.86 26.09
N LEU D 139 11.26 -28.34 24.84
CA LEU D 139 12.30 -29.16 24.21
C LEU D 139 12.91 -28.54 22.95
N ILE D 140 12.78 -27.22 22.81
CA ILE D 140 13.35 -26.47 21.69
C ILE D 140 14.53 -25.62 22.17
N ARG E 8 -11.54 17.66 6.86
CA ARG E 8 -11.28 16.20 6.93
C ARG E 8 -11.60 15.62 8.32
N LEU E 9 -11.83 14.30 8.37
CA LEU E 9 -12.11 13.61 9.63
C LEU E 9 -11.02 13.82 10.70
N ASP E 10 -9.77 13.90 10.26
CA ASP E 10 -8.60 14.05 11.16
C ASP E 10 -8.50 15.41 11.82
N ASP E 11 -9.40 16.30 11.46
CA ASP E 11 -9.51 17.61 12.09
C ASP E 11 -10.63 17.67 13.10
N GLN E 12 -11.50 16.67 13.11
CA GLN E 12 -12.67 16.65 13.99
C GLN E 12 -12.25 16.38 15.41
N ILE E 13 -12.70 17.23 16.32
CA ILE E 13 -12.32 17.11 17.72
C ILE E 13 -12.72 15.76 18.34
N GLY E 14 -13.85 15.19 17.88
CA GLY E 14 -14.33 13.92 18.43
C GLY E 14 -13.44 12.74 18.08
N PHE E 15 -13.02 12.68 16.83
CA PHE E 15 -12.07 11.69 16.33
C PHE E 15 -10.72 11.79 17.05
N ILE E 16 -10.19 13.00 17.13
CA ILE E 16 -8.94 13.28 17.85
C ILE E 16 -9.08 12.82 19.31
N LEU E 17 -10.19 13.21 19.93
CA LEU E 17 -10.44 12.86 21.33
C LEU E 17 -10.52 11.37 21.58
N ARG E 18 -11.18 10.66 20.68
CA ARG E 18 -11.32 9.20 20.81
C ARG E 18 -9.99 8.52 20.71
N GLN E 19 -9.16 9.00 19.79
CA GLN E 19 -7.84 8.43 19.55
C GLN E 19 -6.90 8.59 20.74
N ALA E 20 -6.84 9.82 21.27
CA ALA E 20 -6.08 10.10 22.47
C ALA E 20 -6.52 9.18 23.60
N ASN E 21 -7.81 8.91 23.68
CA ASN E 21 -8.37 8.01 24.67
C ASN E 21 -7.93 6.56 24.43
N GLN E 22 -7.87 6.13 23.17
CA GLN E 22 -7.47 4.77 22.83
C GLN E 22 -5.99 4.55 23.12
N ARG E 23 -5.19 5.57 22.86
CA ARG E 23 -3.77 5.54 23.18
C ARG E 23 -3.54 5.45 24.69
N TYR E 24 -4.25 6.28 25.44
CA TYR E 24 -4.18 6.25 26.89
C TYR E 24 -4.57 4.86 27.43
N ALA E 25 -5.69 4.34 26.95
CA ALA E 25 -6.17 3.02 27.33
C ALA E 25 -5.10 1.94 27.13
N ALA E 26 -4.28 2.09 26.08
CA ALA E 26 -3.23 1.15 25.72
C ALA E 26 -2.01 1.28 26.63
N LEU E 27 -1.62 2.53 26.90
CA LEU E 27 -0.61 2.78 27.91
C LEU E 27 -1.06 2.29 29.29
N PHE E 28 -2.34 2.49 29.63
CA PHE E 28 -2.86 2.02 30.93
C PHE E 28 -2.87 0.49 31.03
N ALA E 29 -3.45 -0.16 30.03
CA ALA E 29 -3.45 -1.62 29.95
C ALA E 29 -2.05 -2.25 30.01
N ASN E 30 -1.07 -1.58 29.42
CA ASN E 30 0.31 -2.08 29.40
C ASN E 30 1.10 -1.76 30.68
N GLY E 31 0.71 -0.71 31.39
CA GLY E 31 1.53 -0.21 32.50
C GLY E 31 1.00 -0.33 33.92
N ILE E 32 -0.29 -0.62 34.07
CA ILE E 32 -0.88 -0.66 35.43
C ILE E 32 -0.42 -1.88 36.24
N GLY E 33 -0.33 -3.04 35.59
CA GLY E 33 0.21 -4.23 36.24
C GLY E 33 -0.73 -5.04 37.12
N ASN E 34 -1.83 -4.43 37.57
CA ASN E 34 -2.74 -5.08 38.51
C ASN E 34 -4.04 -5.66 37.89
N GLY E 35 -4.15 -5.59 36.56
CA GLY E 35 -5.30 -6.16 35.85
C GLY E 35 -6.58 -5.34 35.92
N LEU E 36 -6.52 -4.17 36.54
CA LEU E 36 -7.68 -3.28 36.64
C LEU E 36 -7.84 -2.43 35.39
N THR E 37 -9.10 -2.18 35.00
CA THR E 37 -9.42 -1.18 33.98
C THR E 37 -9.28 0.23 34.55
N PRO E 38 -9.16 1.25 33.67
CA PRO E 38 -9.04 2.65 34.11
C PRO E 38 -10.11 3.10 35.12
N THR E 39 -11.34 2.62 34.98
CA THR E 39 -12.46 3.06 35.83
C THR E 39 -12.55 2.26 37.13
N GLN E 40 -12.05 1.03 37.11
CA GLN E 40 -11.90 0.26 38.35
C GLN E 40 -10.82 0.91 39.18
N TRP E 41 -9.74 1.32 38.50
CA TRP E 41 -8.67 2.08 39.13
C TRP E 41 -9.20 3.36 39.76
N ALA E 42 -9.94 4.13 38.95
CA ALA E 42 -10.58 5.37 39.36
C ALA E 42 -11.43 5.24 40.64
N ALA E 43 -12.33 4.26 40.65
CA ALA E 43 -13.15 3.97 41.83
C ALA E 43 -12.29 3.59 43.04
N LEU E 44 -11.28 2.75 42.80
CA LEU E 44 -10.31 2.37 43.83
C LEU E 44 -9.57 3.58 44.42
N VAL E 45 -9.05 4.42 43.55
CA VAL E 45 -8.35 5.65 43.94
C VAL E 45 -9.27 6.56 44.75
N ARG E 46 -10.42 6.91 44.17
CA ARG E 46 -11.41 7.77 44.85
C ARG E 46 -11.71 7.28 46.26
N LEU E 47 -11.97 5.98 46.41
CA LEU E 47 -12.23 5.37 47.70
C LEU E 47 -11.07 5.52 48.68
N GLY E 48 -9.86 5.70 48.15
CA GLY E 48 -8.71 6.02 48.98
C GLY E 48 -8.79 7.45 49.50
N GLU E 49 -9.22 8.37 48.63
CA GLU E 49 -9.37 9.78 49.03
C GLU E 49 -10.50 9.94 50.03
N THR E 50 -11.68 9.41 49.69
CA THR E 50 -12.92 9.64 50.44
C THR E 50 -13.11 8.72 51.66
N GLY E 51 -12.40 7.60 51.70
CA GLY E 51 -12.68 6.57 52.70
C GLY E 51 -14.11 6.07 52.55
N PRO E 52 -14.71 5.50 53.63
CA PRO E 52 -16.09 4.99 53.59
C PRO E 52 -17.07 6.01 53.00
N CYS E 53 -17.76 5.60 51.93
CA CYS E 53 -18.52 6.51 51.09
C CYS E 53 -19.72 5.79 50.48
N PRO E 54 -20.89 6.47 50.38
CA PRO E 54 -22.04 5.87 49.70
C PRO E 54 -21.66 5.51 48.27
N GLN E 55 -22.11 4.36 47.79
CA GLN E 55 -21.74 3.88 46.46
C GLN E 55 -22.14 4.86 45.36
N ASN E 56 -23.32 5.45 45.50
CA ASN E 56 -23.86 6.33 44.49
C ASN E 56 -23.09 7.64 44.35
N GLN E 57 -22.60 8.18 45.48
CA GLN E 57 -21.76 9.37 45.45
C GLN E 57 -20.35 9.07 44.94
N LEU E 58 -19.86 7.86 45.20
CA LEU E 58 -18.59 7.43 44.60
C LEU E 58 -18.70 7.52 43.08
N GLY E 59 -19.85 7.09 42.55
CA GLY E 59 -20.13 7.18 41.12
C GLY E 59 -20.16 8.59 40.62
N ARG E 60 -20.82 9.47 41.38
CA ARG E 60 -20.99 10.88 41.02
C ARG E 60 -19.67 11.63 41.03
N LEU E 61 -18.77 11.21 41.93
CA LEU E 61 -17.44 11.79 42.04
C LEU E 61 -16.47 11.26 40.98
N THR E 62 -16.79 10.09 40.41
CA THR E 62 -15.94 9.48 39.38
C THR E 62 -16.58 9.50 38.00
N ALA E 63 -17.61 10.35 37.83
CA ALA E 63 -18.37 10.53 36.58
C ALA E 63 -18.89 9.22 35.99
N ASP E 65 -22.52 6.68 36.24
CA ASP E 65 -23.90 6.56 36.73
C ASP E 65 -24.06 5.38 37.70
N ALA E 66 -25.25 5.28 38.30
CA ALA E 66 -25.56 4.29 39.34
C ALA E 66 -25.27 2.85 38.94
N ALA E 67 -25.62 2.51 37.69
CA ALA E 67 -25.43 1.15 37.17
C ALA E 67 -23.97 0.87 36.85
N THR E 68 -23.32 1.80 36.15
CA THR E 68 -21.91 1.67 35.78
C THR E 68 -21.04 1.50 37.03
N ILE E 69 -21.34 2.27 38.07
CA ILE E 69 -20.56 2.24 39.30
C ILE E 69 -20.84 0.97 40.12
N LYS E 70 -22.10 0.53 40.10
CA LYS E 70 -22.52 -0.72 40.72
C LYS E 70 -21.69 -1.85 40.10
N GLY E 71 -21.54 -1.79 38.78
CA GLY E 71 -20.73 -2.72 38.00
C GLY E 71 -19.28 -2.78 38.47
N VAL E 72 -18.63 -1.61 38.56
CA VAL E 72 -17.19 -1.59 38.89
C VAL E 72 -16.90 -2.05 40.33
N VAL E 73 -17.74 -1.58 41.26
CA VAL E 73 -17.66 -1.95 42.67
C VAL E 73 -17.77 -3.47 42.86
N GLU E 74 -18.67 -4.07 42.08
CA GLU E 74 -18.86 -5.52 42.09
C GLU E 74 -17.62 -6.26 41.55
N ARG E 75 -17.00 -5.70 40.51
CA ARG E 75 -15.75 -6.26 39.97
C ARG E 75 -14.55 -6.07 40.89
N LEU E 76 -14.53 -4.95 41.62
CA LEU E 76 -13.58 -4.75 42.72
C LEU E 76 -13.81 -5.75 43.86
N ASP E 77 -15.09 -6.01 44.14
CA ASP E 77 -15.48 -6.95 45.19
C ASP E 77 -15.08 -8.40 44.88
N LYS E 78 -15.36 -8.83 43.65
CA LYS E 78 -14.96 -10.13 43.12
C LYS E 78 -13.45 -10.36 43.28
N ARG E 79 -12.69 -9.26 43.32
CA ARG E 79 -11.24 -9.29 43.47
C ARG E 79 -10.81 -9.13 44.94
N GLY E 80 -11.80 -9.00 45.83
CA GLY E 80 -11.58 -8.85 47.27
C GLY E 80 -10.99 -7.52 47.67
N LEU E 81 -11.35 -6.45 46.95
CA LEU E 81 -10.71 -5.15 47.12
C LEU E 81 -11.58 -4.08 47.78
N ILE E 82 -12.88 -4.32 47.84
CA ILE E 82 -13.77 -3.40 48.54
C ILE E 82 -14.48 -4.13 49.68
N GLN E 83 -15.07 -3.34 50.58
CA GLN E 83 -15.87 -3.88 51.69
C GLN E 83 -17.01 -2.92 52.01
N ARG E 84 -18.08 -3.46 52.58
CA ARG E 84 -19.26 -2.67 52.95
C ARG E 84 -19.49 -2.72 54.46
N SER E 85 -19.88 -1.58 55.02
CA SER E 85 -20.22 -1.50 56.44
C SER E 85 -21.30 -0.45 56.74
N ALA E 86 -22.00 -0.62 57.85
CA ALA E 86 -23.00 0.33 58.31
C ALA E 86 -22.38 1.69 58.57
N ASP E 87 -23.07 2.71 58.10
CA ASP E 87 -22.74 4.12 58.32
C ASP E 87 -22.88 4.42 59.82
N PRO E 88 -21.81 4.93 60.44
CA PRO E 88 -21.90 5.41 61.82
C PRO E 88 -22.29 6.88 61.92
N ASP E 90 -25.95 6.55 60.88
CA ASP E 90 -27.10 6.06 60.12
C ASP E 90 -26.91 4.59 59.71
N GLY E 91 -27.28 3.68 60.61
CA GLY E 91 -27.15 2.22 60.37
C GLY E 91 -28.06 1.69 59.28
N ARG E 92 -29.02 2.52 58.84
CA ARG E 92 -29.90 2.20 57.73
C ARG E 92 -29.10 2.06 56.43
N ARG E 93 -28.13 2.94 56.22
CA ARG E 93 -27.32 2.88 55.00
C ARG E 93 -25.95 2.22 55.17
N LEU E 94 -25.51 1.57 54.10
CA LEU E 94 -24.19 0.95 54.07
C LEU E 94 -23.22 1.82 53.26
N LEU E 95 -21.99 1.86 53.75
CA LEU E 95 -20.92 2.64 53.12
C LEU E 95 -19.90 1.71 52.46
N VAL E 96 -19.40 2.13 51.30
CA VAL E 96 -18.36 1.39 50.60
C VAL E 96 -16.98 1.98 50.91
N SER E 97 -16.04 1.12 51.28
CA SER E 97 -14.63 1.50 51.47
C SER E 97 -13.69 0.38 51.01
N LEU E 98 -12.39 0.65 51.05
CA LEU E 98 -11.36 -0.33 50.68
C LEU E 98 -11.28 -1.47 51.71
N SER E 99 -11.01 -2.67 51.22
CA SER E 99 -10.51 -3.72 52.10
C SER E 99 -9.00 -3.49 52.20
N PRO E 100 -8.35 -3.98 53.28
CA PRO E 100 -6.88 -3.82 53.38
C PRO E 100 -6.16 -4.27 52.12
N ALA E 101 -6.66 -5.35 51.50
CA ALA E 101 -6.14 -5.81 50.21
C ALA E 101 -6.27 -4.73 49.13
N GLY E 102 -7.41 -4.03 49.10
CA GLY E 102 -7.63 -2.87 48.21
C GLY E 102 -6.72 -1.68 48.51
N ARG E 103 -6.51 -1.42 49.80
CA ARG E 103 -5.60 -0.36 50.26
C ARG E 103 -4.15 -0.62 49.81
N ALA E 104 -3.75 -1.89 49.85
CA ALA E 104 -2.42 -2.31 49.45
C ALA E 104 -2.24 -2.20 47.94
N GLU E 105 -3.27 -2.59 47.19
CA GLU E 105 -3.23 -2.55 45.73
C GLU E 105 -3.14 -1.11 45.22
N LEU E 106 -3.71 -0.19 45.99
CA LEU E 106 -3.70 1.24 45.67
C LEU E 106 -2.31 1.83 45.79
N GLU E 107 -1.65 1.62 46.93
CA GLU E 107 -0.31 2.18 47.18
C GLU E 107 0.72 1.60 46.23
N ALA E 108 0.61 0.30 45.99
CA ALA E 108 1.48 -0.40 45.04
C ALA E 108 1.36 0.11 43.60
N GLY E 109 0.15 0.53 43.20
CA GLY E 109 -0.15 0.93 41.82
C GLY E 109 -0.10 2.42 41.50
N LEU E 110 0.13 3.24 42.53
CA LEU E 110 0.23 4.69 42.37
C LEU E 110 1.36 5.10 41.44
N ALA E 111 2.53 4.50 41.67
CA ALA E 111 3.73 4.73 40.87
C ALA E 111 3.48 4.40 39.39
N ALA E 112 2.82 3.28 39.14
CA ALA E 112 2.46 2.81 37.79
C ALA E 112 1.55 3.80 37.08
N ALA E 113 0.49 4.25 37.76
CA ALA E 113 -0.47 5.21 37.20
C ALA E 113 0.18 6.57 36.96
N ARG E 114 1.02 6.99 37.89
CA ARG E 114 1.81 8.21 37.72
C ARG E 114 2.72 8.12 36.48
N GLU E 115 3.28 6.94 36.24
CA GLU E 115 4.08 6.69 35.04
C GLU E 115 3.24 6.58 33.74
N ILE E 116 2.05 5.95 33.84
CA ILE E 116 1.11 5.89 32.71
C ILE E 116 0.81 7.33 32.26
N ASN E 117 0.57 8.20 33.25
CA ASN E 117 0.25 9.59 33.00
C ASN E 117 1.36 10.39 32.28
N ARG E 118 2.62 10.26 32.71
CA ARG E 118 3.72 10.97 32.04
C ARG E 118 4.01 10.47 30.62
N GLN E 119 3.86 9.15 30.41
CA GLN E 119 3.94 8.56 29.08
C GLN E 119 2.86 9.14 28.17
N ALA E 120 1.63 9.25 28.70
CA ALA E 120 0.52 9.86 27.97
C ALA E 120 0.89 11.26 27.49
N LEU E 121 1.53 12.02 28.38
CA LEU E 121 1.88 13.40 28.10
C LEU E 121 3.30 13.59 27.57
N ALA E 122 4.02 12.49 27.34
CA ALA E 122 5.43 12.54 26.92
C ALA E 122 5.70 13.36 25.64
N PRO E 123 4.83 13.26 24.61
CA PRO E 123 5.07 14.04 23.38
C PRO E 123 5.08 15.56 23.59
N LEU E 124 4.65 16.01 24.76
CA LEU E 124 4.50 17.44 25.05
C LEU E 124 5.55 17.97 26.03
N SER E 125 6.05 19.17 25.78
CA SER E 125 6.89 19.87 26.75
C SER E 125 6.09 20.16 28.03
N LEU E 126 6.77 20.27 29.16
CA LEU E 126 6.09 20.49 30.45
C LEU E 126 5.24 21.78 30.48
N GLN E 127 5.58 22.75 29.63
CA GLN E 127 4.80 23.99 29.49
C GLN E 127 3.54 23.70 28.67
N GLU E 128 3.69 22.90 27.62
CA GLU E 128 2.55 22.48 26.78
C GLU E 128 1.62 21.50 27.49
N GLN E 129 2.16 20.74 28.44
CA GLN E 129 1.36 19.85 29.28
C GLN E 129 0.41 20.61 30.19
N GLU E 130 0.90 21.70 30.78
CA GLU E 130 0.07 22.56 31.61
C GLU E 130 -0.98 23.27 30.78
N THR E 131 -0.56 23.79 29.62
CA THR E 131 -1.48 24.43 28.69
C THR E 131 -2.62 23.46 28.37
N LEU E 132 -2.27 22.24 27.95
CA LEU E 132 -3.26 21.23 27.60
C LEU E 132 -4.17 20.86 28.77
N ARG E 133 -3.59 20.59 29.94
CA ARG E 133 -4.37 20.27 31.15
C ARG E 133 -5.44 21.33 31.41
N GLY E 134 -5.05 22.60 31.25
CA GLY E 134 -5.97 23.75 31.38
C GLY E 134 -7.06 23.71 30.32
N LEU E 135 -6.69 23.93 29.06
CA LEU E 135 -7.62 23.84 27.92
C LEU E 135 -8.58 22.66 28.01
N LEU E 136 -8.02 21.45 28.09
CA LEU E 136 -8.79 20.21 28.13
C LEU E 136 -9.79 20.14 29.28
N ALA E 137 -9.43 20.72 30.43
CA ALA E 137 -10.26 20.68 31.63
C ALA E 137 -11.55 21.47 31.47
N ARG E 138 -11.52 22.48 30.61
CA ARG E 138 -12.71 23.27 30.28
C ARG E 138 -13.68 22.45 29.42
N LEU E 139 -13.21 21.32 28.89
CA LEU E 139 -14.00 20.46 28.00
C LEU E 139 -14.54 19.19 28.68
N ILE E 140 -14.31 19.09 30.00
CA ILE E 140 -14.87 18.02 30.84
C ILE E 140 -16.40 18.00 30.73
N ARG F 8 -4.48 14.07 43.51
CA ARG F 8 -5.93 14.11 43.15
C ARG F 8 -6.21 13.37 41.85
N LEU F 9 -7.31 12.60 41.84
CA LEU F 9 -7.80 11.94 40.64
C LEU F 9 -8.30 12.97 39.61
N ASP F 10 -8.87 14.06 40.12
CA ASP F 10 -9.51 15.07 39.28
C ASP F 10 -8.59 15.86 38.32
N ASP F 11 -7.29 15.64 38.41
CA ASP F 11 -6.36 16.26 37.47
C ASP F 11 -5.56 15.23 36.63
N GLN F 12 -5.80 13.92 36.84
CA GLN F 12 -5.20 12.88 36.01
C GLN F 12 -5.71 12.99 34.57
N ILE F 13 -4.78 13.05 33.62
CA ILE F 13 -5.13 13.20 32.21
C ILE F 13 -6.02 12.07 31.69
N GLY F 14 -5.90 10.87 32.25
CA GLY F 14 -6.76 9.74 31.88
C GLY F 14 -8.22 10.01 32.16
N PHE F 15 -8.50 10.40 33.39
CA PHE F 15 -9.83 10.78 33.87
C PHE F 15 -10.43 12.00 33.11
N ILE F 16 -9.60 13.01 32.85
CA ILE F 16 -9.98 14.17 32.06
C ILE F 16 -10.36 13.78 30.62
N LEU F 17 -9.49 12.99 30.00
CA LEU F 17 -9.74 12.41 28.69
C LEU F 17 -11.05 11.65 28.62
N ARG F 18 -11.31 10.80 29.62
CA ARG F 18 -12.54 10.01 29.62
C ARG F 18 -13.78 10.91 29.68
N GLN F 19 -13.73 11.92 30.55
CA GLN F 19 -14.83 12.87 30.73
C GLN F 19 -15.09 13.72 29.52
N ALA F 20 -14.02 14.23 28.90
CA ALA F 20 -14.17 14.99 27.66
C ALA F 20 -14.72 14.10 26.54
N ASN F 21 -14.29 12.83 26.49
CA ASN F 21 -14.86 11.88 25.52
C ASN F 21 -16.32 11.58 25.82
N GLN F 22 -16.67 11.53 27.11
CA GLN F 22 -18.05 11.35 27.54
C GLN F 22 -18.93 12.53 27.17
N ARG F 23 -18.36 13.73 27.27
CA ARG F 23 -19.06 14.95 26.88
C ARG F 23 -19.31 14.91 25.39
N TYR F 24 -18.29 14.54 24.61
CA TYR F 24 -18.44 14.46 23.18
C TYR F 24 -19.50 13.44 22.79
N ALA F 25 -19.45 12.26 23.41
CA ALA F 25 -20.42 11.21 23.16
C ALA F 25 -21.86 11.75 23.34
N ALA F 26 -22.08 12.48 24.44
CA ALA F 26 -23.36 13.11 24.73
C ALA F 26 -23.79 14.10 23.63
N LEU F 27 -22.98 15.12 23.39
CA LEU F 27 -23.30 16.14 22.37
C LEU F 27 -23.50 15.53 20.98
N PHE F 28 -22.78 14.44 20.69
CA PHE F 28 -22.97 13.77 19.43
C PHE F 28 -24.34 13.07 19.36
N ALA F 29 -24.68 12.33 20.41
CA ALA F 29 -25.93 11.56 20.46
C ALA F 29 -27.14 12.47 20.28
N ASN F 30 -27.07 13.66 20.89
CA ASN F 30 -28.15 14.64 20.85
C ASN F 30 -28.11 15.60 19.66
N GLY F 31 -27.06 15.52 18.86
CA GLY F 31 -26.81 16.53 17.84
C GLY F 31 -26.78 16.06 16.40
N ILE F 32 -26.52 14.76 16.18
CA ILE F 32 -26.25 14.24 14.84
C ILE F 32 -27.49 14.07 14.00
N GLY F 33 -28.61 13.72 14.65
CA GLY F 33 -29.90 13.64 13.96
C GLY F 33 -30.15 12.34 13.23
N ASN F 34 -29.10 11.74 12.66
CA ASN F 34 -29.27 10.53 11.83
C ASN F 34 -29.26 9.18 12.56
N GLY F 35 -28.95 9.20 13.86
CA GLY F 35 -28.96 7.97 14.65
C GLY F 35 -27.67 7.17 14.58
N LEU F 36 -26.66 7.70 13.89
CA LEU F 36 -25.37 7.03 13.81
C LEU F 36 -24.50 7.40 15.00
N THR F 37 -23.70 6.43 15.45
CA THR F 37 -22.72 6.64 16.52
C THR F 37 -21.55 7.45 15.95
N PRO F 38 -20.69 8.00 16.84
CA PRO F 38 -19.51 8.72 16.34
C PRO F 38 -18.57 7.92 15.42
N THR F 39 -18.47 6.60 15.62
CA THR F 39 -17.55 5.77 14.84
C THR F 39 -18.16 5.31 13.52
N GLN F 40 -19.48 5.12 13.52
CA GLN F 40 -20.21 4.83 12.30
C GLN F 40 -20.14 6.02 11.34
N TRP F 41 -20.21 7.22 11.91
CA TRP F 41 -20.12 8.47 11.17
C TRP F 41 -18.71 8.71 10.62
N ALA F 42 -17.70 8.41 11.44
CA ALA F 42 -16.30 8.52 11.06
C ALA F 42 -15.96 7.65 9.84
N ALA F 43 -16.48 6.42 9.84
CA ALA F 43 -16.29 5.52 8.72
C ALA F 43 -16.98 6.04 7.47
N LEU F 44 -18.20 6.57 7.65
CA LEU F 44 -18.98 7.17 6.55
C LEU F 44 -18.26 8.39 5.96
N VAL F 45 -17.75 9.26 6.84
CA VAL F 45 -16.95 10.41 6.43
C VAL F 45 -15.68 9.98 5.68
N ARG F 46 -14.93 9.02 6.24
CA ARG F 46 -13.70 8.55 5.62
C ARG F 46 -13.95 8.01 4.21
N LEU F 47 -15.06 7.31 4.00
CA LEU F 47 -15.38 6.76 2.69
C LEU F 47 -15.72 7.86 1.68
N GLY F 48 -16.27 8.97 2.17
CA GLY F 48 -16.44 10.17 1.34
C GLY F 48 -15.13 10.72 0.81
N GLU F 49 -14.04 10.50 1.54
CA GLU F 49 -12.72 11.01 1.17
C GLU F 49 -11.96 10.06 0.24
N THR F 50 -12.08 8.76 0.50
CA THR F 50 -11.20 7.77 -0.08
C THR F 50 -11.77 7.08 -1.31
N GLY F 51 -13.08 7.11 -1.46
CA GLY F 51 -13.78 6.26 -2.41
C GLY F 51 -13.62 4.83 -1.90
N PRO F 52 -13.86 3.84 -2.78
CA PRO F 52 -13.79 2.41 -2.41
C PRO F 52 -12.45 2.01 -1.77
N CYS F 53 -12.57 1.32 -0.63
CA CYS F 53 -11.45 1.08 0.27
C CYS F 53 -11.61 -0.30 0.89
N PRO F 54 -10.51 -1.09 0.95
CA PRO F 54 -10.51 -2.37 1.66
C PRO F 54 -10.96 -2.18 3.09
N GLN F 55 -11.82 -3.08 3.57
CA GLN F 55 -12.48 -2.90 4.86
C GLN F 55 -11.53 -2.75 6.04
N ASN F 56 -10.48 -3.55 6.08
CA ASN F 56 -9.48 -3.46 7.14
C ASN F 56 -8.64 -2.19 7.02
N GLN F 57 -8.33 -1.81 5.78
CA GLN F 57 -7.60 -0.56 5.54
C GLN F 57 -8.42 0.64 6.00
N LEU F 58 -9.74 0.56 5.83
CA LEU F 58 -10.63 1.62 6.29
C LEU F 58 -10.59 1.71 7.81
N GLY F 59 -10.50 0.55 8.48
CA GLY F 59 -10.36 0.45 9.92
C GLY F 59 -9.07 1.10 10.36
N ARG F 60 -7.98 0.78 9.66
CA ARG F 60 -6.66 1.32 9.95
C ARG F 60 -6.55 2.82 9.67
N LEU F 61 -7.52 3.39 8.96
CA LEU F 61 -7.53 4.85 8.74
C LEU F 61 -8.48 5.55 9.72
N THR F 62 -9.30 4.78 10.43
CA THR F 62 -10.26 5.35 11.36
C THR F 62 -10.04 4.84 12.79
N ALA F 63 -8.80 4.42 13.08
CA ALA F 63 -8.40 3.90 14.40
C ALA F 63 -9.33 2.83 14.97
N ASP F 65 -9.91 -1.61 14.88
CA ASP F 65 -9.37 -2.92 14.54
C ASP F 65 -10.35 -3.65 13.60
N ALA F 66 -9.94 -4.83 13.11
CA ALA F 66 -10.70 -5.58 12.12
C ALA F 66 -12.11 -5.92 12.58
N ALA F 67 -12.24 -6.36 13.84
CA ALA F 67 -13.55 -6.67 14.40
C ALA F 67 -14.41 -5.40 14.47
N THR F 68 -13.89 -4.39 15.17
CA THR F 68 -14.58 -3.11 15.41
C THR F 68 -15.11 -2.51 14.11
N ILE F 69 -14.25 -2.43 13.09
CA ILE F 69 -14.66 -1.84 11.81
C ILE F 69 -15.74 -2.67 11.12
N LYS F 70 -15.63 -4.00 11.22
CA LYS F 70 -16.60 -4.92 10.62
C LYS F 70 -17.99 -4.69 11.20
N GLY F 71 -18.03 -4.42 12.50
CA GLY F 71 -19.27 -4.13 13.20
C GLY F 71 -19.98 -2.88 12.68
N VAL F 72 -19.24 -1.78 12.49
CA VAL F 72 -19.86 -0.54 12.01
C VAL F 72 -20.24 -0.65 10.54
N VAL F 73 -19.44 -1.40 9.78
CA VAL F 73 -19.72 -1.63 8.35
C VAL F 73 -20.97 -2.52 8.17
N GLU F 74 -21.11 -3.54 9.02
CA GLU F 74 -22.31 -4.36 9.08
C GLU F 74 -23.54 -3.50 9.31
N ARG F 75 -23.46 -2.66 10.35
CA ARG F 75 -24.58 -1.86 10.80
C ARG F 75 -24.79 -0.63 9.92
N LEU F 76 -23.87 -0.41 8.99
CA LEU F 76 -23.97 0.62 7.97
C LEU F 76 -24.63 0.02 6.71
N ASP F 77 -24.41 -1.27 6.51
CA ASP F 77 -24.98 -1.98 5.36
C ASP F 77 -26.49 -2.19 5.49
N LYS F 78 -26.92 -2.57 6.69
CA LYS F 78 -28.33 -2.79 6.97
C LYS F 78 -29.10 -1.46 6.91
N ARG F 79 -28.39 -0.35 7.12
CA ARG F 79 -28.96 0.99 6.95
C ARG F 79 -28.91 1.45 5.50
N GLY F 80 -28.30 0.63 4.62
CA GLY F 80 -28.21 0.90 3.19
C GLY F 80 -27.24 1.99 2.78
N LEU F 81 -26.29 2.31 3.67
CA LEU F 81 -25.37 3.43 3.44
C LEU F 81 -24.06 3.01 2.76
N ILE F 82 -23.76 1.72 2.76
CA ILE F 82 -22.55 1.21 2.13
C ILE F 82 -22.80 0.03 1.19
N GLN F 83 -21.88 -0.15 0.25
CA GLN F 83 -21.90 -1.29 -0.65
C GLN F 83 -20.55 -2.00 -0.59
N ARG F 84 -20.61 -3.33 -0.59
CA ARG F 84 -19.44 -4.18 -0.63
C ARG F 84 -19.29 -4.79 -2.01
N SER F 85 -18.08 -4.76 -2.55
CA SER F 85 -17.81 -5.35 -3.85
C SER F 85 -16.40 -5.93 -3.90
N ALA F 86 -16.15 -6.83 -4.84
CA ALA F 86 -14.84 -7.48 -5.00
C ALA F 86 -13.78 -6.47 -5.44
N ASP F 87 -12.61 -6.54 -4.80
CA ASP F 87 -11.46 -5.76 -5.16
C ASP F 87 -10.96 -6.27 -6.50
N PRO F 88 -10.99 -5.42 -7.56
CA PRO F 88 -10.60 -5.89 -8.90
C PRO F 88 -9.13 -6.27 -9.00
N ASP F 89 -8.30 -5.75 -8.09
CA ASP F 89 -6.88 -6.01 -8.15
C ASP F 89 -6.46 -7.21 -7.29
N ASP F 90 -7.30 -7.56 -6.32
CA ASP F 90 -7.12 -8.73 -5.48
C ASP F 90 -8.48 -9.28 -5.03
N GLY F 91 -8.93 -10.33 -5.73
CA GLY F 91 -10.23 -10.96 -5.51
C GLY F 91 -10.41 -11.64 -4.17
N ARG F 92 -9.31 -11.91 -3.47
CA ARG F 92 -9.35 -12.27 -2.04
C ARG F 92 -10.05 -11.19 -1.20
N ARG F 93 -10.04 -9.95 -1.68
CA ARG F 93 -10.45 -8.81 -0.85
C ARG F 93 -11.79 -8.19 -1.22
N LEU F 94 -12.31 -7.45 -0.25
CA LEU F 94 -13.60 -6.82 -0.35
C LEU F 94 -13.37 -5.33 -0.22
N LEU F 95 -13.99 -4.58 -1.12
CA LEU F 95 -13.88 -3.13 -1.12
C LEU F 95 -15.18 -2.58 -0.57
N VAL F 96 -15.07 -1.70 0.42
CA VAL F 96 -16.23 -1.00 1.00
C VAL F 96 -16.37 0.37 0.34
N SER F 97 -17.60 0.70 -0.02
CA SER F 97 -17.88 1.87 -0.81
C SER F 97 -19.18 2.53 -0.34
N LEU F 98 -19.32 3.84 -0.55
CA LEU F 98 -20.52 4.57 -0.15
C LEU F 98 -21.67 4.36 -1.15
N SER F 99 -22.88 4.12 -0.63
CA SER F 99 -24.12 4.13 -1.42
C SER F 99 -24.44 5.52 -1.96
N PRO F 100 -25.33 5.60 -2.97
CA PRO F 100 -25.99 6.89 -3.25
C PRO F 100 -26.73 7.41 -1.99
N ALA F 101 -27.37 6.50 -1.26
CA ALA F 101 -28.04 6.79 -0.01
C ALA F 101 -27.04 7.25 1.06
N GLY F 102 -25.96 6.47 1.21
CA GLY F 102 -24.84 6.77 2.08
C GLY F 102 -24.20 8.12 1.82
N ARG F 103 -24.03 8.49 0.54
CA ARG F 103 -23.39 9.77 0.28
C ARG F 103 -24.33 10.98 0.44
N ALA F 104 -25.63 10.73 0.31
CA ALA F 104 -26.66 11.73 0.63
C ALA F 104 -26.79 11.91 2.16
N GLU F 105 -26.68 10.80 2.89
CA GLU F 105 -26.70 10.82 4.36
C GLU F 105 -25.51 11.60 4.93
N LEU F 106 -24.36 11.43 4.29
CA LEU F 106 -23.15 12.18 4.60
C LEU F 106 -23.32 13.68 4.34
N GLU F 107 -23.86 14.06 3.19
CA GLU F 107 -24.16 15.48 2.89
C GLU F 107 -25.26 16.09 3.78
N ALA F 108 -26.23 15.28 4.18
CA ALA F 108 -27.31 15.76 5.03
C ALA F 108 -26.82 15.95 6.46
N GLY F 109 -25.74 15.24 6.83
CA GLY F 109 -25.28 15.22 8.21
C GLY F 109 -24.17 16.21 8.53
N LEU F 110 -23.49 16.69 7.50
CA LEU F 110 -22.32 17.57 7.67
C LEU F 110 -22.59 18.82 8.51
N ALA F 111 -23.75 19.45 8.31
CA ALA F 111 -24.17 20.63 9.07
C ALA F 111 -24.26 20.34 10.57
N ALA F 112 -24.91 19.22 10.91
CA ALA F 112 -25.07 18.77 12.28
C ALA F 112 -23.73 18.38 12.92
N ALA F 113 -22.86 17.74 12.14
CA ALA F 113 -21.53 17.32 12.58
C ALA F 113 -20.62 18.51 12.90
N ARG F 114 -20.76 19.59 12.13
CA ARG F 114 -20.06 20.83 12.41
C ARG F 114 -20.58 21.45 13.69
N GLU F 115 -21.91 21.49 13.83
CA GLU F 115 -22.55 22.12 14.99
C GLU F 115 -22.11 21.46 16.27
N ILE F 116 -22.12 20.12 16.29
CA ILE F 116 -21.57 19.31 17.39
C ILE F 116 -20.14 19.74 17.72
N ASN F 117 -19.32 19.90 16.69
CA ASN F 117 -17.93 20.28 16.84
C ASN F 117 -17.66 21.70 17.36
N ARG F 118 -18.44 22.67 16.89
CA ARG F 118 -18.39 24.05 17.41
C ARG F 118 -18.82 24.08 18.87
N GLN F 119 -19.80 23.22 19.16
CA GLN F 119 -20.44 23.09 20.45
C GLN F 119 -19.62 22.26 21.47
N ALA F 120 -18.84 21.30 20.98
CA ALA F 120 -17.83 20.61 21.79
C ALA F 120 -16.71 21.57 22.22
N LEU F 121 -16.32 22.44 21.30
CA LEU F 121 -15.24 23.39 21.54
C LEU F 121 -15.70 24.76 22.08
N ALA F 122 -17.02 24.90 22.35
CA ALA F 122 -17.61 26.21 22.77
C ALA F 122 -16.95 26.90 23.97
N PRO F 123 -16.58 26.14 25.03
CA PRO F 123 -15.94 26.74 26.21
C PRO F 123 -14.61 27.46 25.94
N LEU F 124 -14.10 27.33 24.72
CA LEU F 124 -12.80 27.85 24.35
C LEU F 124 -12.91 28.91 23.28
N SER F 125 -12.10 29.97 23.40
CA SER F 125 -12.02 30.99 22.35
C SER F 125 -11.41 30.37 21.08
N LEU F 126 -11.53 31.07 19.96
CA LEU F 126 -11.07 30.54 18.68
C LEU F 126 -9.59 30.17 18.65
N GLN F 127 -8.73 31.02 19.23
CA GLN F 127 -7.29 30.73 19.30
C GLN F 127 -7.00 29.54 20.18
N GLU F 128 -7.64 29.50 21.35
CA GLU F 128 -7.53 28.40 22.30
C GLU F 128 -7.84 27.01 21.71
N GLN F 129 -8.73 26.97 20.71
CA GLN F 129 -9.09 25.72 20.03
C GLN F 129 -8.03 25.28 19.03
N GLU F 130 -7.38 26.25 18.40
CA GLU F 130 -6.24 25.95 17.53
C GLU F 130 -5.11 25.36 18.36
N THR F 131 -4.85 25.97 19.51
CA THR F 131 -3.82 25.52 20.43
C THR F 131 -4.15 24.11 20.93
N LEU F 132 -5.41 23.89 21.29
CA LEU F 132 -5.86 22.60 21.80
C LEU F 132 -5.75 21.48 20.76
N ARG F 133 -6.28 21.72 19.57
CA ARG F 133 -6.25 20.70 18.50
C ARG F 133 -4.84 20.26 18.14
N GLY F 134 -3.90 21.21 18.10
CA GLY F 134 -2.51 20.93 17.80
C GLY F 134 -1.90 20.04 18.86
N LEU F 135 -2.02 20.47 20.11
CA LEU F 135 -1.53 19.73 21.28
C LEU F 135 -2.15 18.35 21.42
N LEU F 136 -3.47 18.29 21.27
CA LEU F 136 -4.20 17.06 21.47
C LEU F 136 -3.93 16.07 20.34
N ALA F 137 -3.63 16.62 19.16
CA ALA F 137 -3.25 15.85 17.98
C ALA F 137 -1.94 15.09 18.20
N ARG F 138 -1.11 15.65 19.07
CA ARG F 138 0.18 15.04 19.35
C ARG F 138 0.06 13.93 20.40
N LEU F 139 -1.16 13.63 20.82
CA LEU F 139 -1.45 12.57 21.78
C LEU F 139 -2.32 11.45 21.20
N ILE F 140 -2.62 11.57 19.90
CA ILE F 140 -3.17 10.50 19.07
C ILE F 140 -2.41 9.18 19.29
N ARG G 8 44.60 10.19 -6.74
CA ARG G 8 44.20 11.50 -6.16
C ARG G 8 42.81 11.44 -5.53
N LEU G 9 42.44 12.50 -4.80
CA LEU G 9 41.12 12.59 -4.14
C LEU G 9 39.95 12.43 -5.11
N ASP G 10 40.12 12.92 -6.33
CA ASP G 10 39.10 12.83 -7.36
C ASP G 10 38.73 11.38 -7.71
N ASP G 11 39.61 10.45 -7.35
CA ASP G 11 39.43 9.04 -7.69
C ASP G 11 38.95 8.21 -6.50
N GLN G 12 38.81 8.84 -5.33
CA GLN G 12 38.29 8.20 -4.12
C GLN G 12 36.79 7.95 -4.21
N ILE G 13 36.35 6.73 -3.90
CA ILE G 13 34.93 6.37 -3.96
C ILE G 13 34.01 7.21 -3.08
N GLY G 14 34.40 7.50 -1.86
CA GLY G 14 33.59 8.33 -0.97
C GLY G 14 33.34 9.73 -1.52
N PHE G 15 34.38 10.30 -2.12
CA PHE G 15 34.30 11.64 -2.73
C PHE G 15 33.42 11.60 -3.96
N ILE G 16 33.64 10.60 -4.81
CA ILE G 16 32.83 10.41 -6.00
C ILE G 16 31.36 10.15 -5.64
N LEU G 17 31.11 9.38 -4.59
CA LEU G 17 29.72 9.12 -4.16
C LEU G 17 29.02 10.36 -3.66
N ARG G 18 29.74 11.22 -2.94
CA ARG G 18 29.14 12.45 -2.45
C ARG G 18 28.79 13.39 -3.63
N GLN G 19 29.68 13.46 -4.62
CA GLN G 19 29.49 14.35 -5.77
C GLN G 19 28.29 13.90 -6.57
N ALA G 20 28.16 12.59 -6.72
CA ALA G 20 27.03 11.99 -7.42
C ALA G 20 25.72 12.33 -6.69
N ASN G 21 25.73 12.19 -5.36
CA ASN G 21 24.61 12.61 -4.52
C ASN G 21 24.27 14.10 -4.64
N GLN G 22 25.28 14.95 -4.56
CA GLN G 22 25.07 16.40 -4.66
C GLN G 22 24.50 16.80 -6.03
N ARG G 23 25.01 16.17 -7.08
CA ARG G 23 24.51 16.38 -8.43
C ARG G 23 23.04 15.95 -8.55
N TYR G 24 22.72 14.79 -7.97
CA TYR G 24 21.34 14.31 -7.96
C TYR G 24 20.41 15.25 -7.17
N ALA G 25 20.89 15.75 -6.05
CA ALA G 25 20.14 16.71 -5.22
C ALA G 25 19.84 18.01 -5.98
N ALA G 26 20.76 18.44 -6.84
CA ALA G 26 20.57 19.66 -7.61
C ALA G 26 19.50 19.49 -8.68
N LEU G 27 19.52 18.34 -9.35
CA LEU G 27 18.53 18.02 -10.37
C LEU G 27 17.15 17.84 -9.73
N PHE G 28 17.13 17.14 -8.59
CA PHE G 28 15.87 16.91 -7.89
C PHE G 28 15.22 18.25 -7.54
N ALA G 29 15.96 19.10 -6.80
CA ALA G 29 15.46 20.40 -6.34
C ALA G 29 14.94 21.25 -7.50
N ASN G 30 15.41 20.96 -8.71
CA ASN G 30 15.04 21.75 -9.86
C ASN G 30 13.90 21.13 -10.68
N GLY G 31 13.69 19.83 -10.51
CA GLY G 31 12.68 19.12 -11.31
C GLY G 31 11.44 18.61 -10.60
N ILE G 32 11.49 18.47 -9.27
CA ILE G 32 10.39 17.83 -8.56
C ILE G 32 9.07 18.62 -8.62
N GLY G 33 9.16 19.95 -8.48
CA GLY G 33 8.00 20.82 -8.71
C GLY G 33 7.00 20.90 -7.56
N ASN G 34 7.24 20.09 -6.50
CA ASN G 34 6.31 20.05 -5.37
C ASN G 34 6.88 20.57 -4.03
N GLY G 35 8.11 21.20 -4.13
CA GLY G 35 8.75 21.73 -2.93
C GLY G 35 9.32 20.68 -1.98
N LEU G 36 9.16 19.39 -2.31
CA LEU G 36 9.64 18.29 -1.46
C LEU G 36 11.12 17.92 -1.64
N THR G 37 11.78 17.59 -0.53
CA THR G 37 13.15 17.06 -0.54
C THR G 37 13.13 15.58 -1.00
N PRO G 38 14.27 15.06 -1.50
CA PRO G 38 14.35 13.66 -1.94
C PRO G 38 13.86 12.64 -0.91
N THR G 39 14.04 12.94 0.37
CA THR G 39 13.63 12.02 1.43
C THR G 39 12.17 12.20 1.78
N GLN G 40 11.71 13.45 1.80
CA GLN G 40 10.28 13.75 1.93
C GLN G 40 9.50 12.97 0.86
N TRP G 41 9.98 13.06 -0.37
CA TRP G 41 9.43 12.31 -1.51
C TRP G 41 9.52 10.78 -1.34
N ALA G 42 10.65 10.31 -0.80
CA ALA G 42 10.90 8.88 -0.51
C ALA G 42 9.88 8.28 0.47
N ALA G 43 9.58 9.02 1.53
CA ALA G 43 8.54 8.62 2.48
C ALA G 43 7.15 8.54 1.82
N LEU G 44 6.84 9.51 0.94
CA LEU G 44 5.58 9.48 0.20
C LEU G 44 5.47 8.25 -0.71
N VAL G 45 6.52 8.02 -1.50
CA VAL G 45 6.61 6.85 -2.37
C VAL G 45 6.41 5.51 -1.62
N ARG G 46 7.17 5.28 -0.54
CA ARG G 46 7.03 4.08 0.29
C ARG G 46 5.61 3.90 0.86
N LEU G 47 4.97 4.99 1.30
CA LEU G 47 3.57 4.95 1.70
C LEU G 47 2.61 4.47 0.61
N GLY G 48 2.80 4.94 -0.61
CA GLY G 48 2.08 4.40 -1.76
C GLY G 48 2.22 2.88 -1.78
N GLU G 49 3.45 2.42 -1.56
CA GLU G 49 3.77 0.99 -1.60
C GLU G 49 3.14 0.18 -0.47
N THR G 50 3.25 0.71 0.76
CA THR G 50 2.94 -0.07 1.97
C THR G 50 1.51 0.04 2.45
N GLY G 51 0.88 1.20 2.24
CA GLY G 51 -0.35 1.55 2.94
C GLY G 51 0.01 2.13 4.31
N PRO G 52 -0.99 2.27 5.22
CA PRO G 52 -0.76 2.80 6.58
C PRO G 52 0.35 2.06 7.35
N CYS G 53 1.27 2.81 7.96
CA CYS G 53 2.51 2.23 8.45
C CYS G 53 2.99 3.01 9.68
N PRO G 54 3.48 2.28 10.70
CA PRO G 54 4.10 2.93 11.87
C PRO G 54 5.24 3.84 11.46
N GLN G 55 5.27 5.04 12.03
CA GLN G 55 6.29 6.05 11.75
C GLN G 55 7.73 5.55 11.66
N ASN G 56 8.23 4.92 12.73
CA ASN G 56 9.61 4.41 12.78
C ASN G 56 9.89 3.24 11.84
N GLN G 57 8.87 2.41 11.63
CA GLN G 57 8.93 1.37 10.61
C GLN G 57 9.06 2.00 9.21
N LEU G 58 8.37 3.10 8.96
CA LEU G 58 8.49 3.79 7.67
C LEU G 58 9.91 4.32 7.45
N GLY G 59 10.53 4.85 8.51
CA GLY G 59 11.92 5.25 8.49
C GLY G 59 12.82 4.07 8.21
N ARG G 60 12.59 2.96 8.91
CA ARG G 60 13.39 1.76 8.75
C ARG G 60 13.25 1.15 7.36
N LEU G 61 12.19 1.55 6.63
CA LEU G 61 11.93 1.07 5.28
C LEU G 61 12.48 2.02 4.22
N THR G 62 12.99 3.17 4.67
CA THR G 62 13.50 4.24 3.80
C THR G 62 14.85 4.80 4.28
N ALA G 63 15.59 3.98 5.02
CA ALA G 63 16.89 4.32 5.56
C ALA G 63 16.97 5.63 6.37
N ASP G 65 16.62 7.44 10.38
CA ASP G 65 16.56 7.54 11.86
C ASP G 65 15.14 7.78 12.36
N ALA G 66 14.91 7.47 13.64
CA ALA G 66 13.67 7.87 14.33
C ALA G 66 13.47 9.37 14.20
N ALA G 67 14.53 10.12 14.49
CA ALA G 67 14.53 11.58 14.44
C ALA G 67 14.37 12.09 13.02
N THR G 68 15.11 11.50 12.08
CA THR G 68 15.09 11.94 10.68
C THR G 68 13.72 11.73 10.06
N ILE G 69 13.10 10.59 10.35
CA ILE G 69 11.79 10.25 9.80
C ILE G 69 10.69 11.08 10.45
N LYS G 70 10.90 11.45 11.71
CA LYS G 70 9.97 12.26 12.49
C LYS G 70 9.76 13.63 11.84
N GLY G 71 10.86 14.27 11.42
CA GLY G 71 10.83 15.57 10.77
C GLY G 71 10.20 15.56 9.38
N VAL G 72 10.39 14.49 8.61
CA VAL G 72 9.81 14.46 7.26
C VAL G 72 8.31 14.17 7.30
N VAL G 73 7.86 13.47 8.34
CA VAL G 73 6.44 13.22 8.55
C VAL G 73 5.82 14.51 9.10
N GLU G 74 6.57 15.21 9.95
CA GLU G 74 6.21 16.55 10.40
C GLU G 74 5.88 17.41 9.19
N ARG G 75 6.86 17.58 8.32
CA ARG G 75 6.75 18.46 7.16
C ARG G 75 5.66 18.03 6.19
N LEU G 76 5.52 16.72 5.99
CA LEU G 76 4.48 16.16 5.13
C LEU G 76 3.06 16.39 5.66
N ASP G 77 2.88 16.15 6.97
CA ASP G 77 1.59 16.36 7.65
C ASP G 77 1.23 17.85 7.76
N LYS G 78 2.26 18.70 7.79
CA LYS G 78 2.09 20.15 7.76
C LYS G 78 1.56 20.60 6.40
N ARG G 79 1.62 19.70 5.42
CA ARG G 79 1.21 20.00 4.04
C ARG G 79 -0.07 19.29 3.60
N GLY G 80 -0.54 18.34 4.40
CA GLY G 80 -1.76 17.61 4.09
C GLY G 80 -1.61 16.42 3.16
N LEU G 81 -0.38 16.01 2.91
CA LEU G 81 -0.11 14.86 2.06
C LEU G 81 -0.17 13.53 2.82
N ILE G 82 -0.08 13.59 4.15
CA ILE G 82 -0.20 12.40 4.97
C ILE G 82 -1.15 12.64 6.14
N GLN G 83 -1.64 11.56 6.72
CA GLN G 83 -2.43 11.62 7.94
C GLN G 83 -1.85 10.66 8.97
N ARG G 84 -1.92 11.08 10.23
CA ARG G 84 -1.51 10.24 11.35
C ARG G 84 -2.73 9.80 12.15
N SER G 85 -2.75 8.53 12.53
CA SER G 85 -3.86 7.98 13.31
C SER G 85 -3.42 6.83 14.21
N ALA G 86 -4.08 6.71 15.35
CA ALA G 86 -3.78 5.67 16.33
C ALA G 86 -3.81 4.29 15.70
N ASP G 87 -2.79 3.48 15.98
CA ASP G 87 -2.73 2.12 15.49
C ASP G 87 -3.81 1.29 16.20
N PRO G 88 -4.74 0.70 15.41
CA PRO G 88 -5.86 -0.10 15.90
C PRO G 88 -5.46 -1.30 16.75
N ASP G 89 -4.27 -1.84 16.51
CA ASP G 89 -3.82 -3.05 17.21
C ASP G 89 -2.81 -2.76 18.33
N ASP G 90 -2.58 -1.48 18.61
CA ASP G 90 -1.64 -1.03 19.63
C ASP G 90 -1.68 0.48 19.69
N GLY G 91 -2.47 1.00 20.64
CA GLY G 91 -2.69 2.43 20.81
C GLY G 91 -1.46 3.29 21.01
N ARG G 92 -0.37 2.67 21.48
CA ARG G 92 0.89 3.36 21.68
C ARG G 92 1.54 3.77 20.37
N ARG G 93 1.22 3.03 19.30
CA ARG G 93 1.79 3.28 17.98
C ARG G 93 0.94 4.24 17.13
N LEU G 94 1.61 4.92 16.20
CA LEU G 94 0.99 5.91 15.35
C LEU G 94 1.21 5.52 13.89
N LEU G 95 0.12 5.27 13.18
CA LEU G 95 0.16 4.95 11.75
C LEU G 95 0.26 6.21 10.89
N VAL G 96 1.05 6.13 9.83
CA VAL G 96 1.15 7.19 8.83
C VAL G 96 0.53 6.68 7.53
N SER G 97 -0.30 7.52 6.90
CA SER G 97 -0.95 7.16 5.66
C SER G 97 -0.95 8.33 4.72
N LEU G 98 -1.03 8.05 3.42
CA LEU G 98 -1.31 9.05 2.42
C LEU G 98 -2.75 9.57 2.50
N SER G 99 -2.88 10.89 2.39
CA SER G 99 -4.14 11.55 2.11
C SER G 99 -4.54 11.24 0.67
N PRO G 100 -5.84 11.39 0.33
CA PRO G 100 -6.25 11.53 -1.06
C PRO G 100 -5.35 12.52 -1.83
N ALA G 101 -5.03 13.65 -1.18
CA ALA G 101 -4.07 14.63 -1.71
C ALA G 101 -2.72 13.99 -1.95
N GLY G 102 -2.14 13.43 -0.89
CA GLY G 102 -0.83 12.77 -0.95
C GLY G 102 -0.79 11.66 -1.98
N ARG G 103 -1.88 10.90 -2.04
CA ARG G 103 -2.05 9.82 -3.03
C ARG G 103 -1.99 10.40 -4.45
N ALA G 104 -2.62 11.55 -4.65
CA ALA G 104 -2.65 12.23 -5.96
C ALA G 104 -1.38 13.03 -6.25
N GLU G 105 -0.78 13.62 -5.20
CA GLU G 105 0.52 14.27 -5.28
C GLU G 105 1.62 13.30 -5.68
N LEU G 106 1.47 12.05 -5.28
CA LEU G 106 2.37 10.99 -5.73
C LEU G 106 2.26 10.88 -7.26
N GLU G 107 1.04 10.69 -7.76
CA GLU G 107 0.75 10.76 -9.20
C GLU G 107 0.57 12.21 -9.62
N GLY G 109 3.35 14.40 -9.81
CA GLY G 109 4.34 13.83 -8.89
C GLY G 109 5.35 12.91 -9.54
N LEU G 110 4.94 11.69 -9.88
CA LEU G 110 5.84 10.62 -10.34
C LEU G 110 6.54 10.90 -11.67
N ALA G 111 5.88 11.66 -12.54
CA ALA G 111 6.41 11.98 -13.86
C ALA G 111 7.66 12.83 -13.77
N ALA G 112 7.64 13.85 -12.92
CA ALA G 112 8.77 14.74 -12.69
C ALA G 112 9.97 13.96 -12.16
N ALA G 113 9.68 13.03 -11.24
CA ALA G 113 10.67 12.14 -10.63
C ALA G 113 11.40 11.28 -11.67
N ARG G 114 10.66 10.74 -12.63
CA ARG G 114 11.26 9.96 -13.72
C ARG G 114 12.10 10.82 -14.66
N GLU G 115 11.64 12.04 -14.90
CA GLU G 115 12.42 13.02 -15.64
C GLU G 115 13.71 13.40 -14.88
N ILE G 116 13.58 13.65 -13.58
CA ILE G 116 14.73 13.96 -12.72
C ILE G 116 15.80 12.89 -12.86
N ASN G 117 15.39 11.63 -12.78
CA ASN G 117 16.34 10.53 -12.74
C ASN G 117 16.92 10.16 -14.11
N ARG G 118 16.14 10.35 -15.17
CA ARG G 118 16.68 10.14 -16.52
C ARG G 118 17.68 11.22 -16.92
N GLN G 119 17.53 12.41 -16.34
CA GLN G 119 18.50 13.51 -16.50
C GLN G 119 19.80 13.21 -15.76
N ALA G 120 19.69 12.64 -14.57
CA ALA G 120 20.83 12.26 -13.75
C ALA G 120 21.66 11.20 -14.47
N LEU G 121 20.97 10.34 -15.21
CA LEU G 121 21.60 9.22 -15.89
C LEU G 121 21.86 9.47 -17.38
N ALA G 122 21.47 10.64 -17.88
CA ALA G 122 21.67 11.01 -19.29
C ALA G 122 23.11 10.93 -19.83
N PRO G 123 24.13 11.25 -19.00
CA PRO G 123 25.52 11.02 -19.46
C PRO G 123 25.84 9.58 -19.90
N LEU G 124 25.00 8.62 -19.48
CA LEU G 124 25.17 7.21 -19.77
C LEU G 124 24.13 6.71 -20.78
N SER G 125 24.51 5.69 -21.57
CA SER G 125 23.55 5.02 -22.46
C SER G 125 22.71 4.01 -21.68
N LEU G 126 21.67 3.46 -22.32
CA LEU G 126 20.74 2.52 -21.69
C LEU G 126 21.44 1.36 -21.00
N GLN G 127 22.40 0.76 -21.70
CA GLN G 127 23.11 -0.41 -21.20
C GLN G 127 24.10 -0.07 -20.09
N GLU G 128 24.51 1.19 -20.04
CA GLU G 128 25.37 1.69 -18.98
C GLU G 128 24.57 2.06 -17.73
N GLN G 129 23.35 2.57 -17.91
CA GLN G 129 22.45 2.87 -16.80
C GLN G 129 21.93 1.58 -16.17
N GLU G 130 21.84 0.55 -17.00
CA GLU G 130 21.53 -0.82 -16.59
C GLU G 130 22.63 -1.34 -15.64
N THR G 131 23.87 -1.29 -16.12
CA THR G 131 25.04 -1.80 -15.41
C THR G 131 25.27 -1.05 -14.10
N LEU G 132 25.16 0.28 -14.16
CA LEU G 132 25.42 1.14 -13.00
C LEU G 132 24.45 0.85 -11.85
N ARG G 133 23.15 0.84 -12.17
CA ARG G 133 22.10 0.53 -11.19
C ARG G 133 22.34 -0.79 -10.46
N GLY G 134 22.88 -1.78 -11.18
CA GLY G 134 23.24 -3.07 -10.60
C GLY G 134 24.43 -3.01 -9.65
N LEU G 135 25.51 -2.40 -10.13
CA LEU G 135 26.75 -2.24 -9.35
C LEU G 135 26.52 -1.42 -8.08
N LEU G 136 25.85 -0.27 -8.24
CA LEU G 136 25.49 0.64 -7.15
C LEU G 136 24.58 0.01 -6.10
N ALA G 137 23.58 -0.75 -6.54
CA ALA G 137 22.68 -1.46 -5.65
C ALA G 137 23.44 -2.35 -4.68
N ARG G 138 24.53 -2.96 -5.15
CA ARG G 138 25.37 -3.83 -4.33
C ARG G 138 26.09 -3.07 -3.22
N LEU G 139 26.01 -1.73 -3.25
CA LEU G 139 26.73 -0.86 -2.31
C LEU G 139 25.81 -0.11 -1.37
N ILE G 140 24.54 -0.46 -1.42
CA ILE G 140 23.51 -0.02 -0.47
C ILE G 140 23.92 -0.34 1.00
N ARG H 8 9.30 0.42 -7.87
CA ARG H 8 9.62 0.49 -6.41
C ARG H 8 10.70 1.54 -6.10
N LEU H 9 10.58 2.12 -4.90
CA LEU H 9 11.55 3.10 -4.40
C LEU H 9 12.97 2.54 -4.39
N ASP H 10 13.08 1.24 -4.15
CA ASP H 10 14.36 0.54 -4.03
C ASP H 10 15.14 0.46 -5.34
N ASP H 11 14.47 0.77 -6.46
CA ASP H 11 15.12 0.77 -7.77
C ASP H 11 15.48 2.18 -8.26
N GLN H 12 15.10 3.21 -7.49
CA GLN H 12 15.34 4.61 -7.84
C GLN H 12 16.79 4.99 -7.57
N ILE H 13 17.42 5.66 -8.54
CA ILE H 13 18.82 6.13 -8.43
C ILE H 13 19.11 6.98 -7.17
N GLY H 14 18.22 7.90 -6.84
CA GLY H 14 18.39 8.76 -5.67
C GLY H 14 18.45 8.01 -4.35
N PHE H 15 17.48 7.13 -4.14
CA PHE H 15 17.41 6.27 -2.97
C PHE H 15 18.66 5.40 -2.87
N ILE H 16 19.01 4.71 -3.97
CA ILE H 16 20.27 3.96 -4.11
C ILE H 16 21.48 4.79 -3.69
N LEU H 17 21.59 6.00 -4.23
CA LEU H 17 22.72 6.88 -3.95
C LEU H 17 22.78 7.29 -2.49
N ARG H 18 21.65 7.67 -1.90
CA ARG H 18 21.66 8.10 -0.51
C ARG H 18 22.10 6.99 0.46
N GLN H 19 21.67 5.76 0.19
CA GLN H 19 22.04 4.62 1.01
C GLN H 19 23.54 4.29 0.89
N ALA H 20 24.06 4.32 -0.34
CA ALA H 20 25.49 4.06 -0.59
C ALA H 20 26.36 5.10 0.13
N ASN H 21 25.94 6.37 0.08
CA ASN H 21 26.55 7.43 0.87
C ASN H 21 26.44 7.20 2.40
N GLN H 22 25.27 6.78 2.87
CA GLN H 22 25.11 6.48 4.30
C GLN H 22 26.00 5.31 4.74
N ARG H 23 26.14 4.32 3.88
CA ARG H 23 27.05 3.19 4.09
C ARG H 23 28.51 3.64 4.05
N TYR H 24 28.84 4.58 3.17
CA TYR H 24 30.16 5.16 3.19
C TYR H 24 30.46 5.99 4.46
N ALA H 25 29.57 6.91 4.84
CA ALA H 25 29.68 7.64 6.12
C ALA H 25 29.95 6.73 7.35
N ALA H 26 29.19 5.63 7.46
CA ALA H 26 29.30 4.73 8.62
C ALA H 26 30.59 3.90 8.61
N LEU H 27 31.04 3.49 7.43
CA LEU H 27 32.34 2.83 7.28
C LEU H 27 33.47 3.81 7.63
N PHE H 28 33.35 5.04 7.15
CA PHE H 28 34.34 6.07 7.50
C PHE H 28 34.44 6.32 9.02
N ALA H 29 33.30 6.50 9.66
CA ALA H 29 33.26 6.85 11.09
C ALA H 29 33.80 5.72 11.98
N ASN H 30 33.64 4.48 11.54
CA ASN H 30 34.18 3.31 12.23
C ASN H 30 35.66 3.04 12.00
N GLY H 31 36.17 3.44 10.84
CA GLY H 31 37.56 3.11 10.51
C GLY H 31 38.59 4.23 10.59
N ILE H 32 38.13 5.48 10.60
CA ILE H 32 39.05 6.62 10.44
C ILE H 32 40.01 6.88 11.63
N GLY H 33 39.54 6.75 12.86
CA GLY H 33 40.41 6.82 14.02
C GLY H 33 40.74 8.21 14.52
N ASN H 34 40.44 9.23 13.71
CA ASN H 34 40.83 10.61 14.04
C ASN H 34 39.68 11.58 14.33
N GLY H 35 38.43 11.10 14.25
CA GLY H 35 37.26 11.90 14.65
C GLY H 35 36.72 12.84 13.57
N LEU H 36 37.39 12.86 12.42
CA LEU H 36 37.00 13.70 11.29
C LEU H 36 35.85 13.06 10.46
N THR H 37 34.94 13.91 10.00
CA THR H 37 33.91 13.52 9.03
C THR H 37 34.61 13.40 7.68
N PRO H 38 34.00 12.65 6.73
CA PRO H 38 34.57 12.56 5.35
C PRO H 38 34.89 13.91 4.68
N THR H 39 34.06 14.93 4.89
CA THR H 39 34.28 16.21 4.22
C THR H 39 35.43 16.95 4.86
N GLN H 40 35.55 16.85 6.18
CA GLN H 40 36.69 17.41 6.90
C GLN H 40 37.98 16.78 6.36
N TRP H 41 37.97 15.45 6.26
CA TRP H 41 39.07 14.67 5.67
C TRP H 41 39.38 15.05 4.22
N ALA H 42 38.33 15.26 3.42
CA ALA H 42 38.46 15.67 2.02
C ALA H 42 39.25 16.97 1.89
N ALA H 43 38.90 17.96 2.72
CA ALA H 43 39.58 19.25 2.71
C ALA H 43 41.06 19.08 3.03
N LEU H 44 41.34 18.20 4.00
CA LEU H 44 42.69 17.94 4.49
C LEU H 44 43.49 17.26 3.42
N VAL H 45 42.92 16.22 2.82
CA VAL H 45 43.53 15.55 1.68
C VAL H 45 43.82 16.55 0.57
N ARG H 46 42.88 17.43 0.26
CA ARG H 46 43.05 18.37 -0.84
C ARG H 46 44.14 19.41 -0.57
N LEU H 47 44.17 19.96 0.63
CA LEU H 47 45.25 20.86 1.05
C LEU H 47 46.64 20.21 0.99
N GLY H 48 46.72 18.92 1.30
CA GLY H 48 47.96 18.17 1.15
C GLY H 48 48.37 18.07 -0.30
N GLU H 49 47.39 18.08 -1.21
CA GLU H 49 47.62 17.94 -2.64
C GLU H 49 47.95 19.27 -3.33
N THR H 50 47.39 20.38 -2.82
CA THR H 50 47.51 21.67 -3.52
C THR H 50 48.45 22.66 -2.83
N GLY H 51 48.85 22.36 -1.59
CA GLY H 51 49.54 23.34 -0.75
C GLY H 51 48.59 24.49 -0.42
N PRO H 52 49.14 25.67 -0.05
CA PRO H 52 48.31 26.80 0.36
C PRO H 52 47.34 27.17 -0.76
N CYS H 53 46.07 27.42 -0.41
CA CYS H 53 45.00 27.56 -1.39
C CYS H 53 43.88 28.44 -0.85
N PRO H 54 43.30 29.31 -1.71
CA PRO H 54 42.16 30.15 -1.26
C PRO H 54 40.99 29.26 -0.82
N GLN H 55 40.32 29.65 0.27
CA GLN H 55 39.29 28.81 0.87
C GLN H 55 38.20 28.41 -0.12
N ASN H 56 37.81 29.35 -0.98
CA ASN H 56 36.74 29.12 -1.94
C ASN H 56 37.16 28.20 -3.06
N GLN H 57 38.41 28.37 -3.50
CA GLN H 57 39.04 27.44 -4.45
C GLN H 57 39.09 26.04 -3.86
N LEU H 58 39.42 25.94 -2.58
CA LEU H 58 39.44 24.65 -1.87
C LEU H 58 38.04 24.04 -1.81
N GLY H 59 37.03 24.89 -1.62
CA GLY H 59 35.63 24.48 -1.70
C GLY H 59 35.24 23.87 -3.03
N ARG H 60 35.62 24.53 -4.13
CA ARG H 60 35.34 24.06 -5.48
C ARG H 60 36.06 22.77 -5.81
N LEU H 61 37.28 22.61 -5.26
CA LEU H 61 38.08 21.42 -5.49
C LEU H 61 37.59 20.24 -4.64
N THR H 62 36.80 20.54 -3.62
CA THR H 62 36.20 19.52 -2.78
C THR H 62 34.68 19.54 -2.90
N ALA H 63 34.15 20.09 -3.99
CA ALA H 63 32.70 20.16 -4.24
C ALA H 63 31.89 20.62 -3.01
N ASP H 65 30.24 24.36 -1.32
CA ASP H 65 30.02 25.77 -1.60
C ASP H 65 30.73 26.61 -0.54
N ALA H 66 30.84 27.91 -0.81
CA ALA H 66 31.50 28.87 0.08
C ALA H 66 31.16 28.66 1.55
N ALA H 67 29.86 28.60 1.87
CA ALA H 67 29.40 28.41 3.23
C ALA H 67 29.81 27.07 3.82
N THR H 68 29.62 25.99 3.06
CA THR H 68 29.97 24.65 3.52
C THR H 68 31.46 24.51 3.80
N ILE H 69 32.31 24.99 2.89
CA ILE H 69 33.77 24.91 3.11
C ILE H 69 34.27 25.76 4.27
N LYS H 70 33.64 26.91 4.48
CA LYS H 70 33.92 27.77 5.65
C LYS H 70 33.72 26.98 6.94
N GLY H 71 32.58 26.29 7.00
CA GLY H 71 32.24 25.43 8.12
C GLY H 71 33.35 24.43 8.44
N VAL H 72 33.74 23.61 7.47
CA VAL H 72 34.71 22.55 7.75
C VAL H 72 36.13 23.07 7.98
N VAL H 73 36.49 24.15 7.29
CA VAL H 73 37.78 24.81 7.53
C VAL H 73 37.80 25.33 8.97
N GLU H 74 36.69 25.90 9.42
CA GLU H 74 36.55 26.33 10.81
C GLU H 74 36.66 25.20 11.83
N ARG H 75 35.99 24.07 11.56
CA ARG H 75 36.15 22.87 12.40
C ARG H 75 37.60 22.40 12.42
N LEU H 76 38.23 22.38 11.25
CA LEU H 76 39.63 21.96 11.09
C LEU H 76 40.58 22.86 11.87
N ASP H 77 40.28 24.17 11.87
CA ASP H 77 41.03 25.17 12.63
C ASP H 77 40.88 24.95 14.14
N LYS H 78 39.65 24.65 14.57
CA LYS H 78 39.33 24.36 15.96
C LYS H 78 40.07 23.14 16.49
N ARG H 79 40.39 22.21 15.58
CA ARG H 79 41.16 21.01 15.89
C ARG H 79 42.67 21.24 15.83
N GLY H 80 43.07 22.42 15.31
CA GLY H 80 44.47 22.82 15.18
C GLY H 80 45.16 22.34 13.90
N LEU H 81 44.37 22.03 12.86
CA LEU H 81 44.87 21.28 11.71
C LEU H 81 45.22 22.11 10.47
N ILE H 82 44.70 23.34 10.43
CA ILE H 82 44.94 24.25 9.32
C ILE H 82 45.54 25.56 9.82
N GLN H 83 46.26 26.27 8.94
CA GLN H 83 46.71 27.64 9.21
C GLN H 83 46.27 28.60 8.07
N ARG H 84 46.03 29.87 8.40
CA ARG H 84 45.74 30.87 7.37
C ARG H 84 46.86 31.88 7.30
N SER H 85 47.18 32.34 6.09
CA SER H 85 48.20 33.35 5.84
C SER H 85 47.90 34.16 4.58
N ALA H 86 48.36 35.41 4.56
CA ALA H 86 48.03 36.35 3.49
C ALA H 86 48.44 35.84 2.12
N ASP H 87 47.55 35.99 1.15
CA ASP H 87 47.81 35.59 -0.21
C ASP H 87 48.83 36.59 -0.76
N PRO H 88 50.00 36.09 -1.24
CA PRO H 88 51.05 36.94 -1.80
C PRO H 88 50.61 37.75 -3.02
N ASP H 89 49.67 37.24 -3.83
CA ASP H 89 49.29 37.92 -5.07
C ASP H 89 48.05 38.79 -4.95
N ASP H 90 47.35 38.67 -3.83
CA ASP H 90 46.27 39.60 -3.47
C ASP H 90 46.18 39.64 -1.96
N GLY H 91 46.75 40.68 -1.36
CA GLY H 91 46.86 40.78 0.09
C GLY H 91 45.55 40.83 0.85
N ARG H 92 44.44 41.13 0.18
CA ARG H 92 43.13 41.21 0.84
C ARG H 92 42.59 39.83 1.26
N ARG H 93 43.13 38.77 0.67
CA ARG H 93 42.60 37.46 0.88
C ARG H 93 43.56 36.50 1.61
N LEU H 94 42.99 35.43 2.12
CA LEU H 94 43.73 34.45 2.91
C LEU H 94 43.95 33.17 2.12
N LEU H 95 45.08 32.52 2.40
CA LEU H 95 45.39 31.19 1.91
C LEU H 95 45.29 30.22 3.07
N VAL H 96 44.55 29.14 2.84
CA VAL H 96 44.45 28.04 3.79
C VAL H 96 45.48 26.96 3.45
N SER H 97 46.14 26.48 4.50
CA SER H 97 47.28 25.58 4.44
C SER H 97 47.15 24.60 5.58
N LEU H 98 47.70 23.41 5.42
CA LEU H 98 47.87 22.46 6.53
C LEU H 98 48.87 23.00 7.55
N SER H 99 48.52 22.91 8.83
CA SER H 99 49.47 23.12 9.92
C SER H 99 50.25 21.84 10.13
N PRO H 100 51.43 21.92 10.78
CA PRO H 100 52.21 20.72 11.10
C PRO H 100 51.39 19.55 11.62
N ALA H 101 50.45 19.84 12.51
CA ALA H 101 49.58 18.82 13.13
C ALA H 101 48.55 18.29 12.14
N GLY H 102 48.20 19.11 11.15
CA GLY H 102 47.27 18.73 10.10
C GLY H 102 47.95 17.80 9.13
N ARG H 103 49.18 18.14 8.75
CA ARG H 103 49.98 17.29 7.87
C ARG H 103 50.25 15.91 8.48
N ALA H 104 50.45 15.86 9.80
CA ALA H 104 50.69 14.62 10.53
C ALA H 104 49.41 13.78 10.64
N GLU H 105 48.27 14.42 10.91
CA GLU H 105 46.98 13.74 10.91
C GLU H 105 46.68 13.10 9.56
N LEU H 106 47.02 13.84 8.50
CA LEU H 106 46.80 13.39 7.15
C LEU H 106 47.60 12.12 6.91
N GLU H 107 48.89 12.22 7.18
CA GLU H 107 49.83 11.14 6.94
C GLU H 107 49.49 9.96 7.86
N ALA H 108 49.04 10.24 9.09
CA ALA H 108 48.63 9.20 10.04
C ALA H 108 47.31 8.46 9.71
N GLY H 109 46.47 9.09 8.89
CA GLY H 109 45.17 8.56 8.54
C GLY H 109 45.04 7.94 7.16
N LEU H 110 46.05 8.08 6.31
CA LEU H 110 45.95 7.62 4.92
C LEU H 110 45.69 6.12 4.76
N ALA H 111 46.38 5.30 5.55
CA ALA H 111 46.19 3.85 5.52
C ALA H 111 44.74 3.45 5.89
N ALA H 112 44.20 4.06 6.95
CA ALA H 112 42.83 3.82 7.37
C ALA H 112 41.84 4.23 6.30
N ALA H 113 42.03 5.42 5.72
CA ALA H 113 41.20 5.92 4.60
C ALA H 113 41.23 5.04 3.36
N ARG H 114 42.41 4.57 2.96
CA ARG H 114 42.49 3.59 1.87
C ARG H 114 41.68 2.33 2.17
N GLU H 115 41.78 1.83 3.41
CA GLU H 115 41.05 0.65 3.85
C GLU H 115 39.53 0.86 3.84
N ILE H 116 39.09 2.03 4.28
CA ILE H 116 37.67 2.40 4.23
C ILE H 116 37.13 2.35 2.80
N ASN H 117 37.91 2.86 1.85
CA ASN H 117 37.55 2.84 0.43
C ASN H 117 37.52 1.42 -0.15
N ARG H 118 38.39 0.54 0.33
CA ARG H 118 38.40 -0.87 -0.10
C ARG H 118 37.16 -1.58 0.40
N GLN H 119 36.79 -1.30 1.65
CA GLN H 119 35.58 -1.87 2.26
C GLN H 119 34.35 -1.40 1.52
N ALA H 120 34.26 -0.11 1.24
CA ALA H 120 33.15 0.46 0.49
C ALA H 120 32.92 -0.32 -0.81
N LEU H 121 34.01 -0.65 -1.49
CA LEU H 121 33.95 -1.29 -2.78
C LEU H 121 34.02 -2.83 -2.74
N ALA H 122 34.21 -3.39 -1.54
CA ALA H 122 34.41 -4.84 -1.34
C ALA H 122 33.29 -5.75 -1.86
N PRO H 123 32.02 -5.27 -1.87
CA PRO H 123 30.96 -6.05 -2.54
C PRO H 123 31.18 -6.24 -4.05
N LEU H 124 32.14 -5.51 -4.59
CA LEU H 124 32.44 -5.54 -6.02
C LEU H 124 33.83 -6.12 -6.29
N SER H 125 33.93 -6.92 -7.36
CA SER H 125 35.21 -7.46 -7.81
C SER H 125 36.04 -6.34 -8.41
N LEU H 126 37.34 -6.59 -8.57
CA LEU H 126 38.29 -5.61 -9.09
C LEU H 126 37.87 -5.00 -10.44
N GLN H 127 37.31 -5.83 -11.32
CA GLN H 127 36.86 -5.36 -12.63
C GLN H 127 35.59 -4.52 -12.49
N GLU H 128 34.67 -4.98 -11.63
CA GLU H 128 33.42 -4.27 -11.35
C GLU H 128 33.66 -2.86 -10.76
N GLN H 129 34.68 -2.73 -9.91
CA GLN H 129 35.07 -1.45 -9.31
C GLN H 129 35.57 -0.47 -10.38
N GLU H 130 36.34 -0.99 -11.34
CA GLU H 130 36.83 -0.20 -12.47
C GLU H 130 35.68 0.29 -13.34
N THR H 131 34.70 -0.59 -13.57
CA THR H 131 33.47 -0.25 -14.30
C THR H 131 32.68 0.84 -13.57
N LEU H 132 32.46 0.62 -12.27
CA LEU H 132 31.67 1.55 -11.45
C LEU H 132 32.31 2.94 -11.39
N ARG H 133 33.59 2.96 -11.04
CA ARG H 133 34.33 4.21 -10.84
C ARG H 133 34.28 5.12 -12.06
N GLY H 134 34.47 4.54 -13.25
CA GLY H 134 34.42 5.28 -14.51
C GLY H 134 33.04 5.80 -14.87
N LEU H 135 32.03 4.96 -14.67
CA LEU H 135 30.62 5.31 -14.91
C LEU H 135 30.12 6.40 -13.96
N LEU H 136 30.49 6.30 -12.70
CA LEU H 136 30.17 7.34 -11.69
C LEU H 136 30.89 8.67 -11.93
N ALA H 137 32.12 8.61 -12.45
CA ALA H 137 32.89 9.81 -12.78
C ALA H 137 32.24 10.61 -13.92
N ARG H 138 31.28 10.00 -14.59
CA ARG H 138 30.52 10.67 -15.65
C ARG H 138 29.18 11.25 -15.17
N LEU H 139 28.83 11.02 -13.90
CA LEU H 139 27.58 11.54 -13.30
C LEU H 139 27.84 12.51 -12.14
N ILE H 140 28.76 13.44 -12.36
CA ILE H 140 29.35 14.26 -11.31
C ILE H 140 29.51 15.70 -11.78
N ARG I 8 -23.33 17.64 -28.25
CA ARG I 8 -23.84 18.14 -26.92
C ARG I 8 -23.10 19.42 -26.50
N LEU I 9 -23.20 19.79 -25.22
CA LEU I 9 -22.26 20.77 -24.66
C LEU I 9 -20.86 20.16 -24.67
N ASP I 10 -20.78 18.86 -24.39
CA ASP I 10 -19.51 18.14 -24.32
C ASP I 10 -18.77 18.00 -25.65
N ASP I 11 -19.40 18.39 -26.74
CA ASP I 11 -18.75 18.44 -28.04
C ASP I 11 -18.60 19.87 -28.61
N GLN I 12 -18.85 20.90 -27.80
CA GLN I 12 -18.60 22.29 -28.22
C GLN I 12 -17.11 22.57 -28.11
N ILE I 13 -16.57 23.21 -29.14
CA ILE I 13 -15.14 23.44 -29.27
C ILE I 13 -14.59 24.36 -28.19
N GLY I 14 -15.37 25.36 -27.79
CA GLY I 14 -15.01 26.24 -26.68
C GLY I 14 -14.71 25.48 -25.41
N PHE I 15 -15.68 24.68 -24.98
CA PHE I 15 -15.59 23.79 -23.81
C PHE I 15 -14.42 22.79 -23.87
N ILE I 16 -14.17 22.22 -25.05
CA ILE I 16 -13.03 21.34 -25.30
C ILE I 16 -11.71 22.10 -25.16
N LEU I 17 -11.65 23.27 -25.79
CA LEU I 17 -10.52 24.17 -25.67
C LEU I 17 -10.25 24.56 -24.22
N ARG I 18 -11.30 24.91 -23.47
CA ARG I 18 -11.13 25.29 -22.08
C ARG I 18 -10.55 24.16 -21.22
N GLN I 19 -11.05 22.95 -21.40
CA GLN I 19 -10.58 21.79 -20.63
C GLN I 19 -9.16 21.36 -21.00
N ALA I 20 -8.86 21.32 -22.29
CA ALA I 20 -7.50 21.03 -22.74
C ALA I 20 -6.53 22.10 -22.20
N ASN I 21 -6.99 23.34 -22.15
CA ASN I 21 -6.20 24.40 -21.53
C ASN I 21 -6.05 24.18 -20.01
N GLN I 22 -7.07 23.61 -19.37
CA GLN I 22 -7.03 23.36 -17.93
C GLN I 22 -6.12 22.18 -17.60
N ARG I 23 -6.06 21.20 -18.51
CA ARG I 23 -5.21 20.05 -18.35
C ARG I 23 -3.77 20.51 -18.49
N TYR I 24 -3.52 21.38 -19.45
CA TYR I 24 -2.19 21.91 -19.63
C TYR I 24 -1.74 22.71 -18.42
N ALA I 25 -2.61 23.57 -17.90
CA ALA I 25 -2.29 24.37 -16.72
C ALA I 25 -1.93 23.49 -15.51
N ALA I 26 -2.62 22.36 -15.38
CA ALA I 26 -2.35 21.39 -14.30
C ALA I 26 -0.99 20.74 -14.51
N LEU I 27 -0.76 20.21 -15.71
CA LEU I 27 0.52 19.58 -16.05
C LEU I 27 1.69 20.55 -15.85
N PHE I 28 1.54 21.76 -16.36
CA PHE I 28 2.61 22.77 -16.26
C PHE I 28 2.95 23.07 -14.80
N ALA I 29 1.93 23.35 -13.99
CA ALA I 29 2.10 23.61 -12.56
C ALA I 29 2.84 22.48 -11.82
N ASN I 30 2.52 21.23 -12.17
CA ASN I 30 3.14 20.03 -11.58
C ASN I 30 4.51 19.68 -12.12
N GLY I 31 4.86 20.24 -13.27
CA GLY I 31 6.02 19.76 -14.04
C GLY I 31 7.17 20.75 -14.23
N ILE I 32 6.89 22.03 -14.03
CA ILE I 32 7.87 23.07 -14.36
C ILE I 32 8.96 23.21 -13.31
N GLY I 33 8.59 23.08 -12.05
CA GLY I 33 9.57 23.04 -10.97
C GLY I 33 10.13 24.37 -10.51
N ASN I 34 10.15 25.37 -11.40
CA ASN I 34 10.71 26.69 -11.07
C ASN I 34 9.74 27.69 -10.44
N GLY I 35 8.46 27.32 -10.41
CA GLY I 35 7.42 28.16 -9.78
C GLY I 35 6.81 29.21 -10.70
N LEU I 36 7.22 29.23 -11.96
CA LEU I 36 6.70 30.23 -12.91
C LEU I 36 5.44 29.73 -13.60
N THR I 37 4.47 30.63 -13.79
CA THR I 37 3.24 30.33 -14.53
C THR I 37 3.57 30.11 -16.01
N PRO I 38 2.65 29.50 -16.78
CA PRO I 38 2.92 29.30 -18.21
C PRO I 38 3.26 30.57 -19.00
N THR I 39 2.68 31.71 -18.64
CA THR I 39 2.88 32.95 -19.39
C THR I 39 4.16 33.67 -18.97
N GLN I 40 4.53 33.49 -17.71
CA GLN I 40 5.82 33.96 -17.19
C GLN I 40 6.96 33.19 -17.86
N TRP I 41 6.73 31.91 -18.11
CA TRP I 41 7.71 31.07 -18.78
C TRP I 41 7.84 31.46 -20.26
N ALA I 42 6.70 31.73 -20.90
CA ALA I 42 6.64 32.13 -22.30
C ALA I 42 7.38 33.44 -22.56
N ALA I 43 7.22 34.41 -21.66
CA ALA I 43 7.95 35.67 -21.78
C ALA I 43 9.46 35.43 -21.61
N LEU I 44 9.85 34.62 -20.62
CA LEU I 44 11.25 34.23 -20.41
C LEU I 44 11.85 33.53 -21.64
N VAL I 45 11.11 32.58 -22.21
CA VAL I 45 11.49 31.88 -23.44
C VAL I 45 11.64 32.86 -24.60
N ARG I 46 10.63 33.69 -24.84
CA ARG I 46 10.66 34.69 -25.91
C ARG I 46 11.89 35.61 -25.79
N LEU I 47 12.17 36.10 -24.58
CA LEU I 47 13.33 36.98 -24.36
C LEU I 47 14.65 36.27 -24.67
N GLY I 48 14.69 34.95 -24.45
CA GLY I 48 15.82 34.14 -24.87
C GLY I 48 16.06 34.14 -26.38
N GLU I 49 14.99 34.20 -27.18
CA GLU I 49 15.17 34.23 -28.64
C GLU I 49 15.42 35.62 -29.22
N THR I 50 14.90 36.65 -28.57
CA THR I 50 14.91 38.00 -29.13
C THR I 50 16.01 38.92 -28.60
N GLY I 51 16.55 38.61 -27.42
CA GLY I 51 17.39 39.57 -26.71
C GLY I 51 16.54 40.74 -26.26
N PRO I 52 17.18 41.90 -25.99
CA PRO I 52 16.43 43.07 -25.49
C PRO I 52 15.30 43.50 -26.43
N CYS I 53 14.12 43.66 -25.85
CA CYS I 53 12.89 43.88 -26.60
C CYS I 53 12.03 44.85 -25.82
N PRO I 54 11.44 45.85 -26.50
CA PRO I 54 10.49 46.75 -25.87
C PRO I 54 9.39 45.97 -25.19
N GLN I 55 9.05 46.33 -23.96
CA GLN I 55 8.10 45.58 -23.14
C GLN I 55 6.76 45.27 -23.82
N ASN I 56 6.16 46.26 -24.46
CA ASN I 56 4.87 46.07 -25.13
C ASN I 56 4.98 45.23 -26.40
N GLN I 57 6.13 45.34 -27.08
CA GLN I 57 6.46 44.47 -28.22
C GLN I 57 6.60 43.02 -27.77
N LEU I 58 7.22 42.79 -26.61
CA LEU I 58 7.32 41.44 -26.06
C LEU I 58 5.92 40.86 -25.83
N GLY I 59 5.01 41.72 -25.37
CA GLY I 59 3.61 41.38 -25.17
C GLY I 59 2.98 40.92 -26.46
N ARG I 60 3.12 41.73 -27.52
CA ARG I 60 2.55 41.44 -28.83
C ARG I 60 3.14 40.19 -29.47
N LEU I 61 4.34 39.79 -29.05
CA LEU I 61 4.99 38.57 -29.53
C LEU I 61 4.59 37.34 -28.72
N THR I 62 3.90 37.55 -27.59
CA THR I 62 3.51 36.45 -26.71
C THR I 62 2.03 36.53 -26.34
N ALA I 63 1.23 37.13 -27.23
CA ALA I 63 -0.23 37.24 -27.07
C ALA I 63 -0.69 37.80 -25.72
N ASP I 65 -1.53 41.63 -23.41
CA ASP I 65 -1.75 43.09 -23.26
C ASP I 65 -0.53 43.79 -22.72
N ALA I 66 -0.48 45.11 -22.88
CA ALA I 66 0.49 45.94 -22.20
C ALA I 66 0.42 45.72 -20.68
N ALA I 67 -0.79 45.61 -20.15
CA ALA I 67 -0.98 45.40 -18.72
C ALA I 67 -0.62 43.97 -18.32
N THR I 68 -1.14 43.01 -19.08
CA THR I 68 -0.88 41.58 -18.84
C THR I 68 0.62 41.27 -18.90
N ILE I 69 1.33 41.80 -19.91
CA ILE I 69 2.77 41.60 -20.01
C ILE I 69 3.52 42.33 -18.91
N LYS I 70 3.02 43.51 -18.54
CA LYS I 70 3.56 44.30 -17.41
C LYS I 70 3.53 43.47 -16.13
N GLY I 71 2.43 42.76 -15.93
CA GLY I 71 2.24 41.88 -14.79
C GLY I 71 3.33 40.81 -14.70
N VAL I 72 3.58 40.12 -15.81
CA VAL I 72 4.58 39.05 -15.81
C VAL I 72 6.00 39.59 -15.72
N VAL I 73 6.28 40.70 -16.41
CA VAL I 73 7.61 41.32 -16.36
C VAL I 73 7.95 41.79 -14.94
N GLU I 74 6.94 42.34 -14.27
CA GLU I 74 7.06 42.79 -12.89
C GLU I 74 7.40 41.62 -11.97
N ARG I 75 6.69 40.50 -12.13
CA ARG I 75 6.92 39.31 -11.34
C ARG I 75 8.25 38.63 -11.67
N LEU I 76 8.71 38.79 -12.90
CA LEU I 76 10.03 38.31 -13.32
C LEU I 76 11.16 39.11 -12.66
N ASP I 77 10.91 40.42 -12.47
CA ASP I 77 11.85 41.32 -11.81
C ASP I 77 11.93 41.00 -10.31
N LYS I 78 10.76 40.81 -9.70
CA LYS I 78 10.61 40.37 -8.32
C LYS I 78 11.24 38.97 -8.11
N ARG I 79 11.83 38.42 -9.17
CA ARG I 79 12.50 37.12 -9.11
C ARG I 79 13.93 37.19 -9.66
N GLY I 80 14.35 38.39 -10.10
CA GLY I 80 15.71 38.65 -10.59
C GLY I 80 16.03 38.01 -11.93
N LEU I 81 14.99 37.68 -12.70
CA LEU I 81 15.16 36.98 -13.97
C LEU I 81 15.24 37.91 -15.18
N ILE I 82 14.84 39.17 -15.00
CA ILE I 82 14.92 40.16 -16.08
C ILE I 82 15.60 41.47 -15.64
N GLN I 83 16.06 42.22 -16.63
CA GLN I 83 16.54 43.57 -16.44
C GLN I 83 15.82 44.49 -17.43
N ARG I 84 15.45 45.68 -16.96
CA ARG I 84 14.87 46.75 -17.75
C ARG I 84 15.93 47.84 -17.94
N SER I 85 16.06 48.34 -19.17
CA SER I 85 17.02 49.40 -19.47
C SER I 85 16.53 50.27 -20.63
N ALA I 86 17.04 51.50 -20.72
CA ALA I 86 16.58 52.48 -21.70
C ALA I 86 16.86 52.03 -23.14
N ASP I 87 15.87 52.25 -24.02
CA ASP I 87 16.05 52.02 -25.43
C ASP I 87 16.99 53.08 -26.02
N PRO I 88 18.18 52.67 -26.50
CA PRO I 88 19.18 53.65 -27.00
C PRO I 88 18.73 54.42 -28.25
N ASP I 89 17.79 53.84 -29.00
CA ASP I 89 17.29 54.41 -30.24
C ASP I 89 16.03 55.27 -30.02
N ASP I 90 15.38 55.06 -28.88
CA ASP I 90 14.23 55.83 -28.45
C ASP I 90 14.15 55.84 -26.93
N GLY I 91 14.77 56.86 -26.33
CA GLY I 91 14.86 57.01 -24.87
C GLY I 91 13.55 57.07 -24.12
N ARG I 92 12.47 57.38 -24.82
CA ARG I 92 11.12 57.27 -24.29
C ARG I 92 10.72 55.81 -23.95
N ARG I 93 11.49 54.83 -24.41
CA ARG I 93 11.11 53.42 -24.27
C ARG I 93 11.99 52.61 -23.35
N LEU I 94 11.40 51.54 -22.84
CA LEU I 94 12.07 50.61 -21.94
C LEU I 94 12.29 49.33 -22.73
N LEU I 95 13.44 48.71 -22.51
CA LEU I 95 13.82 47.50 -23.21
C LEU I 95 13.99 46.43 -22.14
N VAL I 96 13.36 45.27 -22.34
CA VAL I 96 13.45 44.15 -21.40
C VAL I 96 14.43 43.07 -21.88
N SER I 97 15.31 42.63 -20.99
CA SER I 97 16.21 41.52 -21.31
C SER I 97 16.34 40.49 -20.18
N LEU I 98 16.97 39.36 -20.48
CA LEU I 98 17.23 38.31 -19.49
C LEU I 98 18.38 38.66 -18.60
N SER I 99 18.22 38.39 -17.31
CA SER I 99 19.33 38.40 -16.35
C SER I 99 20.32 37.31 -16.70
N PRO I 100 21.56 37.39 -16.18
CA PRO I 100 22.32 36.14 -16.07
C PRO I 100 21.54 35.05 -15.31
N ALA I 101 20.82 35.45 -14.26
CA ALA I 101 19.96 34.55 -13.49
C ALA I 101 18.79 33.99 -14.32
N GLY I 102 18.11 34.88 -15.06
CA GLY I 102 17.06 34.54 -16.01
C GLY I 102 17.55 33.67 -17.14
N ARG I 103 18.69 34.01 -17.72
CA ARG I 103 19.35 33.18 -18.72
C ARG I 103 19.62 31.76 -18.20
N ALA I 104 20.03 31.66 -16.93
CA ALA I 104 20.26 30.38 -16.26
C ALA I 104 18.98 29.61 -15.92
N GLU I 105 17.96 30.33 -15.47
CA GLU I 105 16.63 29.74 -15.19
C GLU I 105 15.99 29.13 -16.43
N LEU I 106 16.12 29.83 -17.55
CA LEU I 106 15.66 29.35 -18.84
C LEU I 106 16.32 28.04 -19.24
N GLU I 107 17.66 28.00 -19.26
CA GLU I 107 18.38 26.76 -19.59
C GLU I 107 18.08 25.59 -18.64
N ALA I 108 17.88 25.90 -17.35
CA ALA I 108 17.57 24.87 -16.35
C ALA I 108 16.17 24.29 -16.53
N GLY I 109 15.26 25.09 -17.08
CA GLY I 109 13.85 24.70 -17.16
C GLY I 109 13.46 24.01 -18.44
N LEU I 110 14.33 24.07 -19.45
CA LEU I 110 13.99 23.60 -20.80
C LEU I 110 13.60 22.13 -20.85
N ALA I 111 14.33 21.29 -20.13
CA ALA I 111 14.09 19.86 -20.06
C ALA I 111 12.74 19.53 -19.43
N ALA I 112 12.38 20.27 -18.38
CA ALA I 112 11.06 20.14 -17.74
C ALA I 112 9.92 20.60 -18.68
N ALA I 113 10.12 21.75 -19.33
CA ALA I 113 9.19 22.30 -20.32
C ALA I 113 8.94 21.33 -21.48
N ARG I 114 9.99 20.70 -21.99
CA ARG I 114 9.84 19.65 -22.99
C ARG I 114 8.99 18.50 -22.44
N GLU I 115 9.31 18.09 -21.22
CA GLU I 115 8.63 16.96 -20.56
C GLU I 115 7.14 17.22 -20.36
N ILE I 116 6.80 18.41 -19.85
CA ILE I 116 5.41 18.89 -19.79
C ILE I 116 4.71 18.76 -21.16
N ASN I 117 5.43 19.14 -22.21
CA ASN I 117 4.89 19.14 -23.57
C ASN I 117 4.65 17.76 -24.20
N ARG I 118 5.61 16.86 -24.08
CA ARG I 118 5.40 15.48 -24.58
C ARG I 118 4.34 14.74 -23.74
N GLN I 119 4.22 15.19 -22.49
CA GLN I 119 3.31 14.69 -21.49
C GLN I 119 1.87 15.18 -21.73
N ALA I 120 1.73 16.44 -22.18
CA ALA I 120 0.47 16.99 -22.66
C ALA I 120 -0.02 16.33 -23.95
N LEU I 121 0.92 15.85 -24.76
CA LEU I 121 0.61 15.24 -26.05
C LEU I 121 0.64 13.71 -25.99
N ALA I 122 0.85 13.16 -24.79
CA ALA I 122 0.97 11.71 -24.56
C ALA I 122 -0.19 10.84 -25.11
N PRO I 123 -1.46 11.30 -24.95
CA PRO I 123 -2.62 10.55 -25.47
C PRO I 123 -2.62 10.38 -27.00
N LEU I 124 -1.62 10.95 -27.67
CA LEU I 124 -1.53 10.93 -29.12
C LEU I 124 -0.22 10.33 -29.61
N SER I 125 -0.29 9.58 -30.71
CA SER I 125 0.90 9.13 -31.42
C SER I 125 1.60 10.32 -32.05
N LEU I 126 2.86 10.14 -32.42
CA LEU I 126 3.71 11.25 -32.87
C LEU I 126 3.23 11.93 -34.16
N GLN I 127 2.64 11.16 -35.07
CA GLN I 127 2.08 11.73 -36.30
C GLN I 127 0.75 12.44 -36.06
N GLU I 128 -0.03 11.93 -35.09
CA GLU I 128 -1.26 12.58 -34.65
C GLU I 128 -0.97 13.96 -34.04
N GLN I 129 0.19 14.09 -33.42
CA GLN I 129 0.65 15.36 -32.84
C GLN I 129 1.07 16.35 -33.90
N GLU I 130 1.60 15.84 -35.01
CA GLU I 130 1.95 16.68 -36.16
C GLU I 130 0.67 17.24 -36.80
N THR I 131 -0.34 16.38 -36.92
CA THR I 131 -1.62 16.75 -37.50
C THR I 131 -2.30 17.79 -36.60
N LEU I 132 -2.29 17.53 -35.30
CA LEU I 132 -2.91 18.41 -34.31
C LEU I 132 -2.27 19.80 -34.25
N ARG I 133 -0.94 19.87 -34.25
CA ARG I 133 -0.24 21.15 -34.17
C ARG I 133 -0.54 22.05 -35.37
N GLY I 134 -0.52 21.48 -36.58
CA GLY I 134 -0.87 22.21 -37.80
C GLY I 134 -2.29 22.73 -37.76
N LEU I 135 -3.23 21.86 -37.37
CA LEU I 135 -4.63 22.21 -37.23
C LEU I 135 -4.88 23.29 -36.16
N LEU I 136 -4.30 23.07 -34.98
CA LEU I 136 -4.46 23.99 -33.86
C LEU I 136 -3.80 25.34 -34.11
N ALA I 137 -2.68 25.33 -34.84
CA ALA I 137 -1.94 26.55 -35.15
C ALA I 137 -2.80 27.50 -35.97
N ARG I 138 -3.65 26.92 -36.79
CA ARG I 138 -4.52 27.69 -37.66
C ARG I 138 -5.74 28.28 -36.95
N LEU I 139 -5.85 28.02 -35.64
CA LEU I 139 -6.93 28.54 -34.81
C LEU I 139 -6.43 29.50 -33.74
N ILE I 140 -5.13 29.78 -33.79
CA ILE I 140 -4.48 30.84 -33.03
C ILE I 140 -5.12 32.20 -33.35
N ARG J 8 11.17 26.66 -31.03
CA ARG J 8 10.72 28.02 -30.62
C ARG J 8 9.42 27.96 -29.80
N LEU J 9 9.08 29.05 -29.11
CA LEU J 9 7.88 29.12 -28.27
C LEU J 9 6.60 28.85 -29.06
N ASP J 10 6.59 29.25 -30.33
CA ASP J 10 5.43 29.13 -31.22
C ASP J 10 5.12 27.69 -31.60
N ASP J 11 6.03 26.79 -31.28
CA ASP J 11 5.87 25.36 -31.51
C ASP J 11 5.31 24.62 -30.28
N GLN J 12 5.28 25.31 -29.15
CA GLN J 12 4.90 24.71 -27.86
C GLN J 12 3.40 24.60 -27.73
N ILE J 13 2.93 23.39 -27.42
CA ILE J 13 1.49 23.13 -27.39
C ILE J 13 0.73 24.02 -26.41
N GLY J 14 1.33 24.36 -25.28
CA GLY J 14 0.70 25.23 -24.30
C GLY J 14 0.39 26.64 -24.80
N PHE J 15 1.37 27.23 -25.47
CA PHE J 15 1.27 28.57 -26.08
C PHE J 15 0.19 28.59 -27.16
N ILE J 16 0.26 27.59 -28.05
CA ILE J 16 -0.76 27.36 -29.08
C ILE J 16 -2.14 27.30 -28.45
N LEU J 17 -2.31 26.39 -27.49
CA LEU J 17 -3.59 26.18 -26.79
C LEU J 17 -4.15 27.46 -26.18
N ARG J 18 -3.30 28.21 -25.48
CA ARG J 18 -3.71 29.47 -24.88
C ARG J 18 -4.21 30.46 -25.90
N GLN J 19 -3.53 30.52 -27.03
CA GLN J 19 -3.85 31.45 -28.09
C GLN J 19 -5.18 31.11 -28.75
N ALA J 20 -5.36 29.83 -29.07
CA ALA J 20 -6.62 29.32 -29.58
C ALA J 20 -7.73 29.63 -28.60
N ASN J 21 -7.41 29.65 -27.30
CA ASN J 21 -8.37 30.01 -26.27
C ASN J 21 -8.74 31.49 -26.25
N GLN J 22 -7.72 32.35 -26.34
CA GLN J 22 -7.91 33.81 -26.30
C GLN J 22 -8.74 34.22 -27.50
N ARG J 23 -8.52 33.57 -28.63
CA ARG J 23 -9.28 33.82 -29.84
C ARG J 23 -10.74 33.41 -29.71
N TYR J 24 -10.99 32.23 -29.15
CA TYR J 24 -12.35 31.79 -28.89
C TYR J 24 -13.06 32.74 -27.91
N ALA J 25 -12.33 33.18 -26.88
CA ALA J 25 -12.88 34.08 -25.88
C ALA J 25 -13.34 35.39 -26.53
N ALA J 26 -12.59 35.84 -27.53
CA ALA J 26 -12.85 37.08 -28.25
C ALA J 26 -13.96 36.95 -29.27
N LEU J 27 -14.13 35.76 -29.83
CA LEU J 27 -15.29 35.49 -30.68
C LEU J 27 -16.54 35.29 -29.83
N PHE J 28 -16.40 34.62 -28.68
CA PHE J 28 -17.53 34.45 -27.76
C PHE J 28 -18.02 35.80 -27.23
N ALA J 29 -17.10 36.61 -26.72
CA ALA J 29 -17.46 37.94 -26.19
C ALA J 29 -18.07 38.88 -27.24
N ASN J 30 -17.68 38.72 -28.51
CA ASN J 30 -18.21 39.56 -29.59
C ASN J 30 -19.52 39.03 -30.18
N GLY J 31 -19.75 37.73 -30.07
CA GLY J 31 -20.88 37.11 -30.76
C GLY J 31 -22.03 36.57 -29.94
N ILE J 32 -21.90 36.54 -28.62
CA ILE J 32 -22.96 35.94 -27.81
C ILE J 32 -24.08 36.92 -27.43
N GLY J 33 -23.73 38.20 -27.29
CA GLY J 33 -24.72 39.27 -27.13
C GLY J 33 -25.56 39.34 -25.86
N ASN J 34 -25.39 38.41 -24.92
CA ASN J 34 -26.17 38.42 -23.68
C ASN J 34 -25.37 38.80 -22.42
N GLY J 35 -24.08 39.12 -22.59
CA GLY J 35 -23.24 39.58 -21.49
C GLY J 35 -22.62 38.47 -20.66
N LEU J 36 -23.03 37.23 -20.91
CA LEU J 36 -22.52 36.07 -20.18
C LEU J 36 -21.16 35.63 -20.71
N THR J 37 -20.26 35.30 -19.77
CA THR J 37 -18.95 34.72 -20.08
C THR J 37 -19.15 33.27 -20.52
N PRO J 38 -18.10 32.64 -21.11
CA PRO J 38 -18.21 31.27 -21.60
C PRO J 38 -18.65 30.24 -20.56
N THR J 39 -18.24 30.40 -19.29
CA THR J 39 -18.54 29.41 -18.25
C THR J 39 -19.91 29.64 -17.58
N GLN J 40 -20.34 30.90 -17.53
CA GLN J 40 -21.72 31.21 -17.17
C GLN J 40 -22.65 30.59 -18.22
N TRP J 41 -22.24 30.70 -19.48
CA TRP J 41 -22.99 30.13 -20.59
C TRP J 41 -23.07 28.60 -20.49
N ALA J 42 -21.90 27.98 -20.27
CA ALA J 42 -21.78 26.53 -20.06
C ALA J 42 -22.68 26.02 -18.92
N ALA J 43 -22.65 26.72 -17.78
CA ALA J 43 -23.52 26.39 -16.64
C ALA J 43 -25.00 26.48 -17.00
N LEU J 44 -25.38 27.59 -17.64
CA LEU J 44 -26.74 27.79 -18.18
C LEU J 44 -27.19 26.69 -19.14
N VAL J 45 -26.34 26.38 -20.12
CA VAL J 45 -26.62 25.30 -21.08
C VAL J 45 -26.84 23.96 -20.39
N ARG J 46 -25.86 23.53 -19.58
CA ARG J 46 -25.95 22.28 -18.82
C ARG J 46 -27.27 22.17 -18.05
N LEU J 47 -27.63 23.21 -17.30
CA LEU J 47 -28.90 23.24 -16.56
C LEU J 47 -30.11 23.03 -17.46
N GLY J 48 -30.00 23.49 -18.71
CA GLY J 48 -31.05 23.23 -19.71
C GLY J 48 -31.11 21.78 -20.14
N GLU J 49 -29.96 21.10 -20.12
CA GLU J 49 -29.92 19.67 -20.41
C GLU J 49 -30.45 18.88 -19.23
N THR J 50 -29.85 19.12 -18.06
CA THR J 50 -30.06 18.29 -16.87
C THR J 50 -31.33 18.60 -16.06
N GLY J 51 -32.00 19.70 -16.38
CA GLY J 51 -33.06 20.22 -15.52
C GLY J 51 -32.52 20.43 -14.10
N PRO J 52 -33.39 20.27 -13.08
CA PRO J 52 -33.00 20.46 -11.67
C PRO J 52 -31.87 19.53 -11.25
N CYS J 53 -30.79 20.11 -10.72
CA CYS J 53 -29.54 19.39 -10.53
C CYS J 53 -28.81 19.96 -9.30
N PRO J 54 -28.17 19.09 -8.48
CA PRO J 54 -27.37 19.56 -7.35
C PRO J 54 -26.28 20.52 -7.84
N GLN J 55 -26.00 21.57 -7.08
CA GLN J 55 -25.05 22.60 -7.55
C GLN J 55 -23.66 22.04 -7.89
N ASN J 56 -23.14 21.17 -7.03
CA ASN J 56 -21.79 20.64 -7.20
C ASN J 56 -21.68 19.59 -8.31
N GLN J 57 -22.78 18.88 -8.56
CA GLN J 57 -22.87 17.97 -9.69
C GLN J 57 -22.91 18.75 -11.01
N LEU J 58 -23.46 19.97 -10.99
CA LEU J 58 -23.39 20.86 -12.15
C LEU J 58 -21.93 21.26 -12.43
N GLY J 59 -21.20 21.54 -11.37
CA GLY J 59 -19.78 21.86 -11.45
C GLY J 59 -18.96 20.73 -12.09
N ARG J 60 -19.26 19.50 -11.70
CA ARG J 60 -18.48 18.34 -12.13
C ARG J 60 -18.76 17.99 -13.58
N LEU J 61 -20.02 18.19 -13.98
CA LEU J 61 -20.45 17.99 -15.37
C LEU J 61 -19.92 19.08 -16.30
N THR J 62 -19.53 20.22 -15.74
CA THR J 62 -19.00 21.35 -16.54
C THR J 62 -17.54 21.71 -16.24
N ALA J 63 -16.79 20.75 -15.66
CA ALA J 63 -15.37 20.90 -15.31
C ALA J 63 -15.04 22.18 -14.53
N ASP J 65 -14.81 23.48 -10.34
CA ASP J 65 -14.84 23.03 -8.95
C ASP J 65 -15.97 23.70 -8.17
N ALA J 66 -16.13 23.29 -6.91
CA ALA J 66 -17.18 23.81 -6.03
C ALA J 66 -17.20 25.34 -5.93
N ALA J 67 -16.03 25.94 -5.76
CA ALA J 67 -15.90 27.40 -5.59
C ALA J 67 -16.22 28.14 -6.89
N THR J 68 -15.65 27.66 -8.00
CA THR J 68 -15.90 28.23 -9.32
C THR J 68 -17.38 28.20 -9.66
N ILE J 69 -17.99 27.02 -9.64
CA ILE J 69 -19.41 26.89 -9.98
C ILE J 69 -20.34 27.65 -9.04
N LYS J 70 -19.98 27.68 -7.76
CA LYS J 70 -20.70 28.46 -6.76
C LYS J 70 -20.71 29.91 -7.21
N GLY J 71 -19.54 30.38 -7.63
CA GLY J 71 -19.35 31.73 -8.15
C GLY J 71 -20.23 32.04 -9.36
N VAL J 72 -20.22 31.17 -10.38
CA VAL J 72 -20.98 31.47 -11.61
C VAL J 72 -22.50 31.39 -11.38
N VAL J 73 -22.93 30.41 -10.58
CA VAL J 73 -24.35 30.23 -10.25
C VAL J 73 -24.91 31.47 -9.53
N GLU J 74 -24.09 32.04 -8.64
CA GLU J 74 -24.42 33.29 -7.95
C GLU J 74 -24.49 34.50 -8.91
N ARG J 75 -23.67 34.48 -9.96
CA ARG J 75 -23.69 35.52 -11.00
C ARG J 75 -24.89 35.34 -11.93
N LEU J 76 -25.22 34.09 -12.22
CA LEU J 76 -26.47 33.73 -12.88
C LEU J 76 -27.68 34.15 -12.05
N ASP J 77 -27.57 33.98 -10.73
CA ASP J 77 -28.60 34.38 -9.78
C ASP J 77 -28.84 35.90 -9.78
N LYS J 78 -27.73 36.66 -9.70
CA LYS J 78 -27.75 38.12 -9.71
C LYS J 78 -28.46 38.66 -10.96
N ARG J 79 -28.43 37.87 -12.03
CA ARG J 79 -29.06 38.23 -13.30
C ARG J 79 -30.49 37.66 -13.43
N GLY J 80 -30.95 36.93 -12.41
CA GLY J 80 -32.30 36.38 -12.37
C GLY J 80 -32.55 35.17 -13.24
N LEU J 81 -31.52 34.35 -13.44
CA LEU J 81 -31.55 33.28 -14.44
C LEU J 81 -31.61 31.87 -13.85
N ILE J 82 -31.35 31.74 -12.56
CA ILE J 82 -31.46 30.45 -11.90
C ILE J 82 -32.49 30.49 -10.77
N GLN J 83 -32.91 29.31 -10.34
CA GLN J 83 -33.79 29.17 -9.19
C GLN J 83 -33.43 27.90 -8.43
N ARG J 84 -33.50 27.98 -7.10
CA ARG J 84 -33.24 26.83 -6.24
C ARG J 84 -34.55 26.29 -5.66
N SER J 85 -34.59 24.99 -5.46
CA SER J 85 -35.83 24.31 -5.07
C SER J 85 -35.52 23.05 -4.28
N ALA J 86 -36.41 22.69 -3.37
CA ALA J 86 -36.28 21.46 -2.60
C ALA J 86 -36.33 20.24 -3.52
N ASP J 87 -35.41 19.30 -3.29
CA ASP J 87 -35.38 18.02 -3.99
C ASP J 87 -36.69 17.28 -3.72
N PRO J 88 -37.46 16.98 -4.79
CA PRO J 88 -38.67 16.18 -4.68
C PRO J 88 -38.37 14.77 -4.16
N ASP J 89 -37.16 14.28 -4.41
CA ASP J 89 -36.73 12.96 -3.94
C ASP J 89 -35.98 12.99 -2.61
N ASP J 90 -35.85 14.19 -2.01
CA ASP J 90 -35.12 14.39 -0.76
C ASP J 90 -35.14 15.86 -0.31
N GLY J 91 -36.13 16.22 0.52
CA GLY J 91 -36.36 17.62 0.95
C GLY J 91 -35.20 18.35 1.63
N ARG J 92 -34.23 17.59 2.13
CA ARG J 92 -33.02 18.13 2.75
C ARG J 92 -32.11 18.77 1.69
N ARG J 93 -32.16 18.22 0.48
CA ARG J 93 -31.35 18.62 -0.66
C ARG J 93 -32.01 19.74 -1.47
N LEU J 94 -31.22 20.74 -1.83
CA LEU J 94 -31.66 21.81 -2.74
C LEU J 94 -31.05 21.67 -4.14
N LEU J 95 -31.89 21.78 -5.16
CA LEU J 95 -31.45 21.66 -6.55
C LEU J 95 -31.42 22.99 -7.30
N VAL J 96 -30.35 23.22 -8.06
CA VAL J 96 -30.28 24.38 -8.95
C VAL J 96 -31.00 24.05 -10.27
N SER J 97 -31.73 25.05 -10.79
CA SER J 97 -32.61 24.90 -11.94
C SER J 97 -32.71 26.25 -12.67
N LEU J 98 -33.06 26.21 -13.96
CA LEU J 98 -33.28 27.44 -14.74
C LEU J 98 -34.49 28.26 -14.24
N SER J 99 -34.37 29.58 -14.29
CA SER J 99 -35.52 30.47 -14.27
C SER J 99 -36.24 30.30 -15.60
N PRO J 100 -37.55 30.64 -15.65
CA PRO J 100 -38.16 30.91 -16.96
C PRO J 100 -37.34 31.95 -17.75
N ALA J 101 -36.84 32.97 -17.04
CA ALA J 101 -35.96 34.00 -17.62
C ALA J 101 -34.64 33.42 -18.12
N GLY J 102 -34.06 32.49 -17.35
CA GLY J 102 -32.87 31.74 -17.77
C GLY J 102 -33.14 30.79 -18.93
N ARG J 103 -34.32 30.18 -18.92
CA ARG J 103 -34.76 29.27 -19.99
C ARG J 103 -34.94 30.02 -21.31
N ALA J 104 -35.48 31.24 -21.23
CA ALA J 104 -35.68 32.09 -22.39
C ALA J 104 -34.33 32.53 -22.96
N GLU J 105 -33.40 32.86 -22.06
CA GLU J 105 -32.10 33.37 -22.46
C GLU J 105 -31.28 32.31 -23.18
N LEU J 106 -31.49 31.06 -22.76
CA LEU J 106 -30.86 29.91 -23.38
C LEU J 106 -31.33 29.73 -24.82
N GLU J 107 -32.66 29.60 -25.02
CA GLU J 107 -33.22 29.40 -26.36
C GLU J 107 -32.73 30.46 -27.32
N ALA J 108 -32.77 31.70 -26.85
CA ALA J 108 -32.39 32.88 -27.65
C ALA J 108 -30.92 32.92 -28.04
N GLY J 109 -30.05 32.37 -27.18
CA GLY J 109 -28.60 32.44 -27.38
C GLY J 109 -27.96 31.20 -27.97
N LEU J 110 -28.78 30.20 -28.28
CA LEU J 110 -28.28 28.95 -28.85
C LEU J 110 -27.72 29.14 -30.25
N ALA J 111 -28.45 29.91 -31.05
CA ALA J 111 -28.05 30.28 -32.41
C ALA J 111 -26.71 31.02 -32.43
N ALA J 112 -26.53 31.95 -31.49
CA ALA J 112 -25.31 32.74 -31.37
C ALA J 112 -24.10 31.89 -31.00
N ALA J 113 -24.29 30.93 -30.08
CA ALA J 113 -23.21 30.01 -29.68
C ALA J 113 -22.82 29.06 -30.78
N ARG J 114 -23.80 28.59 -31.57
CA ARG J 114 -23.49 27.81 -32.78
C ARG J 114 -22.66 28.63 -33.77
N GLU J 115 -22.98 29.91 -33.88
CA GLU J 115 -22.25 30.80 -34.79
C GLU J 115 -20.84 31.09 -34.27
N ILE J 116 -20.69 31.26 -32.94
CA ILE J 116 -19.37 31.40 -32.30
C ILE J 116 -18.49 30.21 -32.69
N ASN J 117 -19.09 29.01 -32.57
CA ASN J 117 -18.42 27.75 -32.83
C ASN J 117 -17.95 27.56 -34.28
N ARG J 118 -18.80 27.86 -35.26
CA ARG J 118 -18.36 27.75 -36.67
C ARG J 118 -17.28 28.77 -37.08
N GLN J 119 -17.34 29.96 -36.47
CA GLN J 119 -16.31 30.97 -36.65
C GLN J 119 -14.96 30.51 -36.09
N ALA J 120 -14.99 29.96 -34.88
CA ALA J 120 -13.79 29.38 -34.27
C ALA J 120 -13.12 28.39 -35.21
N LEU J 121 -13.94 27.57 -35.87
CA LEU J 121 -13.44 26.49 -36.73
C LEU J 121 -13.42 26.84 -38.22
N ALA J 122 -13.80 28.07 -38.57
CA ALA J 122 -13.83 28.52 -39.97
C ALA J 122 -12.50 28.40 -40.75
N PRO J 123 -11.34 28.62 -40.09
CA PRO J 123 -10.06 28.35 -40.79
C PRO J 123 -9.90 26.91 -41.30
N LEU J 124 -10.68 25.98 -40.74
CA LEU J 124 -10.57 24.56 -41.09
C LEU J 124 -11.67 24.08 -42.02
N SER J 125 -11.31 23.24 -42.99
CA SER J 125 -12.32 22.51 -43.76
C SER J 125 -13.11 21.58 -42.84
N LEU J 126 -14.34 21.24 -43.22
CA LEU J 126 -15.21 20.43 -42.36
C LEU J 126 -14.61 19.07 -42.01
N GLN J 127 -13.78 18.53 -42.91
CA GLN J 127 -13.11 17.26 -42.69
C GLN J 127 -12.07 17.44 -41.59
N GLU J 128 -11.29 18.53 -41.70
CA GLU J 128 -10.26 18.91 -40.73
C GLU J 128 -10.84 19.27 -39.36
N GLN J 129 -12.09 19.75 -39.35
CA GLN J 129 -12.79 20.08 -38.12
C GLN J 129 -13.13 18.84 -37.30
N GLU J 130 -13.52 17.77 -37.97
CA GLU J 130 -13.78 16.48 -37.31
C GLU J 130 -12.48 15.90 -36.79
N THR J 131 -11.46 15.88 -37.65
CA THR J 131 -10.12 15.45 -37.24
C THR J 131 -9.70 16.19 -35.97
N LEU J 132 -9.81 17.52 -36.00
CA LEU J 132 -9.43 18.35 -34.86
C LEU J 132 -10.25 18.08 -33.61
N ARG J 133 -11.57 18.02 -33.76
CA ARG J 133 -12.48 17.68 -32.65
C ARG J 133 -12.12 16.33 -32.02
N GLY J 134 -11.74 15.37 -32.85
CA GLY J 134 -11.32 14.04 -32.40
C GLY J 134 -9.99 14.09 -31.66
N LEU J 135 -8.95 14.59 -32.33
CA LEU J 135 -7.63 14.75 -31.70
C LEU J 135 -7.69 15.52 -30.39
N LEU J 136 -8.35 16.68 -30.41
CA LEU J 136 -8.42 17.60 -29.28
C LEU J 136 -9.13 16.99 -28.07
N ALA J 137 -10.16 16.19 -28.33
CA ALA J 137 -10.96 15.59 -27.26
C ALA J 137 -10.16 14.58 -26.45
N ARG J 138 -9.13 14.01 -27.08
CA ARG J 138 -8.21 13.11 -26.37
C ARG J 138 -7.26 13.89 -25.44
N LEU J 139 -7.20 15.21 -25.60
CA LEU J 139 -6.36 16.05 -24.74
C LEU J 139 -7.16 16.78 -23.67
N ILE J 140 -8.43 16.39 -23.52
CA ILE J 140 -9.32 16.89 -22.46
C ILE J 140 -8.74 16.66 -21.06
#